data_1QBH
#
_entry.id   1QBH
#
_cell.length_a   1.000
_cell.length_b   1.000
_cell.length_c   1.000
_cell.angle_alpha   90.00
_cell.angle_beta   90.00
_cell.angle_gamma   90.00
#
_symmetry.space_group_name_H-M   'P 1'
#
loop_
_entity.id
_entity.type
_entity.pdbx_description
1 polymer 'INHIBITOR OF APOPTOSIS PROTEIN (2MIHB/C-IAP-1)'
2 non-polymer 'ZINC ION'
#
_entity_poly.entity_id   1
_entity_poly.type   'polypeptide(L)'
_entity_poly.pdbx_seq_one_letter_code
;GSHMQTHAARMRTFMYWPSSVPVQPEQLASAGFYYVGRNDDVKCFCCDGGLRCWESGDDPWVEHAKWFPRCEFLIRMKGQ
EFVDEIQGRYPHLLEQLLSTS
;
_entity_poly.pdbx_strand_id   A
#
loop_
_chem_comp.id
_chem_comp.type
_chem_comp.name
_chem_comp.formula
ZN non-polymer 'ZINC ION' 'Zn 2'
#
# COMPACT_ATOMS: atom_id res chain seq x y z
N GLY A 1 9.28 10.23 9.20
CA GLY A 1 9.19 11.69 9.27
C GLY A 1 9.84 12.31 8.08
N SER A 2 9.15 12.28 6.92
CA SER A 2 9.65 12.85 5.70
C SER A 2 8.52 13.76 5.30
N HIS A 3 8.80 14.77 4.45
CA HIS A 3 7.81 15.70 3.98
C HIS A 3 7.59 15.35 2.54
N MET A 4 6.71 14.36 2.33
CA MET A 4 6.29 13.90 1.03
C MET A 4 4.82 13.64 1.24
N GLN A 5 4.23 14.35 2.22
CA GLN A 5 2.87 14.18 2.69
C GLN A 5 2.28 15.54 2.93
N THR A 6 2.84 16.54 2.27
CA THR A 6 2.49 17.92 2.47
C THR A 6 2.69 18.46 1.08
N HIS A 7 2.80 19.79 0.93
CA HIS A 7 3.02 20.58 -0.28
C HIS A 7 1.97 20.47 -1.34
N ALA A 8 1.51 19.25 -1.66
CA ALA A 8 0.52 19.00 -2.68
C ALA A 8 0.35 17.54 -2.73
N ALA A 9 1.38 16.80 -2.30
CA ALA A 9 1.51 15.37 -2.21
C ALA A 9 0.25 14.71 -1.83
N ARG A 10 -0.38 15.13 -0.72
CA ARG A 10 -1.66 14.67 -0.26
C ARG A 10 -2.67 14.57 -1.38
N MET A 11 -2.75 15.57 -2.28
CA MET A 11 -3.73 15.54 -3.33
C MET A 11 -3.12 15.05 -4.60
N ARG A 12 -1.81 14.76 -4.56
CA ARG A 12 -1.07 14.28 -5.69
C ARG A 12 -1.28 12.79 -5.83
N THR A 13 -1.91 12.11 -4.83
CA THR A 13 -2.11 10.68 -4.82
C THR A 13 -3.60 10.41 -4.76
N PHE A 14 -4.37 11.46 -4.52
CA PHE A 14 -5.81 11.44 -4.30
C PHE A 14 -6.55 11.34 -5.61
N MET A 15 -5.79 11.28 -6.70
CA MET A 15 -6.19 11.17 -8.06
C MET A 15 -6.87 9.85 -8.29
N TYR A 16 -6.30 8.95 -9.09
CA TYR A 16 -7.00 7.75 -9.45
C TYR A 16 -6.17 6.81 -10.28
N TRP A 17 -6.76 5.62 -10.46
CA TRP A 17 -6.14 4.49 -11.08
C TRP A 17 -6.53 4.09 -12.48
N PRO A 18 -7.84 3.97 -12.79
CA PRO A 18 -8.33 3.91 -14.14
C PRO A 18 -8.67 5.38 -14.46
N SER A 19 -9.91 5.86 -14.16
CA SER A 19 -10.31 7.22 -14.34
C SER A 19 -11.12 7.71 -13.12
N SER A 20 -11.09 7.05 -11.94
CA SER A 20 -11.80 7.35 -10.69
C SER A 20 -11.61 6.08 -9.92
N VAL A 21 -11.58 6.06 -8.56
CA VAL A 21 -11.41 4.88 -7.77
C VAL A 21 -12.74 4.32 -7.29
N PRO A 22 -13.31 3.30 -7.95
CA PRO A 22 -14.58 2.70 -7.56
C PRO A 22 -14.36 1.64 -6.51
N VAL A 23 -13.22 1.66 -5.78
CA VAL A 23 -12.93 0.65 -4.79
C VAL A 23 -13.56 1.11 -3.48
N GLN A 24 -12.76 1.24 -2.41
CA GLN A 24 -13.24 1.63 -1.10
C GLN A 24 -12.28 2.69 -0.72
N PRO A 25 -12.37 3.92 -1.16
CA PRO A 25 -11.29 4.87 -0.98
C PRO A 25 -11.08 5.32 0.44
N GLU A 26 -12.07 5.06 1.32
CA GLU A 26 -11.98 5.41 2.71
C GLU A 26 -11.07 4.42 3.40
N GLN A 27 -10.96 3.18 2.86
CA GLN A 27 -10.08 2.16 3.38
C GLN A 27 -8.72 2.35 2.80
N LEU A 28 -8.62 2.84 1.55
CA LEU A 28 -7.38 3.15 0.85
C LEU A 28 -6.57 4.11 1.67
N ALA A 29 -7.25 5.09 2.26
CA ALA A 29 -6.68 6.13 3.10
C ALA A 29 -6.03 5.58 4.38
N SER A 30 -6.31 4.31 4.69
CA SER A 30 -5.77 3.61 5.82
C SER A 30 -4.74 2.65 5.28
N ALA A 31 -4.94 2.13 4.05
CA ALA A 31 -4.05 1.19 3.44
C ALA A 31 -2.79 1.83 2.86
N GLY A 32 -2.82 3.14 2.51
CA GLY A 32 -1.67 3.93 2.07
C GLY A 32 -1.71 4.14 0.61
N PHE A 33 -2.90 4.46 0.09
CA PHE A 33 -3.21 4.68 -1.28
C PHE A 33 -4.18 5.77 -1.09
N TYR A 34 -4.48 6.47 -2.20
CA TYR A 34 -5.43 7.54 -2.34
C TYR A 34 -5.12 8.56 -1.30
N TYR A 35 -4.42 9.63 -1.70
CA TYR A 35 -3.94 10.65 -0.81
C TYR A 35 -2.79 10.18 0.03
N VAL A 36 -2.91 8.96 0.55
CA VAL A 36 -2.01 8.39 1.50
C VAL A 36 -1.00 7.49 0.83
N GLY A 37 -1.12 7.32 -0.49
CA GLY A 37 -0.06 6.74 -1.27
C GLY A 37 0.83 7.81 -1.85
N ARG A 38 1.52 7.54 -2.99
CA ARG A 38 2.38 8.55 -3.56
C ARG A 38 2.34 8.43 -5.07
N ASN A 39 1.95 9.55 -5.72
CA ASN A 39 1.81 9.87 -7.13
C ASN A 39 0.71 9.17 -7.89
N ASP A 40 1.04 8.15 -8.69
CA ASP A 40 0.08 7.50 -9.58
C ASP A 40 -0.02 6.09 -9.11
N ASP A 41 1.08 5.33 -9.30
CA ASP A 41 1.30 3.97 -8.87
C ASP A 41 1.55 4.04 -7.39
N VAL A 42 0.56 4.52 -6.58
CA VAL A 42 0.55 4.74 -5.15
C VAL A 42 1.58 3.92 -4.41
N LYS A 43 2.77 4.54 -4.28
CA LYS A 43 3.97 3.91 -3.78
C LYS A 43 3.99 3.77 -2.29
N CYS A 44 3.19 4.61 -1.62
CA CYS A 44 3.08 4.71 -0.19
C CYS A 44 4.17 5.67 0.24
N PHE A 45 4.23 5.90 1.55
CA PHE A 45 5.10 6.87 2.18
C PHE A 45 6.26 6.25 2.88
N CYS A 46 5.94 5.39 3.86
CA CYS A 46 6.93 4.81 4.76
C CYS A 46 7.41 3.50 4.23
N CYS A 47 6.56 2.93 3.38
CA CYS A 47 6.77 1.74 2.62
C CYS A 47 7.97 1.89 1.73
N ASP A 48 8.79 0.84 1.71
CA ASP A 48 9.96 0.78 0.90
C ASP A 48 9.57 0.15 -0.41
N GLY A 49 8.37 -0.47 -0.47
CA GLY A 49 7.96 -1.29 -1.58
C GLY A 49 6.49 -1.36 -1.88
N GLY A 50 5.76 -0.23 -2.01
CA GLY A 50 4.35 -0.26 -2.34
C GLY A 50 4.14 -0.10 -3.83
N LEU A 51 3.07 -0.73 -4.38
CA LEU A 51 2.67 -0.71 -5.78
C LEU A 51 1.16 -0.84 -5.73
N ARG A 52 0.48 -1.16 -6.86
CA ARG A 52 -0.96 -1.34 -6.97
C ARG A 52 -1.10 -2.35 -8.08
N CYS A 53 -2.14 -3.23 -8.08
CA CYS A 53 -2.29 -4.20 -9.15
C CYS A 53 -3.74 -4.67 -9.28
N TRP A 54 -4.66 -4.10 -8.47
CA TRP A 54 -6.08 -4.37 -8.31
C TRP A 54 -6.71 -5.49 -9.12
N GLU A 55 -6.96 -6.64 -8.47
CA GLU A 55 -7.50 -7.81 -9.13
C GLU A 55 -9.01 -7.79 -9.31
N SER A 56 -9.79 -8.55 -8.51
CA SER A 56 -11.21 -8.69 -8.77
C SER A 56 -11.98 -8.25 -7.56
N GLY A 57 -12.02 -6.91 -7.35
CA GLY A 57 -12.74 -6.32 -6.23
C GLY A 57 -11.99 -6.69 -4.99
N ASP A 58 -10.66 -6.46 -5.04
CA ASP A 58 -9.77 -6.83 -3.98
C ASP A 58 -9.67 -5.64 -3.10
N ASP A 59 -9.13 -5.87 -1.90
CA ASP A 59 -8.92 -4.90 -0.85
C ASP A 59 -7.66 -4.17 -1.17
N PRO A 60 -7.42 -2.94 -0.70
CA PRO A 60 -6.16 -2.24 -1.00
C PRO A 60 -5.07 -2.80 -0.15
N TRP A 61 -5.50 -3.55 0.85
CA TRP A 61 -4.73 -4.05 1.91
C TRP A 61 -4.05 -5.35 1.72
N VAL A 62 -4.66 -6.30 1.03
CA VAL A 62 -4.08 -7.58 0.78
C VAL A 62 -3.02 -7.33 -0.29
N GLU A 63 -3.30 -6.33 -1.18
CA GLU A 63 -2.41 -5.87 -2.21
C GLU A 63 -1.27 -5.22 -1.46
N HIS A 64 -1.64 -4.33 -0.52
CA HIS A 64 -0.68 -3.62 0.28
C HIS A 64 -0.50 -4.46 1.51
N ALA A 65 -0.10 -5.71 1.28
CA ALA A 65 0.43 -6.57 2.29
C ALA A 65 1.02 -7.76 1.59
N LYS A 66 1.23 -7.71 0.25
CA LYS A 66 1.82 -8.82 -0.46
C LYS A 66 3.06 -8.43 -1.22
N TRP A 67 3.41 -7.12 -1.24
CA TRP A 67 4.62 -6.66 -1.90
C TRP A 67 5.41 -5.76 -1.01
N PHE A 68 4.85 -5.20 0.11
CA PHE A 68 5.58 -4.28 0.92
C PHE A 68 6.72 -5.01 1.62
N PRO A 69 8.00 -4.69 1.53
CA PRO A 69 9.00 -5.41 2.29
C PRO A 69 9.01 -4.87 3.70
N ARG A 70 8.43 -3.66 3.93
CA ARG A 70 8.35 -2.90 5.13
C ARG A 70 7.39 -1.82 4.73
N CYS A 71 6.63 -1.28 5.70
CA CYS A 71 5.73 -0.16 5.63
C CYS A 71 5.69 0.07 7.09
N GLU A 72 6.58 0.89 7.64
CA GLU A 72 6.63 1.18 9.06
C GLU A 72 5.42 1.95 9.48
N PHE A 73 4.83 2.66 8.51
CA PHE A 73 3.59 3.40 8.61
C PHE A 73 2.57 2.43 9.03
N LEU A 74 2.42 1.38 8.22
CA LEU A 74 1.37 0.44 8.41
C LEU A 74 1.73 -0.71 9.25
N ILE A 75 2.96 -0.74 9.80
CA ILE A 75 3.43 -1.84 10.59
C ILE A 75 2.78 -1.84 11.95
N ARG A 76 1.80 -0.94 12.14
CA ARG A 76 1.21 -0.69 13.43
C ARG A 76 0.13 -1.66 13.76
N MET A 77 -1.09 -1.45 13.25
CA MET A 77 -2.18 -2.31 13.65
C MET A 77 -2.28 -3.36 12.61
N LYS A 78 -1.71 -3.09 11.43
CA LYS A 78 -1.73 -4.04 10.38
C LYS A 78 -0.52 -4.92 10.57
N GLY A 79 0.63 -4.37 10.83
CA GLY A 79 1.84 -5.18 10.78
C GLY A 79 2.01 -6.11 11.94
N GLN A 80 1.14 -6.01 12.94
CA GLN A 80 1.14 -6.87 14.09
C GLN A 80 -0.12 -7.66 14.13
N GLU A 81 -1.01 -7.52 13.12
CA GLU A 81 -2.26 -8.24 13.19
C GLU A 81 -2.60 -8.71 11.83
N PHE A 82 -2.58 -7.81 10.83
CA PHE A 82 -2.82 -8.10 9.44
C PHE A 82 -2.01 -9.19 9.00
N VAL A 83 -0.70 -8.92 8.88
CA VAL A 83 0.34 -9.68 8.31
C VAL A 83 0.53 -10.88 9.10
N ASP A 84 0.26 -10.81 10.40
CA ASP A 84 0.35 -11.91 11.30
C ASP A 84 -0.62 -12.98 10.86
N GLU A 85 -1.66 -12.50 10.20
CA GLU A 85 -2.71 -13.29 9.62
C GLU A 85 -2.43 -13.55 8.18
N ILE A 86 -2.11 -12.50 7.41
CA ILE A 86 -1.85 -12.55 5.99
C ILE A 86 -0.65 -13.40 5.67
N GLN A 87 0.37 -13.42 6.53
CA GLN A 87 1.56 -14.20 6.35
C GLN A 87 1.22 -15.62 6.66
N GLY A 88 0.10 -15.84 7.40
CA GLY A 88 -0.37 -17.19 7.63
C GLY A 88 -0.79 -17.85 6.37
N ARG A 89 -1.26 -17.01 5.44
CA ARG A 89 -1.79 -17.35 4.16
C ARG A 89 -0.74 -17.31 3.09
N TYR A 90 0.32 -16.54 3.35
CA TYR A 90 1.39 -16.26 2.41
C TYR A 90 2.67 -16.91 2.84
N PRO A 91 2.94 -18.19 2.61
CA PRO A 91 4.20 -18.82 3.00
C PRO A 91 5.31 -18.45 2.05
N HIS A 92 5.04 -17.64 1.02
CA HIS A 92 6.01 -17.19 0.06
C HIS A 92 5.98 -15.70 0.19
N LEU A 93 5.87 -15.20 1.43
CA LEU A 93 5.78 -13.76 1.64
C LEU A 93 7.15 -13.15 1.57
N LEU A 94 8.09 -13.80 2.28
CA LEU A 94 9.46 -13.35 2.38
C LEU A 94 10.17 -13.41 1.05
N GLU A 95 11.34 -12.75 0.98
CA GLU A 95 12.16 -12.59 -0.19
C GLU A 95 12.69 -13.95 -0.62
N GLN A 96 12.54 -14.25 -1.92
CA GLN A 96 12.89 -15.51 -2.53
C GLN A 96 14.29 -15.39 -3.09
N LEU A 97 14.43 -15.13 -4.39
CA LEU A 97 15.69 -14.96 -5.08
C LEU A 97 15.24 -14.14 -6.24
N LEU A 98 16.14 -13.70 -7.14
CA LEU A 98 15.74 -12.97 -8.31
C LEU A 98 16.90 -13.02 -9.27
N SER A 99 17.87 -12.10 -9.10
CA SER A 99 19.04 -12.02 -9.94
C SER A 99 20.17 -11.92 -8.96
N THR A 100 20.20 -12.85 -8.01
CA THR A 100 21.15 -12.91 -6.93
C THR A 100 22.39 -13.66 -7.38
N SER A 101 23.41 -12.92 -7.86
CA SER A 101 24.68 -13.47 -8.25
C SER A 101 25.65 -12.75 -7.33
ZN ZN B . 2.73 1.26 2.95
N GLY A 1 13.14 9.67 3.46
CA GLY A 1 11.88 10.22 2.91
C GLY A 1 11.80 11.65 3.32
N SER A 2 10.71 12.34 2.95
CA SER A 2 10.53 13.73 3.31
C SER A 2 9.10 13.89 3.76
N HIS A 3 8.38 12.76 4.02
CA HIS A 3 6.97 12.71 4.38
C HIS A 3 6.16 13.46 3.34
N MET A 4 6.04 12.86 2.14
CA MET A 4 5.40 13.45 0.98
C MET A 4 3.89 13.55 1.09
N GLN A 5 3.39 14.40 1.99
CA GLN A 5 1.97 14.61 2.24
C GLN A 5 1.71 16.09 2.15
N THR A 6 2.66 16.82 1.58
CA THR A 6 2.69 18.25 1.53
C THR A 6 2.99 18.49 0.08
N HIS A 7 3.28 19.76 -0.28
CA HIS A 7 3.61 20.34 -1.56
C HIS A 7 2.54 20.22 -2.60
N ALA A 8 1.98 19.02 -2.75
CA ALA A 8 0.93 18.72 -3.69
C ALA A 8 0.68 17.28 -3.63
N ALA A 9 1.69 16.51 -3.22
CA ALA A 9 1.72 15.09 -3.05
C ALA A 9 0.45 14.54 -2.52
N ARG A 10 -0.06 15.07 -1.41
CA ARG A 10 -1.33 14.70 -0.81
C ARG A 10 -2.44 14.59 -1.82
N MET A 11 -2.49 15.53 -2.77
CA MET A 11 -3.54 15.55 -3.75
C MET A 11 -3.04 15.02 -5.06
N ARG A 12 -1.78 14.58 -5.11
CA ARG A 12 -1.17 14.00 -6.27
C ARG A 12 -1.54 12.53 -6.35
N THR A 13 -2.03 11.94 -5.24
CA THR A 13 -2.30 10.52 -5.16
C THR A 13 -3.77 10.34 -4.96
N PHE A 14 -4.46 11.45 -4.70
CA PHE A 14 -5.86 11.48 -4.37
C PHE A 14 -6.69 11.36 -5.62
N MET A 15 -6.03 11.39 -6.78
CA MET A 15 -6.56 11.27 -8.11
C MET A 15 -7.25 9.94 -8.28
N TYR A 16 -6.67 9.00 -9.04
CA TYR A 16 -7.32 7.77 -9.36
C TYR A 16 -6.46 6.88 -10.20
N TRP A 17 -7.01 5.71 -10.53
CA TRP A 17 -6.28 4.67 -11.17
C TRP A 17 -6.78 4.12 -12.50
N PRO A 18 -8.06 3.71 -12.65
CA PRO A 18 -8.66 3.47 -13.94
C PRO A 18 -9.18 4.84 -14.41
N SER A 19 -10.22 5.43 -13.75
CA SER A 19 -10.76 6.73 -14.05
C SER A 19 -11.49 7.31 -12.83
N SER A 20 -11.41 6.68 -11.64
CA SER A 20 -12.09 7.05 -10.41
C SER A 20 -11.77 5.81 -9.62
N VAL A 21 -11.78 5.82 -8.27
CA VAL A 21 -11.53 4.67 -7.49
C VAL A 21 -12.81 4.08 -6.96
N PRO A 22 -13.50 3.16 -7.65
CA PRO A 22 -14.72 2.52 -7.18
C PRO A 22 -14.35 1.40 -6.23
N VAL A 23 -13.23 1.51 -5.50
CA VAL A 23 -12.85 0.49 -4.54
C VAL A 23 -13.53 0.94 -3.26
N GLN A 24 -12.81 1.03 -2.14
CA GLN A 24 -13.35 1.45 -0.86
C GLN A 24 -12.34 2.48 -0.51
N PRO A 25 -12.42 3.71 -0.97
CA PRO A 25 -11.31 4.64 -0.84
C PRO A 25 -11.08 5.13 0.57
N GLU A 26 -11.97 4.84 1.53
CA GLU A 26 -11.79 5.21 2.91
C GLU A 26 -10.73 4.30 3.48
N GLN A 27 -10.81 3.00 3.08
CA GLN A 27 -9.93 1.96 3.52
C GLN A 27 -8.57 2.19 2.92
N LEU A 28 -8.51 2.76 1.70
CA LEU A 28 -7.32 3.08 0.97
C LEU A 28 -6.46 3.98 1.77
N ALA A 29 -7.04 5.04 2.36
CA ALA A 29 -6.32 6.01 3.17
C ALA A 29 -5.56 5.38 4.33
N SER A 30 -6.11 4.28 4.85
CA SER A 30 -5.52 3.54 5.95
C SER A 30 -4.55 2.55 5.38
N ALA A 31 -4.80 2.05 4.15
CA ALA A 31 -3.95 1.10 3.47
C ALA A 31 -2.72 1.77 2.88
N GLY A 32 -2.73 3.11 2.72
CA GLY A 32 -1.59 3.93 2.29
C GLY A 32 -1.74 4.30 0.87
N PHE A 33 -2.98 4.45 0.39
CA PHE A 33 -3.28 4.73 -0.97
C PHE A 33 -4.29 5.79 -0.86
N TYR A 34 -4.53 6.43 -2.03
CA TYR A 34 -5.44 7.50 -2.31
C TYR A 34 -5.05 8.60 -1.37
N TYR A 35 -4.39 9.66 -1.86
CA TYR A 35 -3.84 10.70 -1.04
C TYR A 35 -2.64 10.23 -0.27
N VAL A 36 -2.68 9.01 0.29
CA VAL A 36 -1.68 8.49 1.19
C VAL A 36 -0.63 7.69 0.43
N GLY A 37 -0.81 7.60 -0.89
CA GLY A 37 0.08 6.94 -1.79
C GLY A 37 1.46 7.46 -2.12
N ARG A 38 1.64 8.05 -3.32
CA ARG A 38 2.92 8.47 -3.82
C ARG A 38 2.51 9.28 -5.01
N ASN A 39 3.20 9.17 -6.16
CA ASN A 39 2.83 9.91 -7.35
C ASN A 39 1.73 9.17 -8.06
N ASP A 40 2.09 8.44 -9.12
CA ASP A 40 1.15 7.76 -9.99
C ASP A 40 0.89 6.40 -9.43
N ASP A 41 1.97 5.59 -9.34
CA ASP A 41 2.03 4.24 -8.83
C ASP A 41 2.08 4.25 -7.35
N VAL A 42 1.00 4.80 -6.77
CA VAL A 42 0.66 4.91 -5.37
C VAL A 42 1.04 3.62 -4.65
N LYS A 43 2.21 3.67 -3.99
CA LYS A 43 2.77 2.59 -3.25
C LYS A 43 2.35 2.81 -1.85
N CYS A 44 2.89 3.90 -1.25
CA CYS A 44 2.69 4.34 0.09
C CYS A 44 3.85 5.27 0.30
N PHE A 45 3.88 5.82 1.52
CA PHE A 45 4.81 6.78 2.04
C PHE A 45 5.94 6.11 2.75
N CYS A 46 5.67 5.54 3.93
CA CYS A 46 6.70 5.01 4.82
C CYS A 46 7.41 3.83 4.23
N CYS A 47 6.60 2.93 3.66
CA CYS A 47 6.96 1.72 2.95
C CYS A 47 8.25 1.84 2.17
N ASP A 48 9.25 1.03 2.60
CA ASP A 48 10.57 0.98 2.05
C ASP A 48 10.53 0.27 0.70
N GLY A 49 9.48 -0.56 0.53
CA GLY A 49 9.21 -1.25 -0.71
C GLY A 49 8.05 -0.56 -1.32
N GLY A 50 6.97 -1.30 -1.59
CA GLY A 50 5.76 -0.73 -2.12
C GLY A 50 5.78 -0.87 -3.61
N LEU A 51 4.62 -1.11 -4.22
CA LEU A 51 4.44 -1.29 -5.63
C LEU A 51 3.00 -0.90 -5.73
N ARG A 52 2.36 -1.08 -6.89
CA ARG A 52 0.98 -0.75 -7.09
C ARG A 52 0.55 -1.82 -8.03
N CYS A 53 -0.64 -2.36 -7.80
CA CYS A 53 -1.30 -3.32 -8.63
C CYS A 53 -2.63 -3.29 -7.96
N TRP A 54 -3.63 -3.99 -8.51
CA TRP A 54 -4.93 -4.06 -7.93
C TRP A 54 -5.47 -5.25 -8.66
N GLU A 55 -5.96 -6.28 -7.92
CA GLU A 55 -6.56 -7.43 -8.55
C GLU A 55 -7.96 -7.02 -8.97
N SER A 56 -9.02 -7.69 -8.51
CA SER A 56 -10.36 -7.37 -9.01
C SER A 56 -11.03 -6.19 -8.36
N GLY A 57 -10.28 -5.22 -7.83
CA GLY A 57 -10.86 -4.11 -7.10
C GLY A 57 -11.11 -4.60 -5.71
N ASP A 58 -10.11 -5.37 -5.23
CA ASP A 58 -10.05 -6.02 -3.94
C ASP A 58 -9.94 -5.07 -2.78
N ASP A 59 -9.41 -5.56 -1.66
CA ASP A 59 -9.15 -4.77 -0.50
C ASP A 59 -7.85 -4.06 -0.85
N PRO A 60 -7.57 -2.83 -0.46
CA PRO A 60 -6.31 -2.18 -0.83
C PRO A 60 -5.20 -2.71 0.01
N TRP A 61 -5.60 -3.49 0.99
CA TRP A 61 -4.80 -3.97 2.04
C TRP A 61 -4.12 -5.26 1.83
N VAL A 62 -4.73 -6.16 1.10
CA VAL A 62 -4.13 -7.43 0.83
C VAL A 62 -3.09 -7.12 -0.21
N GLU A 63 -3.44 -6.20 -1.15
CA GLU A 63 -2.62 -5.72 -2.20
C GLU A 63 -1.51 -4.96 -1.54
N HIS A 64 -1.86 -4.13 -0.54
CA HIS A 64 -0.86 -3.43 0.24
C HIS A 64 -0.67 -4.29 1.46
N ALA A 65 -0.20 -5.48 1.18
CA ALA A 65 0.40 -6.34 2.15
C ALA A 65 1.38 -7.14 1.34
N LYS A 66 0.98 -7.70 0.16
CA LYS A 66 1.78 -8.44 -0.80
C LYS A 66 3.24 -8.05 -0.94
N TRP A 67 3.52 -6.82 -1.39
CA TRP A 67 4.86 -6.38 -1.74
C TRP A 67 5.51 -5.43 -0.76
N PHE A 68 5.06 -5.27 0.50
CA PHE A 68 5.73 -4.35 1.37
C PHE A 68 6.79 -5.09 2.15
N PRO A 69 8.10 -4.83 2.20
CA PRO A 69 8.95 -5.55 3.13
C PRO A 69 8.74 -4.95 4.52
N ARG A 70 8.76 -3.61 4.59
CA ARG A 70 8.73 -2.82 5.78
C ARG A 70 7.87 -1.62 5.47
N CYS A 71 6.65 -1.55 6.01
CA CYS A 71 5.77 -0.42 5.93
C CYS A 71 5.72 -0.12 7.40
N GLU A 72 6.57 0.76 7.91
CA GLU A 72 6.60 1.11 9.32
C GLU A 72 5.42 1.95 9.70
N PHE A 73 4.76 2.51 8.67
CA PHE A 73 3.52 3.23 8.76
C PHE A 73 2.55 2.22 9.18
N LEU A 74 2.42 1.18 8.38
CA LEU A 74 1.40 0.21 8.57
C LEU A 74 1.73 -0.90 9.48
N ILE A 75 2.92 -0.87 10.07
CA ILE A 75 3.39 -1.94 10.91
C ILE A 75 2.68 -1.94 12.24
N ARG A 76 1.66 -1.06 12.37
CA ARG A 76 1.02 -0.80 13.64
C ARG A 76 -0.08 -1.74 13.93
N MET A 77 -1.24 -1.53 13.28
CA MET A 77 -2.37 -2.38 13.60
C MET A 77 -2.41 -3.44 12.56
N LYS A 78 -1.67 -3.24 11.46
CA LYS A 78 -1.66 -4.19 10.42
C LYS A 78 -0.49 -5.10 10.61
N GLY A 79 0.68 -4.58 10.89
CA GLY A 79 1.87 -5.42 10.90
C GLY A 79 1.96 -6.42 12.01
N GLN A 80 1.04 -6.33 12.98
CA GLN A 80 0.97 -7.23 14.09
C GLN A 80 -0.33 -7.97 14.05
N GLU A 81 -1.17 -7.77 13.02
CA GLU A 81 -2.45 -8.46 13.05
C GLU A 81 -2.76 -8.91 11.69
N PHE A 82 -2.55 -8.01 10.71
CA PHE A 82 -2.75 -8.25 9.33
C PHE A 82 -1.96 -9.37 8.91
N VAL A 83 -0.63 -9.17 8.82
CA VAL A 83 0.38 -10.00 8.27
C VAL A 83 0.48 -11.26 9.03
N ASP A 84 0.11 -11.20 10.29
CA ASP A 84 0.05 -12.34 11.18
C ASP A 84 -0.93 -13.33 10.63
N GLU A 85 -1.88 -12.75 9.90
CA GLU A 85 -2.94 -13.43 9.20
C GLU A 85 -2.61 -13.58 7.76
N ILE A 86 -2.24 -12.49 7.07
CA ILE A 86 -1.95 -12.48 5.65
C ILE A 86 -0.77 -13.33 5.31
N GLN A 87 0.26 -13.39 6.19
CA GLN A 87 1.40 -14.22 5.94
C GLN A 87 1.03 -15.64 6.20
N GLY A 88 -0.10 -15.84 6.89
CA GLY A 88 -0.64 -17.18 7.08
C GLY A 88 -1.13 -17.76 5.79
N ARG A 89 -1.39 -16.87 4.83
CA ARG A 89 -1.89 -17.16 3.53
C ARG A 89 -0.79 -17.11 2.52
N TYR A 90 0.20 -16.23 2.79
CA TYR A 90 1.29 -15.88 1.90
C TYR A 90 2.62 -16.39 2.38
N PRO A 91 3.05 -17.63 2.17
CA PRO A 91 4.35 -18.11 2.62
C PRO A 91 5.47 -17.64 1.73
N HIS A 92 5.28 -16.61 0.90
CA HIS A 92 6.32 -16.06 0.09
C HIS A 92 5.93 -14.63 0.22
N LEU A 93 5.87 -14.16 1.48
CA LEU A 93 5.57 -12.76 1.71
C LEU A 93 6.87 -12.02 1.58
N LEU A 94 7.93 -12.55 2.20
CA LEU A 94 9.23 -11.94 2.20
C LEU A 94 9.88 -12.07 0.85
N GLU A 95 9.83 -13.29 0.27
CA GLU A 95 10.41 -13.56 -1.02
C GLU A 95 9.54 -12.96 -2.09
N GLN A 96 10.00 -11.85 -2.69
CA GLN A 96 9.34 -11.10 -3.71
C GLN A 96 10.43 -10.95 -4.73
N LEU A 97 10.13 -11.06 -6.03
CA LEU A 97 11.13 -10.92 -7.06
C LEU A 97 10.36 -10.35 -8.21
N LEU A 98 11.06 -9.57 -9.06
CA LEU A 98 10.64 -8.93 -10.27
C LEU A 98 11.99 -8.45 -10.73
N SER A 99 12.05 -7.64 -11.80
CA SER A 99 13.30 -7.13 -12.33
C SER A 99 13.80 -5.99 -11.49
N THR A 100 15.06 -6.09 -11.03
CA THR A 100 15.72 -5.07 -10.30
C THR A 100 17.06 -5.29 -10.95
N SER A 101 17.45 -4.37 -11.84
CA SER A 101 18.69 -4.43 -12.56
C SER A 101 19.32 -3.11 -12.12
ZN ZN B . 2.96 1.05 3.26
N GLY A 1 14.35 12.91 -3.13
CA GLY A 1 14.70 13.93 -2.12
C GLY A 1 13.89 13.71 -0.89
N SER A 2 13.84 14.71 0.01
CA SER A 2 13.09 14.63 1.25
C SER A 2 11.90 15.52 1.12
N HIS A 3 10.88 15.33 2.00
CA HIS A 3 9.63 16.06 2.07
C HIS A 3 8.77 15.85 0.85
N MET A 4 7.92 14.82 0.91
CA MET A 4 6.99 14.51 -0.17
C MET A 4 5.73 14.14 0.56
N GLN A 5 5.30 14.99 1.50
CA GLN A 5 4.11 14.74 2.30
C GLN A 5 3.32 16.00 2.33
N THR A 6 3.51 16.86 1.35
CA THR A 6 2.89 18.16 1.33
C THR A 6 2.97 18.52 -0.13
N HIS A 7 3.02 19.84 -0.41
CA HIS A 7 3.11 20.56 -1.66
C HIS A 7 1.98 20.30 -2.60
N ALA A 8 1.82 19.04 -2.97
CA ALA A 8 0.78 18.63 -3.87
C ALA A 8 0.68 17.18 -3.79
N ALA A 9 1.78 16.49 -3.46
CA ALA A 9 1.98 15.07 -3.32
C ALA A 9 0.83 14.37 -2.69
N ARG A 10 0.41 14.84 -1.52
CA ARG A 10 -0.69 14.40 -0.71
C ARG A 10 -2.00 14.38 -1.47
N MET A 11 -2.16 15.24 -2.49
CA MET A 11 -3.36 15.24 -3.31
C MET A 11 -3.01 14.59 -4.62
N ARG A 12 -1.72 14.42 -4.92
CA ARG A 12 -1.24 13.85 -6.15
C ARG A 12 -1.53 12.36 -6.23
N THR A 13 -1.98 11.74 -5.11
CA THR A 13 -2.25 10.33 -4.99
C THR A 13 -3.73 10.17 -4.80
N PHE A 14 -4.43 11.27 -4.56
CA PHE A 14 -5.84 11.29 -4.26
C PHE A 14 -6.59 11.16 -5.57
N MET A 15 -5.84 11.28 -6.67
CA MET A 15 -6.18 11.23 -8.06
C MET A 15 -6.90 9.95 -8.40
N TYR A 16 -6.28 9.02 -9.13
CA TYR A 16 -6.97 7.86 -9.58
C TYR A 16 -6.15 6.88 -10.36
N TRP A 17 -6.77 5.70 -10.51
CA TRP A 17 -6.20 4.53 -11.08
C TRP A 17 -6.65 4.09 -12.45
N PRO A 18 -8.00 4.00 -12.70
CA PRO A 18 -8.55 3.96 -14.03
C PRO A 18 -8.87 5.44 -14.29
N SER A 19 -10.13 5.90 -14.04
CA SER A 19 -10.58 7.25 -14.19
C SER A 19 -11.12 7.86 -12.89
N SER A 20 -11.17 7.14 -11.73
CA SER A 20 -11.69 7.63 -10.46
C SER A 20 -11.50 6.41 -9.61
N VAL A 21 -11.47 6.47 -8.26
CA VAL A 21 -11.37 5.35 -7.40
C VAL A 21 -12.75 4.90 -6.95
N PRO A 22 -13.39 3.89 -7.54
CA PRO A 22 -14.69 3.44 -7.10
C PRO A 22 -14.59 2.49 -5.94
N VAL A 23 -13.38 1.94 -5.63
CA VAL A 23 -13.10 0.89 -4.68
C VAL A 23 -13.90 0.88 -3.36
N GLN A 24 -13.30 1.34 -2.25
CA GLN A 24 -13.92 1.40 -0.94
C GLN A 24 -12.94 2.42 -0.52
N PRO A 25 -13.05 3.67 -0.96
CA PRO A 25 -11.95 4.60 -0.86
C PRO A 25 -11.66 5.08 0.53
N GLU A 26 -12.53 4.82 1.53
CA GLU A 26 -12.30 5.29 2.88
C GLU A 26 -11.18 4.48 3.52
N GLN A 27 -11.16 3.16 3.24
CA GLN A 27 -10.17 2.26 3.81
C GLN A 27 -8.79 2.46 3.24
N LEU A 28 -8.71 2.97 2.00
CA LEU A 28 -7.49 3.23 1.26
C LEU A 28 -6.57 4.12 2.01
N ALA A 29 -7.15 5.14 2.66
CA ALA A 29 -6.44 6.14 3.44
C ALA A 29 -5.76 5.53 4.65
N SER A 30 -6.14 4.29 5.00
CA SER A 30 -5.56 3.55 6.08
C SER A 30 -4.63 2.53 5.47
N ALA A 31 -4.89 2.08 4.21
CA ALA A 31 -4.03 1.14 3.56
C ALA A 31 -2.75 1.78 3.04
N GLY A 32 -2.76 3.10 2.79
CA GLY A 32 -1.62 3.90 2.36
C GLY A 32 -1.78 4.25 0.93
N PHE A 33 -3.02 4.36 0.46
CA PHE A 33 -3.37 4.60 -0.91
C PHE A 33 -4.24 5.78 -0.78
N TYR A 34 -4.60 6.38 -1.93
CA TYR A 34 -5.49 7.51 -2.11
C TYR A 34 -5.07 8.59 -1.19
N TYR A 35 -4.39 9.62 -1.70
CA TYR A 35 -3.85 10.67 -0.89
C TYR A 35 -2.64 10.22 -0.10
N VAL A 36 -2.65 8.99 0.42
CA VAL A 36 -1.65 8.45 1.30
C VAL A 36 -0.65 7.59 0.57
N GLY A 37 -0.84 7.37 -0.73
CA GLY A 37 0.16 6.67 -1.53
C GLY A 37 0.85 7.53 -2.56
N ARG A 38 0.96 7.10 -3.83
CA ARG A 38 1.65 7.83 -4.87
C ARG A 38 0.78 7.70 -6.08
N ASN A 39 0.81 8.69 -6.98
CA ASN A 39 0.08 8.88 -8.24
C ASN A 39 -1.08 7.97 -8.54
N ASP A 40 -0.84 6.97 -9.40
CA ASP A 40 -1.81 6.01 -9.88
C ASP A 40 -1.45 4.70 -9.27
N ASP A 41 -0.19 4.28 -9.48
CA ASP A 41 0.37 3.05 -8.95
C ASP A 41 0.67 3.24 -7.49
N VAL A 42 -0.37 3.49 -6.66
CA VAL A 42 -0.32 3.71 -5.23
C VAL A 42 0.46 2.64 -4.53
N LYS A 43 1.58 3.08 -3.91
CA LYS A 43 2.46 2.22 -3.19
C LYS A 43 2.18 2.56 -1.78
N CYS A 44 2.74 3.70 -1.31
CA CYS A 44 2.64 4.17 0.03
C CYS A 44 3.61 5.32 0.09
N PHE A 45 3.96 5.64 1.34
CA PHE A 45 4.86 6.62 1.87
C PHE A 45 5.95 5.93 2.64
N CYS A 46 5.66 5.44 3.87
CA CYS A 46 6.66 4.92 4.81
C CYS A 46 7.35 3.68 4.36
N CYS A 47 6.56 2.81 3.70
CA CYS A 47 6.95 1.57 3.08
C CYS A 47 8.23 1.71 2.27
N ASP A 48 9.11 0.71 2.41
CA ASP A 48 10.39 0.66 1.76
C ASP A 48 10.25 0.02 0.39
N GLY A 49 9.10 -0.65 0.17
CA GLY A 49 8.87 -1.44 -1.01
C GLY A 49 7.63 -0.92 -1.65
N GLY A 50 7.06 -1.72 -2.57
CA GLY A 50 5.85 -1.38 -3.26
C GLY A 50 6.17 -1.22 -4.70
N LEU A 51 5.36 -1.85 -5.58
CA LEU A 51 5.62 -1.87 -7.00
C LEU A 51 4.46 -1.26 -7.75
N ARG A 52 3.41 -2.07 -8.01
CA ARG A 52 2.25 -1.66 -8.78
C ARG A 52 1.12 -1.52 -7.80
N CYS A 53 -0.13 -1.75 -8.24
CA CYS A 53 -1.29 -1.66 -7.41
C CYS A 53 -2.24 -2.66 -8.01
N TRP A 54 -3.54 -2.52 -7.68
CA TRP A 54 -4.66 -3.32 -8.09
C TRP A 54 -5.09 -2.98 -9.48
N GLU A 55 -6.27 -3.51 -9.85
CA GLU A 55 -6.94 -3.21 -11.09
C GLU A 55 -8.16 -2.43 -10.70
N SER A 56 -9.16 -3.09 -10.05
CA SER A 56 -10.40 -2.41 -9.81
C SER A 56 -11.15 -2.98 -8.64
N GLY A 57 -11.34 -4.32 -8.53
CA GLY A 57 -12.30 -4.87 -7.58
C GLY A 57 -11.59 -5.57 -6.48
N ASP A 58 -10.33 -5.15 -6.25
CA ASP A 58 -9.41 -5.70 -5.32
C ASP A 58 -9.58 -5.02 -3.97
N ASP A 59 -8.74 -5.39 -2.99
CA ASP A 59 -8.71 -4.85 -1.64
C ASP A 59 -7.46 -4.04 -1.66
N PRO A 60 -7.30 -2.92 -0.95
CA PRO A 60 -6.09 -2.15 -1.07
C PRO A 60 -5.06 -2.68 -0.14
N TRP A 61 -5.48 -3.56 0.75
CA TRP A 61 -4.70 -4.01 1.83
C TRP A 61 -3.96 -5.28 1.66
N VAL A 62 -4.48 -6.23 0.91
CA VAL A 62 -3.80 -7.46 0.67
C VAL A 62 -2.74 -7.09 -0.36
N GLU A 63 -3.10 -6.14 -1.27
CA GLU A 63 -2.30 -5.57 -2.31
C GLU A 63 -1.19 -4.89 -1.56
N HIS A 64 -1.59 -4.07 -0.57
CA HIS A 64 -0.64 -3.40 0.28
C HIS A 64 -0.50 -4.27 1.50
N ALA A 65 0.04 -5.46 1.24
CA ALA A 65 0.58 -6.33 2.23
C ALA A 65 1.54 -7.24 1.51
N LYS A 66 1.25 -7.61 0.23
CA LYS A 66 2.09 -8.39 -0.65
C LYS A 66 3.52 -7.92 -0.83
N TRP A 67 3.68 -6.78 -1.51
CA TRP A 67 4.95 -6.29 -1.95
C TRP A 67 5.67 -5.41 -0.99
N PHE A 68 5.14 -5.18 0.22
CA PHE A 68 5.81 -4.30 1.13
C PHE A 68 6.82 -5.12 1.92
N PRO A 69 8.12 -4.89 2.07
CA PRO A 69 8.90 -5.69 2.98
C PRO A 69 8.58 -5.23 4.40
N ARG A 70 8.41 -3.91 4.60
CA ARG A 70 8.17 -3.23 5.84
C ARG A 70 7.40 -2.01 5.42
N CYS A 71 6.38 -1.61 6.21
CA CYS A 71 5.57 -0.43 6.06
C CYS A 71 5.51 -0.07 7.51
N GLU A 72 6.43 0.74 7.99
CA GLU A 72 6.48 1.09 9.39
C GLU A 72 5.33 1.99 9.78
N PHE A 73 4.67 2.54 8.76
CA PHE A 73 3.45 3.30 8.82
C PHE A 73 2.43 2.36 9.24
N LEU A 74 2.22 1.33 8.43
CA LEU A 74 1.12 0.42 8.61
C LEU A 74 1.40 -0.63 9.61
N ILE A 75 2.57 -0.60 10.24
CA ILE A 75 3.01 -1.56 11.20
C ILE A 75 2.28 -1.47 12.51
N ARG A 76 1.19 -0.69 12.52
CA ARG A 76 0.49 -0.39 13.73
C ARG A 76 -0.48 -1.45 14.07
N MET A 77 -1.68 -1.40 13.45
CA MET A 77 -2.69 -2.36 13.80
C MET A 77 -2.66 -3.42 12.74
N LYS A 78 -2.05 -3.12 11.59
CA LYS A 78 -1.97 -4.07 10.54
C LYS A 78 -0.73 -4.90 10.73
N GLY A 79 0.43 -4.32 11.00
CA GLY A 79 1.67 -5.08 10.95
C GLY A 79 1.88 -6.03 12.07
N GLN A 80 0.96 -6.06 13.03
CA GLN A 80 0.98 -6.94 14.15
C GLN A 80 -0.17 -7.88 14.08
N GLU A 81 -1.04 -7.69 13.08
CA GLU A 81 -2.23 -8.51 13.03
C GLU A 81 -2.43 -8.94 11.66
N PHE A 82 -2.58 -7.98 10.72
CA PHE A 82 -2.74 -8.21 9.31
C PHE A 82 -1.83 -9.22 8.82
N VAL A 83 -0.55 -8.83 8.71
CA VAL A 83 0.56 -9.49 8.12
C VAL A 83 0.84 -10.71 8.84
N ASP A 84 0.59 -10.70 10.16
CA ASP A 84 0.77 -11.81 11.06
C ASP A 84 -0.16 -12.92 10.65
N GLU A 85 -1.23 -12.50 9.96
CA GLU A 85 -2.27 -13.34 9.43
C GLU A 85 -2.06 -13.54 7.96
N ILE A 86 -1.70 -12.48 7.21
CA ILE A 86 -1.44 -12.46 5.77
C ILE A 86 -0.28 -13.35 5.46
N GLN A 87 0.75 -13.38 6.34
CA GLN A 87 1.90 -14.25 6.16
C GLN A 87 1.47 -15.66 6.43
N GLY A 88 0.36 -15.78 7.18
CA GLY A 88 -0.23 -17.06 7.54
C GLY A 88 -1.00 -17.63 6.40
N ARG A 89 -1.08 -16.88 5.29
CA ARG A 89 -1.64 -17.27 4.05
C ARG A 89 -0.55 -17.41 3.05
N TYR A 90 0.41 -16.47 3.13
CA TYR A 90 1.51 -16.27 2.21
C TYR A 90 2.84 -16.83 2.64
N PRO A 91 3.20 -18.09 2.49
CA PRO A 91 4.52 -18.60 2.85
C PRO A 91 5.53 -18.25 1.79
N HIS A 92 5.12 -17.47 0.79
CA HIS A 92 5.93 -17.05 -0.31
C HIS A 92 5.88 -15.57 -0.24
N LEU A 93 6.02 -15.04 1.00
CA LEU A 93 6.03 -13.61 1.19
C LEU A 93 7.42 -13.12 0.88
N LEU A 94 7.65 -11.79 1.05
CA LEU A 94 8.87 -11.07 0.76
C LEU A 94 9.06 -11.07 -0.73
N GLU A 95 8.33 -10.16 -1.41
CA GLU A 95 8.34 -10.06 -2.85
C GLU A 95 9.51 -9.24 -3.35
N GLN A 96 10.45 -8.85 -2.47
CA GLN A 96 11.64 -8.13 -2.83
C GLN A 96 12.54 -8.64 -1.76
N LEU A 97 13.86 -8.65 -2.00
CA LEU A 97 14.82 -9.23 -1.09
C LEU A 97 15.92 -8.26 -0.74
N LEU A 98 16.44 -7.53 -1.74
CA LEU A 98 17.59 -6.66 -1.56
C LEU A 98 17.15 -5.23 -1.71
N SER A 99 17.18 -4.43 -0.62
CA SER A 99 16.86 -3.02 -0.67
C SER A 99 18.19 -2.37 -0.48
N THR A 100 18.63 -1.51 -1.40
CA THR A 100 19.87 -0.78 -1.35
C THR A 100 19.56 0.28 -2.37
N SER A 101 20.35 1.37 -2.41
CA SER A 101 20.19 2.48 -3.30
C SER A 101 20.81 2.08 -4.64
ZN ZN B . 2.91 1.08 3.33
N GLY A 1 12.30 7.55 7.93
CA GLY A 1 11.56 7.19 6.71
C GLY A 1 11.26 8.44 5.93
N SER A 2 10.27 8.39 5.01
CA SER A 2 9.92 9.49 4.13
C SER A 2 9.30 10.67 4.85
N HIS A 3 9.26 11.81 4.12
CA HIS A 3 8.71 13.08 4.51
C HIS A 3 7.89 13.52 3.33
N MET A 4 7.65 12.69 2.30
CA MET A 4 6.86 13.11 1.15
C MET A 4 5.40 12.91 1.43
N GLN A 5 4.89 13.56 2.49
CA GLN A 5 3.53 13.48 2.97
C GLN A 5 2.92 14.86 2.92
N THR A 6 3.58 15.77 2.19
CA THR A 6 3.21 17.15 2.14
C THR A 6 3.66 17.55 0.76
N HIS A 7 3.99 18.82 0.50
CA HIS A 7 4.46 19.43 -0.73
C HIS A 7 3.41 19.51 -1.80
N ALA A 8 2.63 18.44 -1.96
CA ALA A 8 1.57 18.28 -2.92
C ALA A 8 1.19 16.87 -2.89
N ALA A 9 2.09 16.01 -2.38
CA ALA A 9 2.00 14.58 -2.22
C ALA A 9 0.65 14.16 -1.82
N ARG A 10 0.12 14.66 -0.71
CA ARG A 10 -1.20 14.41 -0.18
C ARG A 10 -2.27 14.48 -1.25
N MET A 11 -2.14 15.36 -2.26
CA MET A 11 -3.14 15.46 -3.29
C MET A 11 -2.61 14.94 -4.59
N ARG A 12 -1.36 14.47 -4.60
CA ARG A 12 -0.70 13.96 -5.76
C ARG A 12 -1.16 12.52 -6.03
N THR A 13 -1.79 11.88 -5.02
CA THR A 13 -2.17 10.48 -5.04
C THR A 13 -3.65 10.40 -4.93
N PHE A 14 -4.30 11.53 -4.69
CA PHE A 14 -5.71 11.63 -4.43
C PHE A 14 -6.48 11.51 -5.71
N MET A 15 -5.75 11.41 -6.84
CA MET A 15 -6.22 11.24 -8.17
C MET A 15 -6.82 9.85 -8.28
N TYR A 16 -6.30 8.99 -9.15
CA TYR A 16 -6.97 7.77 -9.42
C TYR A 16 -6.24 6.85 -10.37
N TRP A 17 -6.82 5.66 -10.46
CA TRP A 17 -6.33 4.54 -11.20
C TRP A 17 -6.90 4.26 -12.58
N PRO A 18 -8.26 4.26 -12.75
CA PRO A 18 -8.90 4.24 -14.05
C PRO A 18 -9.27 5.70 -14.31
N SER A 19 -10.56 6.12 -14.14
CA SER A 19 -10.98 7.51 -14.27
C SER A 19 -11.80 7.84 -13.03
N SER A 20 -11.34 7.43 -11.82
CA SER A 20 -11.96 7.58 -10.50
C SER A 20 -12.05 6.22 -9.92
N VAL A 21 -11.46 6.02 -8.73
CA VAL A 21 -11.37 4.79 -8.01
C VAL A 21 -12.74 4.34 -7.53
N PRO A 22 -13.38 3.31 -8.09
CA PRO A 22 -14.70 2.86 -7.66
C PRO A 22 -14.57 1.86 -6.56
N VAL A 23 -13.35 1.69 -5.99
CA VAL A 23 -13.01 0.71 -4.99
C VAL A 23 -13.71 0.98 -3.65
N GLN A 24 -12.98 1.36 -2.60
CA GLN A 24 -13.55 1.61 -1.29
C GLN A 24 -12.49 2.55 -0.82
N PRO A 25 -12.47 3.80 -1.23
CA PRO A 25 -11.33 4.66 -0.98
C PRO A 25 -11.20 5.09 0.46
N GLU A 26 -12.20 4.81 1.31
CA GLU A 26 -12.13 5.16 2.71
C GLU A 26 -11.16 4.24 3.41
N GLN A 27 -10.98 3.02 2.86
CA GLN A 27 -10.08 2.02 3.37
C GLN A 27 -8.69 2.27 2.83
N LEU A 28 -8.59 2.82 1.60
CA LEU A 28 -7.36 3.12 0.90
C LEU A 28 -6.51 4.06 1.68
N ALA A 29 -7.14 5.06 2.30
CA ALA A 29 -6.49 6.07 3.12
C ALA A 29 -5.83 5.48 4.37
N SER A 30 -6.27 4.28 4.77
CA SER A 30 -5.78 3.56 5.92
C SER A 30 -4.76 2.59 5.39
N ALA A 31 -4.95 2.09 4.16
CA ALA A 31 -4.04 1.16 3.55
C ALA A 31 -2.78 1.82 3.02
N GLY A 32 -2.81 3.14 2.73
CA GLY A 32 -1.66 3.98 2.36
C GLY A 32 -1.71 4.33 0.92
N PHE A 33 -2.91 4.39 0.33
CA PHE A 33 -3.16 4.65 -1.07
C PHE A 33 -3.93 5.90 -1.03
N TYR A 34 -4.51 6.34 -2.19
CA TYR A 34 -5.39 7.44 -2.45
C TYR A 34 -5.18 8.56 -1.46
N TYR A 35 -4.50 9.62 -1.90
CA TYR A 35 -4.08 10.71 -1.06
C TYR A 35 -2.88 10.33 -0.21
N VAL A 36 -2.82 9.08 0.26
CA VAL A 36 -1.82 8.61 1.19
C VAL A 36 -0.71 7.84 0.50
N GLY A 37 -0.85 7.55 -0.79
CA GLY A 37 0.27 6.95 -1.52
C GLY A 37 1.00 7.93 -2.39
N ARG A 38 1.42 7.54 -3.61
CA ARG A 38 2.12 8.39 -4.53
C ARG A 38 1.51 8.04 -5.86
N ASN A 39 1.29 9.04 -6.71
CA ASN A 39 0.71 9.06 -8.05
C ASN A 39 -0.48 8.16 -8.34
N ASP A 40 -0.21 7.03 -9.00
CA ASP A 40 -1.19 6.07 -9.49
C ASP A 40 -0.83 4.80 -8.82
N ASP A 41 0.45 4.45 -9.01
CA ASP A 41 1.19 3.33 -8.52
C ASP A 41 1.51 3.59 -7.09
N VAL A 42 0.45 3.72 -6.25
CA VAL A 42 0.50 4.02 -4.83
C VAL A 42 1.55 3.27 -4.04
N LYS A 43 2.76 3.87 -4.01
CA LYS A 43 3.97 3.38 -3.40
C LYS A 43 3.99 3.61 -1.92
N CYS A 44 2.99 4.33 -1.39
CA CYS A 44 2.87 4.63 0.02
C CYS A 44 3.90 5.67 0.37
N PHE A 45 4.07 5.91 1.67
CA PHE A 45 4.93 6.91 2.23
C PHE A 45 6.03 6.26 3.00
N CYS A 46 5.69 5.58 4.12
CA CYS A 46 6.66 5.03 5.03
C CYS A 46 7.30 3.79 4.50
N CYS A 47 6.49 3.09 3.70
CA CYS A 47 6.83 1.91 2.94
C CYS A 47 8.03 2.17 2.06
N ASP A 48 8.76 1.08 1.75
CA ASP A 48 9.91 1.12 0.89
C ASP A 48 9.46 0.67 -0.47
N GLY A 49 8.39 -0.14 -0.50
CA GLY A 49 7.92 -0.84 -1.67
C GLY A 49 6.45 -0.77 -1.60
N GLY A 50 5.78 -0.52 -2.73
CA GLY A 50 4.36 -0.42 -2.79
C GLY A 50 4.16 -0.49 -4.28
N LEU A 51 2.92 -0.71 -4.75
CA LEU A 51 2.59 -0.85 -6.14
C LEU A 51 1.08 -0.82 -6.05
N ARG A 52 0.36 -1.02 -7.15
CA ARG A 52 -1.09 -0.97 -7.19
C ARG A 52 -1.49 -1.94 -8.26
N CYS A 53 -2.44 -2.86 -7.99
CA CYS A 53 -2.92 -3.81 -8.96
C CYS A 53 -4.24 -4.16 -8.35
N TRP A 54 -5.33 -4.19 -9.14
CA TRP A 54 -6.65 -4.58 -8.72
C TRP A 54 -7.43 -4.39 -9.95
N GLU A 55 -8.77 -4.48 -9.79
CA GLU A 55 -9.71 -4.10 -10.80
C GLU A 55 -10.77 -3.35 -10.05
N SER A 56 -11.43 -3.98 -9.06
CA SER A 56 -12.46 -3.30 -8.33
C SER A 56 -12.64 -3.94 -6.99
N GLY A 57 -13.13 -5.20 -6.94
CA GLY A 57 -13.52 -5.85 -5.71
C GLY A 57 -12.35 -6.48 -5.00
N ASP A 58 -11.22 -5.76 -4.97
CA ASP A 58 -9.98 -6.15 -4.40
C ASP A 58 -9.85 -5.24 -3.21
N ASP A 59 -9.15 -5.68 -2.16
CA ASP A 59 -8.94 -4.93 -0.94
C ASP A 59 -7.69 -4.15 -1.20
N PRO A 60 -7.47 -2.96 -0.66
CA PRO A 60 -6.23 -2.24 -0.92
C PRO A 60 -5.15 -2.74 -0.03
N TRP A 61 -5.53 -3.59 0.91
CA TRP A 61 -4.72 -4.03 1.97
C TRP A 61 -4.02 -5.32 1.78
N VAL A 62 -4.59 -6.26 1.07
CA VAL A 62 -3.96 -7.52 0.84
C VAL A 62 -2.89 -7.23 -0.19
N GLU A 63 -3.23 -6.32 -1.14
CA GLU A 63 -2.38 -5.88 -2.20
C GLU A 63 -1.34 -5.04 -1.52
N HIS A 64 -1.73 -4.17 -0.56
CA HIS A 64 -0.75 -3.43 0.22
C HIS A 64 -0.53 -4.30 1.44
N ALA A 65 -0.02 -5.49 1.18
CA ALA A 65 0.56 -6.36 2.14
C ALA A 65 1.45 -7.29 1.36
N LYS A 66 1.02 -7.74 0.16
CA LYS A 66 1.76 -8.56 -0.77
C LYS A 66 3.16 -8.10 -1.11
N TRP A 67 3.28 -6.93 -1.75
CA TRP A 67 4.53 -6.46 -2.28
C TRP A 67 5.24 -5.46 -1.41
N PHE A 68 4.78 -5.16 -0.17
CA PHE A 68 5.48 -4.19 0.60
C PHE A 68 6.67 -4.88 1.23
N PRO A 69 7.91 -4.45 1.18
CA PRO A 69 8.94 -5.13 1.94
C PRO A 69 8.72 -4.82 3.42
N ARG A 70 8.40 -3.56 3.78
CA ARG A 70 8.17 -3.06 5.10
C ARG A 70 7.35 -1.84 4.83
N CYS A 71 6.49 -1.42 5.78
CA CYS A 71 5.67 -0.24 5.84
C CYS A 71 5.75 -0.13 7.32
N GLU A 72 6.38 0.91 7.88
CA GLU A 72 6.53 1.19 9.29
C GLU A 72 5.35 2.00 9.75
N PHE A 73 4.61 2.53 8.77
CA PHE A 73 3.39 3.27 8.90
C PHE A 73 2.44 2.23 9.27
N LEU A 74 2.33 1.23 8.40
CA LEU A 74 1.30 0.26 8.59
C LEU A 74 1.67 -0.86 9.47
N ILE A 75 2.88 -0.83 10.05
CA ILE A 75 3.39 -1.90 10.87
C ILE A 75 2.69 -1.97 12.22
N ARG A 76 1.61 -1.18 12.36
CA ARG A 76 0.95 -1.01 13.64
C ARG A 76 -0.12 -1.99 13.86
N MET A 77 -1.33 -1.68 13.33
CA MET A 77 -2.46 -2.53 13.63
C MET A 77 -2.60 -3.48 12.50
N LYS A 78 -1.76 -3.28 11.47
CA LYS A 78 -1.74 -4.18 10.39
C LYS A 78 -0.52 -5.03 10.60
N GLY A 79 0.62 -4.46 10.89
CA GLY A 79 1.83 -5.26 10.98
C GLY A 79 1.91 -6.20 12.13
N GLN A 80 1.00 -6.08 13.10
CA GLN A 80 0.93 -6.95 14.23
C GLN A 80 -0.37 -7.68 14.20
N GLU A 81 -1.16 -7.58 13.11
CA GLU A 81 -2.41 -8.33 13.12
C GLU A 81 -2.66 -8.83 11.76
N PHE A 82 -2.55 -7.94 10.77
CA PHE A 82 -2.72 -8.21 9.38
C PHE A 82 -1.89 -9.30 8.96
N VAL A 83 -0.56 -9.04 8.92
CA VAL A 83 0.49 -9.83 8.41
C VAL A 83 0.62 -11.04 9.21
N ASP A 84 0.26 -10.95 10.49
CA ASP A 84 0.26 -12.05 11.41
C ASP A 84 -0.68 -13.12 10.91
N GLU A 85 -1.64 -12.62 10.13
CA GLU A 85 -2.62 -13.39 9.41
C GLU A 85 -2.20 -13.57 7.99
N ILE A 86 -1.94 -12.48 7.25
CA ILE A 86 -1.60 -12.46 5.85
C ILE A 86 -0.36 -13.25 5.54
N GLN A 87 0.64 -13.25 6.42
CA GLN A 87 1.85 -14.01 6.23
C GLN A 87 1.57 -15.45 6.52
N GLY A 88 0.44 -15.71 7.23
CA GLY A 88 0.01 -17.07 7.44
C GLY A 88 -0.46 -17.66 6.16
N ARG A 89 -1.09 -16.81 5.35
CA ARG A 89 -1.64 -17.10 4.07
C ARG A 89 -0.58 -17.11 3.03
N TYR A 90 0.44 -16.28 3.23
CA TYR A 90 1.52 -16.03 2.30
C TYR A 90 2.81 -16.65 2.75
N PRO A 91 3.09 -17.93 2.54
CA PRO A 91 4.35 -18.54 2.97
C PRO A 91 5.51 -18.03 2.13
N HIS A 92 5.25 -17.17 1.13
CA HIS A 92 6.22 -16.58 0.24
C HIS A 92 6.42 -15.15 0.67
N LEU A 93 6.03 -14.81 1.90
CA LEU A 93 6.17 -13.47 2.41
C LEU A 93 7.51 -13.33 3.09
N LEU A 94 7.71 -12.25 3.87
CA LEU A 94 8.90 -11.92 4.63
C LEU A 94 10.10 -11.73 3.74
N GLU A 95 10.01 -10.78 2.80
CA GLU A 95 11.07 -10.45 1.89
C GLU A 95 11.97 -9.47 2.62
N GLN A 96 12.94 -9.98 3.41
CA GLN A 96 13.83 -9.12 4.18
C GLN A 96 15.03 -8.73 3.36
N LEU A 97 15.17 -9.30 2.15
CA LEU A 97 16.27 -9.02 1.27
C LEU A 97 15.89 -7.78 0.51
N LEU A 98 16.88 -7.09 -0.06
CA LEU A 98 16.73 -5.91 -0.85
C LEU A 98 18.17 -5.73 -1.20
N SER A 99 18.51 -4.66 -1.93
CA SER A 99 19.85 -4.32 -2.31
C SER A 99 20.19 -3.14 -1.44
N THR A 100 21.47 -2.76 -1.39
CA THR A 100 21.96 -1.64 -0.64
C THR A 100 21.78 -0.39 -1.47
N SER A 101 22.28 0.75 -0.96
CA SER A 101 22.25 2.03 -1.59
C SER A 101 23.32 2.01 -2.69
ZN ZN B . 2.78 1.26 3.25
N GLY A 1 3.99 25.13 -3.26
CA GLY A 1 3.14 24.43 -2.29
C GLY A 1 1.72 24.60 -2.71
N SER A 2 0.99 23.48 -2.94
CA SER A 2 -0.39 23.52 -3.32
C SER A 2 -1.22 22.90 -2.22
N HIS A 3 -0.63 22.16 -1.27
CA HIS A 3 -1.35 21.61 -0.15
C HIS A 3 -0.25 21.22 0.79
N MET A 4 -0.50 21.43 2.09
CA MET A 4 0.43 21.21 3.17
C MET A 4 0.68 19.74 3.44
N GLN A 5 1.92 19.31 3.20
CA GLN A 5 2.52 18.06 3.40
C GLN A 5 3.83 18.56 2.85
N THR A 6 4.53 17.83 1.97
CA THR A 6 5.78 18.27 1.41
C THR A 6 5.44 19.31 0.35
N HIS A 7 4.38 19.12 -0.46
CA HIS A 7 4.14 20.10 -1.49
C HIS A 7 2.81 20.06 -2.18
N ALA A 8 2.06 18.94 -2.13
CA ALA A 8 0.84 18.75 -2.88
C ALA A 8 0.58 17.30 -2.88
N ALA A 9 1.60 16.49 -2.49
CA ALA A 9 1.58 15.05 -2.37
C ALA A 9 0.26 14.52 -1.94
N ARG A 10 -0.25 15.03 -0.81
CA ARG A 10 -1.56 14.82 -0.21
C ARG A 10 -2.66 14.73 -1.23
N MET A 11 -2.63 15.53 -2.30
CA MET A 11 -3.67 15.45 -3.31
C MET A 11 -3.11 14.85 -4.57
N ARG A 12 -1.78 14.70 -4.68
CA ARG A 12 -1.14 14.17 -5.83
C ARG A 12 -1.41 12.68 -6.00
N THR A 13 -1.95 12.02 -4.95
CA THR A 13 -2.19 10.59 -4.96
C THR A 13 -3.67 10.38 -4.81
N PHE A 14 -4.43 11.46 -4.63
CA PHE A 14 -5.86 11.42 -4.39
C PHE A 14 -6.56 11.38 -5.74
N MET A 15 -5.74 11.25 -6.78
CA MET A 15 -6.03 11.13 -8.17
C MET A 15 -6.75 9.82 -8.39
N TYR A 16 -6.16 8.87 -9.13
CA TYR A 16 -6.85 7.69 -9.53
C TYR A 16 -6.02 6.74 -10.34
N TRP A 17 -6.64 5.62 -10.64
CA TRP A 17 -6.04 4.48 -11.28
C TRP A 17 -6.46 4.20 -12.71
N PRO A 18 -7.78 4.15 -13.02
CA PRO A 18 -8.29 4.25 -14.37
C PRO A 18 -8.67 5.74 -14.50
N SER A 19 -9.95 6.12 -14.23
CA SER A 19 -10.48 7.46 -14.28
C SER A 19 -11.08 7.86 -12.93
N SER A 20 -11.04 7.04 -11.85
CA SER A 20 -11.62 7.37 -10.56
C SER A 20 -11.40 6.11 -9.79
N VAL A 21 -11.43 6.10 -8.44
CA VAL A 21 -11.29 4.94 -7.64
C VAL A 21 -12.66 4.44 -7.23
N PRO A 22 -13.28 3.49 -7.92
CA PRO A 22 -14.57 2.94 -7.54
C PRO A 22 -14.39 1.86 -6.49
N VAL A 23 -13.27 1.85 -5.74
CA VAL A 23 -13.00 0.84 -4.74
C VAL A 23 -13.77 1.16 -3.48
N GLN A 24 -13.11 1.26 -2.33
CA GLN A 24 -13.73 1.55 -1.06
C GLN A 24 -12.68 2.54 -0.69
N PRO A 25 -12.74 3.76 -1.17
CA PRO A 25 -11.60 4.67 -1.11
C PRO A 25 -11.36 5.27 0.26
N GLU A 26 -12.06 4.78 1.28
CA GLU A 26 -11.98 5.18 2.65
C GLU A 26 -10.82 4.48 3.27
N GLN A 27 -10.82 3.14 3.17
CA GLN A 27 -9.83 2.30 3.79
C GLN A 27 -8.49 2.41 3.15
N LEU A 28 -8.45 2.85 1.88
CA LEU A 28 -7.24 3.12 1.11
C LEU A 28 -6.35 4.05 1.87
N ALA A 29 -6.96 5.06 2.49
CA ALA A 29 -6.30 6.10 3.27
C ALA A 29 -5.60 5.57 4.51
N SER A 30 -5.91 4.32 4.88
CA SER A 30 -5.35 3.60 5.99
C SER A 30 -4.39 2.59 5.39
N ALA A 31 -4.63 2.12 4.14
CA ALA A 31 -3.75 1.16 3.51
C ALA A 31 -2.47 1.80 2.93
N GLY A 32 -2.53 3.09 2.53
CA GLY A 32 -1.40 3.92 2.07
C GLY A 32 -1.54 4.23 0.62
N PHE A 33 -2.78 4.34 0.14
CA PHE A 33 -3.17 4.52 -1.23
C PHE A 33 -4.13 5.62 -1.09
N TYR A 34 -4.45 6.28 -2.22
CA TYR A 34 -5.37 7.38 -2.38
C TYR A 34 -5.00 8.46 -1.39
N TYR A 35 -4.45 9.59 -1.84
CA TYR A 35 -3.98 10.65 -0.97
C TYR A 35 -2.70 10.30 -0.26
N VAL A 36 -2.53 9.01 0.08
CA VAL A 36 -1.44 8.52 0.90
C VAL A 36 -0.30 7.88 0.12
N GLY A 37 -0.52 7.44 -1.13
CA GLY A 37 0.59 6.88 -1.89
C GLY A 37 1.28 7.94 -2.73
N ARG A 38 1.55 7.66 -4.01
CA ARG A 38 2.16 8.60 -4.92
C ARG A 38 1.41 8.34 -6.20
N ASN A 39 1.12 9.41 -6.96
CA ASN A 39 0.40 9.50 -8.23
C ASN A 39 -0.76 8.56 -8.45
N ASP A 40 -0.49 7.50 -9.23
CA ASP A 40 -1.43 6.50 -9.69
C ASP A 40 -1.07 5.20 -9.05
N ASP A 41 0.15 4.73 -9.30
CA ASP A 41 0.74 3.50 -8.82
C ASP A 41 1.17 3.73 -7.39
N VAL A 42 0.21 4.04 -6.50
CA VAL A 42 0.32 4.35 -5.10
C VAL A 42 1.31 3.46 -4.36
N LYS A 43 2.51 4.03 -4.13
CA LYS A 43 3.64 3.32 -3.57
C LYS A 43 3.86 3.70 -2.12
N CYS A 44 2.80 4.11 -1.40
CA CYS A 44 2.81 4.48 0.00
C CYS A 44 3.65 5.72 0.29
N PHE A 45 3.81 6.03 1.58
CA PHE A 45 4.58 7.13 2.09
C PHE A 45 5.74 6.54 2.81
N CYS A 46 5.51 5.90 3.98
CA CYS A 46 6.59 5.38 4.80
C CYS A 46 7.33 4.33 4.04
N CYS A 47 6.56 3.37 3.53
CA CYS A 47 7.12 2.31 2.78
C CYS A 47 7.27 2.71 1.34
N ASP A 48 7.90 1.82 0.57
CA ASP A 48 8.12 1.93 -0.85
C ASP A 48 7.43 0.73 -1.45
N GLY A 49 6.84 -0.06 -0.57
CA GLY A 49 6.27 -1.34 -0.83
C GLY A 49 4.80 -1.18 -1.08
N GLY A 50 4.47 -0.69 -2.26
CA GLY A 50 3.11 -0.43 -2.62
C GLY A 50 3.17 -0.46 -4.10
N LEU A 51 2.04 -0.67 -4.77
CA LEU A 51 1.94 -0.74 -6.20
C LEU A 51 0.45 -0.86 -6.31
N ARG A 52 -0.08 -0.90 -7.55
CA ARG A 52 -1.47 -1.08 -7.83
C ARG A 52 -1.40 -2.27 -8.71
N CYS A 53 -2.21 -3.30 -8.44
CA CYS A 53 -2.26 -4.49 -9.24
C CYS A 53 -3.71 -4.91 -9.34
N TRP A 54 -4.63 -4.26 -8.61
CA TRP A 54 -6.03 -4.61 -8.64
C TRP A 54 -6.67 -4.18 -9.89
N GLU A 55 -7.96 -4.49 -9.97
CA GLU A 55 -8.80 -4.10 -11.07
C GLU A 55 -9.87 -3.26 -10.43
N SER A 56 -10.74 -3.87 -9.62
CA SER A 56 -11.78 -3.20 -8.92
C SER A 56 -12.14 -4.33 -8.00
N GLY A 57 -12.89 -4.06 -6.93
CA GLY A 57 -13.49 -5.04 -6.05
C GLY A 57 -12.55 -5.56 -5.00
N ASP A 58 -11.24 -5.39 -5.23
CA ASP A 58 -10.15 -5.88 -4.44
C ASP A 58 -9.95 -5.04 -3.22
N ASP A 59 -9.08 -5.54 -2.34
CA ASP A 59 -8.75 -4.95 -1.05
C ASP A 59 -7.54 -4.12 -1.28
N PRO A 60 -7.30 -2.94 -0.72
CA PRO A 60 -6.05 -2.21 -1.00
C PRO A 60 -4.98 -2.74 -0.11
N TRP A 61 -5.40 -3.54 0.86
CA TRP A 61 -4.62 -4.00 1.93
C TRP A 61 -3.93 -5.30 1.79
N VAL A 62 -4.51 -6.26 1.10
CA VAL A 62 -3.90 -7.53 0.86
C VAL A 62 -2.84 -7.21 -0.18
N GLU A 63 -3.15 -6.25 -1.10
CA GLU A 63 -2.27 -5.78 -2.12
C GLU A 63 -1.16 -5.09 -1.39
N HIS A 64 -1.51 -4.19 -0.45
CA HIS A 64 -0.51 -3.52 0.36
C HIS A 64 -0.37 -4.38 1.59
N ALA A 65 0.05 -5.60 1.34
CA ALA A 65 0.55 -6.50 2.33
C ALA A 65 1.17 -7.70 1.63
N LYS A 66 1.28 -7.64 0.28
CA LYS A 66 1.88 -8.68 -0.50
C LYS A 66 3.37 -8.47 -0.58
N TRP A 67 3.69 -7.48 -1.43
CA TRP A 67 4.98 -7.08 -1.88
C TRP A 67 5.65 -6.06 -1.01
N PHE A 68 5.04 -5.62 0.12
CA PHE A 68 5.63 -4.59 0.90
C PHE A 68 6.80 -5.18 1.67
N PRO A 69 7.91 -4.50 1.93
CA PRO A 69 9.02 -5.02 2.69
C PRO A 69 8.61 -5.04 4.14
N ARG A 70 8.26 -3.87 4.67
CA ARG A 70 7.83 -3.54 5.99
C ARG A 70 7.16 -2.23 5.67
N CYS A 71 6.40 -1.67 6.62
CA CYS A 71 5.76 -0.39 6.44
C CYS A 71 5.57 -0.03 7.86
N GLU A 72 6.38 0.87 8.38
CA GLU A 72 6.36 1.34 9.75
C GLU A 72 5.19 2.21 9.99
N PHE A 73 4.64 2.78 8.90
CA PHE A 73 3.39 3.49 8.91
C PHE A 73 2.41 2.48 9.28
N LEU A 74 2.37 1.39 8.53
CA LEU A 74 1.33 0.41 8.69
C LEU A 74 1.60 -0.65 9.69
N ILE A 75 2.74 -0.61 10.39
CA ILE A 75 3.14 -1.67 11.29
C ILE A 75 2.39 -1.51 12.60
N ARG A 76 1.29 -0.74 12.59
CA ARG A 76 0.60 -0.37 13.81
C ARG A 76 -0.30 -1.46 14.25
N MET A 77 -1.44 -1.56 13.55
CA MET A 77 -2.41 -2.57 13.89
C MET A 77 -2.30 -3.58 12.81
N LYS A 78 -1.82 -3.16 11.63
CA LYS A 78 -1.73 -4.08 10.55
C LYS A 78 -0.52 -4.96 10.73
N GLY A 79 0.59 -4.39 11.12
CA GLY A 79 1.82 -5.16 11.10
C GLY A 79 1.96 -6.19 12.17
N GLN A 80 1.05 -6.17 13.15
CA GLN A 80 1.04 -7.10 14.23
C GLN A 80 -0.25 -7.85 14.22
N GLU A 81 -1.07 -7.72 13.15
CA GLU A 81 -2.34 -8.42 13.16
C GLU A 81 -2.62 -8.84 11.77
N PHE A 82 -2.47 -7.91 10.81
CA PHE A 82 -2.64 -8.15 9.41
C PHE A 82 -1.79 -9.23 8.96
N VAL A 83 -0.47 -8.94 8.87
CA VAL A 83 0.57 -9.73 8.29
C VAL A 83 0.72 -10.96 9.08
N ASP A 84 0.43 -10.86 10.36
CA ASP A 84 0.47 -11.93 11.29
C ASP A 84 -0.50 -13.01 10.89
N GLU A 85 -1.45 -12.56 10.07
CA GLU A 85 -2.46 -13.33 9.41
C GLU A 85 -2.09 -13.51 7.97
N ILE A 86 -1.87 -12.43 7.21
CA ILE A 86 -1.57 -12.44 5.79
C ILE A 86 -0.36 -13.26 5.44
N GLN A 87 0.70 -13.21 6.27
CA GLN A 87 1.90 -13.97 6.06
C GLN A 87 1.59 -15.40 6.33
N GLY A 88 0.54 -15.63 7.15
CA GLY A 88 0.09 -16.97 7.43
C GLY A 88 -0.53 -17.62 6.25
N ARG A 89 -1.11 -16.78 5.38
CA ARG A 89 -1.75 -17.13 4.16
C ARG A 89 -0.75 -17.23 3.05
N TYR A 90 0.37 -16.53 3.22
CA TYR A 90 1.44 -16.42 2.26
C TYR A 90 2.69 -17.14 2.70
N PRO A 91 2.81 -18.46 2.70
CA PRO A 91 4.06 -19.14 3.06
C PRO A 91 5.01 -19.09 1.87
N HIS A 92 4.84 -18.13 0.96
CA HIS A 92 5.63 -18.01 -0.23
C HIS A 92 5.89 -16.55 -0.30
N LEU A 93 6.06 -15.95 0.90
CA LEU A 93 6.29 -14.55 1.05
C LEU A 93 7.71 -14.34 0.58
N LEU A 94 8.66 -14.98 1.29
CA LEU A 94 10.08 -15.02 1.01
C LEU A 94 10.68 -13.65 0.99
N GLU A 95 11.08 -13.13 2.18
CA GLU A 95 11.59 -11.80 2.46
C GLU A 95 12.43 -11.21 1.35
N GLN A 96 13.71 -11.59 1.22
CA GLN A 96 14.49 -11.12 0.11
C GLN A 96 15.56 -12.15 0.02
N LEU A 97 15.98 -12.49 -1.22
CA LEU A 97 17.01 -13.44 -1.59
C LEU A 97 16.77 -14.84 -1.06
N LEU A 98 15.52 -15.23 -0.78
CA LEU A 98 15.23 -16.53 -0.23
C LEU A 98 14.33 -17.23 -1.20
N SER A 99 14.71 -17.31 -2.48
CA SER A 99 13.91 -17.95 -3.48
C SER A 99 14.86 -18.86 -4.23
N THR A 100 15.22 -18.52 -5.47
CA THR A 100 16.04 -19.30 -6.34
C THR A 100 17.49 -19.39 -5.92
N SER A 101 18.20 -20.35 -6.54
CA SER A 101 19.58 -20.67 -6.30
C SER A 101 20.47 -19.63 -7.00
ZN ZN B . 3.12 1.25 3.26
N GLY A 1 12.36 8.35 5.57
CA GLY A 1 12.22 9.49 4.65
C GLY A 1 10.87 10.11 4.85
N SER A 2 10.82 11.46 4.83
CA SER A 2 9.60 12.22 5.02
C SER A 2 9.69 13.30 3.98
N HIS A 3 9.40 13.01 2.70
CA HIS A 3 9.60 14.01 1.67
C HIS A 3 8.41 14.10 0.75
N MET A 4 7.23 13.64 1.21
CA MET A 4 6.08 13.61 0.35
C MET A 4 4.86 13.82 1.21
N GLN A 5 5.00 14.57 2.31
CA GLN A 5 3.90 14.79 3.24
C GLN A 5 3.30 16.15 3.02
N THR A 6 3.61 16.82 1.90
CA THR A 6 3.19 18.17 1.71
C THR A 6 3.30 18.41 0.22
N HIS A 7 3.48 19.68 -0.17
CA HIS A 7 3.66 20.29 -1.46
C HIS A 7 2.53 20.12 -2.42
N ALA A 8 2.04 18.89 -2.58
CA ALA A 8 0.98 18.55 -3.46
C ALA A 8 0.75 17.11 -3.37
N ALA A 9 1.79 16.36 -2.97
CA ALA A 9 1.87 14.93 -2.80
C ALA A 9 0.63 14.36 -2.21
N ARG A 10 0.21 14.87 -1.05
CA ARG A 10 -1.01 14.48 -0.37
C ARG A 10 -2.23 14.46 -1.26
N MET A 11 -2.30 15.33 -2.28
CA MET A 11 -3.45 15.34 -3.18
C MET A 11 -3.04 14.71 -4.49
N ARG A 12 -1.75 14.44 -4.65
CA ARG A 12 -1.19 13.87 -5.84
C ARG A 12 -1.47 12.37 -5.88
N THR A 13 -1.94 11.78 -4.77
CA THR A 13 -2.18 10.35 -4.68
C THR A 13 -3.68 10.16 -4.64
N PHE A 14 -4.41 11.23 -4.34
CA PHE A 14 -5.83 11.28 -4.14
C PHE A 14 -6.56 11.19 -5.46
N MET A 15 -5.78 11.11 -6.54
CA MET A 15 -6.13 10.98 -7.92
C MET A 15 -6.81 9.65 -8.15
N TYR A 16 -6.23 8.75 -8.97
CA TYR A 16 -6.94 7.58 -9.35
C TYR A 16 -6.19 6.60 -10.20
N TRP A 17 -6.80 5.42 -10.28
CA TRP A 17 -6.25 4.25 -10.91
C TRP A 17 -6.61 3.94 -12.33
N PRO A 18 -7.93 3.91 -12.68
CA PRO A 18 -8.40 4.00 -14.04
C PRO A 18 -8.62 5.51 -14.22
N SER A 19 -9.87 6.03 -14.01
CA SER A 19 -10.24 7.41 -14.06
C SER A 19 -11.02 7.87 -12.82
N SER A 20 -11.06 7.11 -11.68
CA SER A 20 -11.74 7.45 -10.44
C SER A 20 -11.52 6.21 -9.62
N VAL A 21 -11.57 6.24 -8.27
CA VAL A 21 -11.45 5.10 -7.44
C VAL A 21 -12.80 4.61 -6.97
N PRO A 22 -13.56 3.79 -7.71
CA PRO A 22 -14.84 3.26 -7.26
C PRO A 22 -14.61 2.06 -6.34
N VAL A 23 -13.49 1.97 -5.60
CA VAL A 23 -13.26 0.87 -4.70
C VAL A 23 -14.04 1.23 -3.42
N GLN A 24 -13.37 1.34 -2.26
CA GLN A 24 -13.96 1.65 -0.99
C GLN A 24 -12.86 2.54 -0.55
N PRO A 25 -12.84 3.80 -0.93
CA PRO A 25 -11.64 4.62 -0.75
C PRO A 25 -11.35 5.02 0.67
N GLU A 26 -12.23 4.70 1.63
CA GLU A 26 -12.00 5.01 3.03
C GLU A 26 -10.92 4.10 3.55
N GLN A 27 -10.91 2.83 3.09
CA GLN A 27 -9.96 1.84 3.51
C GLN A 27 -8.59 2.13 2.97
N LEU A 28 -8.52 2.74 1.76
CA LEU A 28 -7.32 3.12 1.05
C LEU A 28 -6.52 4.05 1.90
N ALA A 29 -7.19 5.04 2.51
CA ALA A 29 -6.60 6.07 3.35
C ALA A 29 -5.86 5.51 4.55
N SER A 30 -6.18 4.26 4.89
CA SER A 30 -5.59 3.54 5.98
C SER A 30 -4.60 2.56 5.41
N ALA A 31 -4.79 2.09 4.16
CA ALA A 31 -3.92 1.14 3.50
C ALA A 31 -2.65 1.81 2.96
N GLY A 32 -2.72 3.12 2.65
CA GLY A 32 -1.61 3.98 2.23
C GLY A 32 -1.78 4.36 0.82
N PHE A 33 -3.03 4.38 0.33
CA PHE A 33 -3.37 4.62 -1.03
C PHE A 33 -4.37 5.66 -0.91
N TYR A 34 -4.59 6.39 -2.01
CA TYR A 34 -5.48 7.52 -2.14
C TYR A 34 -5.02 8.52 -1.12
N TYR A 35 -4.52 9.69 -1.52
CA TYR A 35 -3.97 10.67 -0.64
C TYR A 35 -2.71 10.29 0.10
N VAL A 36 -2.51 8.98 0.41
CA VAL A 36 -1.40 8.51 1.22
C VAL A 36 -0.32 7.79 0.45
N GLY A 37 -0.47 7.57 -0.86
CA GLY A 37 0.63 6.99 -1.63
C GLY A 37 1.41 7.91 -2.56
N ARG A 38 1.77 7.40 -3.76
CA ARG A 38 2.60 8.02 -4.79
C ARG A 38 1.79 8.75 -5.85
N ASN A 39 2.12 8.66 -7.17
CA ASN A 39 1.37 9.38 -8.20
C ASN A 39 0.30 8.48 -8.72
N ASP A 40 0.54 7.86 -9.88
CA ASP A 40 -0.37 6.98 -10.59
C ASP A 40 -0.31 5.65 -9.90
N ASP A 41 0.92 5.10 -9.85
CA ASP A 41 1.31 3.84 -9.25
C ASP A 41 1.51 4.10 -7.80
N VAL A 42 0.42 4.49 -7.09
CA VAL A 42 0.36 4.75 -5.68
C VAL A 42 0.94 3.57 -4.90
N LYS A 43 2.16 3.77 -4.36
CA LYS A 43 2.90 2.79 -3.60
C LYS A 43 2.46 2.90 -2.16
N CYS A 44 2.95 3.95 -1.48
CA CYS A 44 2.69 4.25 -0.10
C CYS A 44 3.61 5.41 0.07
N PHE A 45 3.80 5.81 1.32
CA PHE A 45 4.68 6.85 1.79
C PHE A 45 5.82 6.11 2.40
N CYS A 46 5.63 5.55 3.62
CA CYS A 46 6.67 4.93 4.40
C CYS A 46 7.33 3.82 3.66
N CYS A 47 6.49 2.89 3.18
CA CYS A 47 6.99 1.78 2.48
C CYS A 47 7.27 2.17 1.04
N ASP A 48 8.48 1.83 0.55
CA ASP A 48 8.91 2.10 -0.79
C ASP A 48 8.65 0.86 -1.58
N GLY A 49 8.34 -0.22 -0.88
CA GLY A 49 8.00 -1.49 -1.44
C GLY A 49 6.62 -1.45 -1.98
N GLY A 50 6.50 -1.37 -3.28
CA GLY A 50 5.21 -1.32 -3.89
C GLY A 50 5.57 -1.14 -5.32
N LEU A 51 4.94 -1.93 -6.20
CA LEU A 51 5.27 -1.97 -7.60
C LEU A 51 4.05 -1.67 -8.43
N ARG A 52 3.08 -2.61 -8.50
CA ARG A 52 1.91 -2.46 -9.33
C ARG A 52 0.77 -1.97 -8.48
N CYS A 53 -0.46 -2.39 -8.80
CA CYS A 53 -1.66 -1.99 -8.16
C CYS A 53 -2.53 -3.21 -8.18
N TRP A 54 -3.80 -3.02 -7.79
CA TRP A 54 -4.86 -3.99 -7.66
C TRP A 54 -5.06 -4.92 -8.82
N GLU A 55 -5.48 -6.17 -8.52
CA GLU A 55 -5.75 -7.13 -9.55
C GLU A 55 -7.17 -6.97 -10.03
N SER A 56 -8.18 -7.45 -9.28
CA SER A 56 -9.55 -7.42 -9.75
C SER A 56 -10.45 -7.07 -8.60
N GLY A 57 -10.54 -5.77 -8.24
CA GLY A 57 -11.48 -5.27 -7.26
C GLY A 57 -11.20 -5.85 -5.91
N ASP A 58 -9.91 -5.90 -5.57
CA ASP A 58 -9.39 -6.51 -4.37
C ASP A 58 -9.50 -5.57 -3.20
N ASP A 59 -8.70 -5.82 -2.16
CA ASP A 59 -8.63 -5.04 -0.94
C ASP A 59 -7.43 -4.18 -1.20
N PRO A 60 -7.24 -2.95 -0.74
CA PRO A 60 -6.02 -2.19 -1.06
C PRO A 60 -4.92 -2.70 -0.20
N TRP A 61 -5.31 -3.47 0.79
CA TRP A 61 -4.56 -3.96 1.87
C TRP A 61 -3.87 -5.25 1.68
N VAL A 62 -4.47 -6.19 0.97
CA VAL A 62 -3.87 -7.45 0.74
C VAL A 62 -2.78 -7.21 -0.28
N GLU A 63 -3.04 -6.25 -1.21
CA GLU A 63 -2.15 -5.81 -2.24
C GLU A 63 -1.09 -5.04 -1.53
N HIS A 64 -1.48 -4.18 -0.56
CA HIS A 64 -0.54 -3.46 0.26
C HIS A 64 -0.36 -4.33 1.48
N ALA A 65 0.13 -5.52 1.20
CA ALA A 65 0.68 -6.41 2.17
C ALA A 65 1.58 -7.33 1.39
N LYS A 66 1.15 -7.80 0.19
CA LYS A 66 1.89 -8.63 -0.74
C LYS A 66 3.31 -8.24 -1.06
N TRP A 67 3.49 -7.04 -1.61
CA TRP A 67 4.76 -6.61 -2.14
C TRP A 67 5.58 -5.75 -1.22
N PHE A 68 5.05 -5.26 -0.10
CA PHE A 68 5.78 -4.34 0.72
C PHE A 68 6.84 -5.07 1.55
N PRO A 69 8.04 -4.61 1.86
CA PRO A 69 8.94 -5.31 2.75
C PRO A 69 8.40 -5.22 4.17
N ARG A 70 8.39 -4.01 4.75
CA ARG A 70 7.95 -3.67 6.07
C ARG A 70 7.36 -2.33 5.76
N CYS A 71 6.24 -1.96 6.38
CA CYS A 71 5.65 -0.67 6.23
C CYS A 71 5.58 -0.34 7.66
N GLU A 72 6.38 0.63 8.10
CA GLU A 72 6.52 1.13 9.43
C GLU A 72 5.41 2.09 9.69
N PHE A 73 4.75 2.57 8.62
CA PHE A 73 3.52 3.32 8.69
C PHE A 73 2.54 2.31 9.10
N LEU A 74 2.40 1.26 8.31
CA LEU A 74 1.36 0.31 8.53
C LEU A 74 1.62 -0.74 9.54
N ILE A 75 2.77 -0.70 10.22
CA ILE A 75 3.17 -1.73 11.14
C ILE A 75 2.39 -1.65 12.44
N ARG A 76 1.33 -0.83 12.47
CA ARG A 76 0.68 -0.50 13.71
C ARG A 76 -0.36 -1.48 14.09
N MET A 77 -1.54 -1.38 13.42
CA MET A 77 -2.60 -2.32 13.75
C MET A 77 -2.51 -3.38 12.72
N LYS A 78 -1.90 -3.06 11.56
CA LYS A 78 -1.82 -4.01 10.52
C LYS A 78 -0.63 -4.89 10.72
N GLY A 79 0.51 -4.35 11.05
CA GLY A 79 1.72 -5.15 11.00
C GLY A 79 1.80 -6.20 12.08
N GLN A 80 0.94 -6.09 13.08
CA GLN A 80 0.89 -6.99 14.18
C GLN A 80 -0.37 -7.78 14.16
N GLU A 81 -1.18 -7.65 13.09
CA GLU A 81 -2.42 -8.40 13.08
C GLU A 81 -2.69 -8.82 11.70
N PHE A 82 -2.58 -7.87 10.74
CA PHE A 82 -2.77 -8.06 9.33
C PHE A 82 -1.97 -9.17 8.88
N VAL A 83 -0.64 -8.92 8.83
CA VAL A 83 0.36 -9.73 8.25
C VAL A 83 0.44 -10.97 9.00
N ASP A 84 0.15 -10.94 10.30
CA ASP A 84 0.13 -12.09 11.15
C ASP A 84 -0.89 -13.09 10.65
N GLU A 85 -1.86 -12.52 9.94
CA GLU A 85 -2.94 -13.24 9.29
C GLU A 85 -2.58 -13.48 7.85
N ILE A 86 -2.20 -12.43 7.12
CA ILE A 86 -1.87 -12.48 5.70
C ILE A 86 -0.68 -13.35 5.42
N GLN A 87 0.30 -13.42 6.35
CA GLN A 87 1.47 -14.24 6.21
C GLN A 87 1.05 -15.66 6.41
N GLY A 88 -0.11 -15.86 7.09
CA GLY A 88 -0.62 -17.21 7.27
C GLY A 88 -1.03 -17.80 5.96
N ARG A 89 -1.31 -16.91 5.00
CA ARG A 89 -1.72 -17.20 3.67
C ARG A 89 -0.58 -17.14 2.70
N TYR A 90 0.44 -16.33 3.04
CA TYR A 90 1.58 -16.03 2.20
C TYR A 90 2.87 -16.60 2.73
N PRO A 91 3.20 -17.88 2.68
CA PRO A 91 4.47 -18.40 3.17
C PRO A 91 5.59 -18.15 2.19
N HIS A 92 5.52 -17.06 1.41
CA HIS A 92 6.52 -16.66 0.45
C HIS A 92 6.40 -15.17 0.51
N LEU A 93 6.25 -14.62 1.73
CA LEU A 93 6.14 -13.20 1.92
C LEU A 93 7.54 -12.64 1.84
N LEU A 94 8.45 -13.26 2.62
CA LEU A 94 9.84 -12.89 2.65
C LEU A 94 10.48 -13.52 1.43
N GLU A 95 11.21 -12.74 0.62
CA GLU A 95 11.94 -13.18 -0.54
C GLU A 95 13.15 -13.92 -0.04
N GLN A 96 13.05 -15.25 0.09
CA GLN A 96 14.11 -16.09 0.55
C GLN A 96 13.80 -17.35 -0.19
N LEU A 97 14.67 -17.74 -1.14
CA LEU A 97 14.49 -18.95 -1.93
C LEU A 97 15.85 -19.61 -1.93
N LEU A 98 16.69 -19.33 -0.92
CA LEU A 98 18.02 -19.88 -0.83
C LEU A 98 18.10 -20.65 0.46
N SER A 99 19.22 -21.36 0.66
CA SER A 99 19.49 -22.17 1.81
C SER A 99 20.62 -21.42 2.47
N THR A 100 21.84 -21.86 2.15
CA THR A 100 23.11 -21.38 2.59
C THR A 100 23.40 -20.16 1.76
N SER A 101 24.31 -19.29 2.23
CA SER A 101 24.68 -18.10 1.52
C SER A 101 26.08 -18.43 0.99
ZN ZN B . 2.99 1.15 3.22
N GLY A 1 16.24 11.31 0.73
CA GLY A 1 15.43 10.35 1.52
C GLY A 1 13.98 10.51 1.20
N SER A 2 13.12 9.62 1.73
CA SER A 2 11.68 9.64 1.55
C SER A 2 11.21 10.79 2.40
N HIS A 3 10.62 11.84 1.79
CA HIS A 3 10.23 13.01 2.54
C HIS A 3 9.25 13.78 1.70
N MET A 4 8.15 13.12 1.24
CA MET A 4 7.16 13.77 0.43
C MET A 4 5.83 13.39 1.00
N GLN A 5 5.18 14.29 1.78
CA GLN A 5 3.89 14.00 2.37
C GLN A 5 3.06 15.27 2.38
N THR A 6 3.57 16.32 1.74
CA THR A 6 2.99 17.63 1.80
C THR A 6 3.16 18.16 0.40
N HIS A 7 3.20 19.49 0.24
CA HIS A 7 3.38 20.28 -0.96
C HIS A 7 2.21 20.21 -1.89
N ALA A 8 1.82 18.98 -2.23
CA ALA A 8 0.74 18.72 -3.14
C ALA A 8 0.52 17.28 -3.11
N ALA A 9 1.54 16.50 -2.72
CA ALA A 9 1.59 15.07 -2.61
C ALA A 9 0.32 14.53 -2.08
N ARG A 10 -0.10 15.00 -0.91
CA ARG A 10 -1.34 14.67 -0.25
C ARG A 10 -2.55 14.70 -1.15
N MET A 11 -2.60 15.50 -2.22
CA MET A 11 -3.74 15.50 -3.13
C MET A 11 -3.29 14.96 -4.46
N ARG A 12 -2.00 14.67 -4.62
CA ARG A 12 -1.42 14.17 -5.82
C ARG A 12 -1.68 12.70 -6.00
N THR A 13 -2.19 12.02 -4.97
CA THR A 13 -2.37 10.58 -4.96
C THR A 13 -3.85 10.35 -4.78
N PHE A 14 -4.60 11.42 -4.44
CA PHE A 14 -6.02 11.42 -4.15
C PHE A 14 -6.78 11.41 -5.45
N MET A 15 -6.00 11.25 -6.53
CA MET A 15 -6.31 11.12 -7.90
C MET A 15 -6.98 9.77 -8.05
N TYR A 16 -6.46 8.87 -8.90
CA TYR A 16 -7.20 7.70 -9.25
C TYR A 16 -6.55 6.72 -10.19
N TRP A 17 -7.06 5.50 -10.09
CA TRP A 17 -6.56 4.32 -10.73
C TRP A 17 -7.02 3.96 -12.12
N PRO A 18 -8.35 3.93 -12.42
CA PRO A 18 -8.82 3.92 -13.78
C PRO A 18 -8.90 5.40 -14.12
N SER A 19 -10.04 6.08 -13.81
CA SER A 19 -10.22 7.49 -13.98
C SER A 19 -11.13 8.04 -12.88
N SER A 20 -11.24 7.34 -11.72
CA SER A 20 -12.05 7.73 -10.57
C SER A 20 -11.97 6.46 -9.77
N VAL A 21 -11.51 6.44 -8.49
CA VAL A 21 -11.40 5.26 -7.67
C VAL A 21 -12.77 4.69 -7.31
N PRO A 22 -13.22 3.55 -7.87
CA PRO A 22 -14.53 2.99 -7.56
C PRO A 22 -14.39 1.91 -6.51
N VAL A 23 -13.24 1.84 -5.80
CA VAL A 23 -13.02 0.78 -4.85
C VAL A 23 -13.77 1.05 -3.54
N GLN A 24 -13.06 1.24 -2.42
CA GLN A 24 -13.65 1.44 -1.10
C GLN A 24 -12.64 2.39 -0.60
N PRO A 25 -12.71 3.67 -0.95
CA PRO A 25 -11.61 4.59 -0.72
C PRO A 25 -11.36 4.94 0.72
N GLU A 26 -12.25 4.64 1.69
CA GLU A 26 -11.99 4.99 3.07
C GLU A 26 -10.90 4.06 3.59
N GLN A 27 -10.87 2.83 3.03
CA GLN A 27 -9.91 1.81 3.38
C GLN A 27 -8.55 2.16 2.84
N LEU A 28 -8.49 2.81 1.65
CA LEU A 28 -7.29 3.19 0.95
C LEU A 28 -6.42 4.05 1.79
N ALA A 29 -6.98 5.12 2.38
CA ALA A 29 -6.24 6.08 3.17
C ALA A 29 -5.48 5.43 4.32
N SER A 30 -6.06 4.35 4.83
CA SER A 30 -5.54 3.57 5.93
C SER A 30 -4.58 2.55 5.37
N ALA A 31 -4.80 2.07 4.13
CA ALA A 31 -3.94 1.11 3.46
C ALA A 31 -2.68 1.76 2.94
N GLY A 32 -2.69 3.10 2.78
CA GLY A 32 -1.59 3.93 2.33
C GLY A 32 -1.75 4.25 0.90
N PHE A 33 -3.00 4.26 0.42
CA PHE A 33 -3.38 4.48 -0.95
C PHE A 33 -4.29 5.63 -0.88
N TYR A 34 -4.55 6.32 -2.01
CA TYR A 34 -5.40 7.49 -2.20
C TYR A 34 -4.89 8.55 -1.25
N TYR A 35 -4.52 9.74 -1.71
CA TYR A 35 -3.96 10.78 -0.86
C TYR A 35 -2.59 10.48 -0.32
N VAL A 36 -2.30 9.20 -0.08
CA VAL A 36 -1.06 8.75 0.48
C VAL A 36 -0.04 8.56 -0.62
N GLY A 37 -0.15 7.45 -1.34
CA GLY A 37 0.96 6.86 -2.08
C GLY A 37 1.85 7.75 -2.96
N ARG A 38 1.58 7.83 -4.28
CA ARG A 38 2.35 8.63 -5.23
C ARG A 38 1.38 8.68 -6.38
N ASN A 39 1.80 9.19 -7.56
CA ASN A 39 0.96 9.31 -8.75
C ASN A 39 0.84 8.02 -9.48
N ASP A 40 1.93 7.24 -9.44
CA ASP A 40 2.10 5.99 -10.15
C ASP A 40 1.31 4.91 -9.47
N ASP A 41 -0.03 5.06 -9.51
CA ASP A 41 -1.06 4.25 -8.86
C ASP A 41 -0.95 4.75 -7.48
N VAL A 42 -0.29 4.03 -6.59
CA VAL A 42 -0.04 4.52 -5.27
C VAL A 42 1.06 3.59 -4.88
N LYS A 43 2.00 4.13 -4.11
CA LYS A 43 3.13 3.40 -3.61
C LYS A 43 2.79 3.40 -2.16
N CYS A 44 3.32 4.35 -1.38
CA CYS A 44 2.98 4.54 0.00
C CYS A 44 3.85 5.70 0.32
N PHE A 45 3.82 6.12 1.60
CA PHE A 45 4.57 7.20 2.17
C PHE A 45 5.76 6.58 2.81
N CYS A 46 5.53 5.70 3.81
CA CYS A 46 6.61 5.11 4.55
C CYS A 46 7.28 4.07 3.73
N CYS A 47 6.46 3.10 3.31
CA CYS A 47 6.98 2.00 2.57
C CYS A 47 7.30 2.35 1.14
N ASP A 48 8.48 1.91 0.69
CA ASP A 48 9.01 2.11 -0.64
C ASP A 48 8.50 1.00 -1.52
N GLY A 49 7.90 0.00 -0.87
CA GLY A 49 7.78 -1.33 -1.41
C GLY A 49 6.61 -1.52 -2.31
N GLY A 50 5.74 -0.51 -2.45
CA GLY A 50 4.56 -0.65 -3.25
C GLY A 50 4.82 -0.09 -4.62
N LEU A 51 4.58 -0.90 -5.67
CA LEU A 51 4.77 -0.47 -7.04
C LEU A 51 4.14 -1.58 -7.84
N ARG A 52 2.85 -1.45 -8.22
CA ARG A 52 2.13 -2.38 -9.07
C ARG A 52 0.78 -1.72 -9.09
N CYS A 53 -0.27 -2.41 -9.55
CA CYS A 53 -1.63 -1.89 -9.62
C CYS A 53 -2.45 -2.92 -8.88
N TRP A 54 -3.80 -2.82 -8.92
CA TRP A 54 -4.67 -3.74 -8.21
C TRP A 54 -5.01 -4.91 -9.08
N GLU A 55 -5.53 -6.02 -8.47
CA GLU A 55 -5.87 -7.21 -9.23
C GLU A 55 -7.31 -7.21 -9.69
N SER A 56 -8.28 -7.78 -8.95
CA SER A 56 -9.63 -7.88 -9.47
C SER A 56 -10.68 -7.60 -8.45
N GLY A 57 -10.72 -6.36 -7.91
CA GLY A 57 -11.74 -5.98 -6.94
C GLY A 57 -11.24 -6.48 -5.63
N ASP A 58 -9.95 -6.23 -5.39
CA ASP A 58 -9.28 -6.70 -4.21
C ASP A 58 -9.39 -5.63 -3.18
N ASP A 59 -8.77 -5.88 -2.03
CA ASP A 59 -8.73 -4.97 -0.90
C ASP A 59 -7.50 -4.17 -1.16
N PRO A 60 -7.33 -2.94 -0.71
CA PRO A 60 -6.10 -2.18 -0.98
C PRO A 60 -5.01 -2.66 -0.10
N TRP A 61 -5.39 -3.50 0.83
CA TRP A 61 -4.62 -3.98 1.91
C TRP A 61 -3.89 -5.26 1.73
N VAL A 62 -4.45 -6.22 1.01
CA VAL A 62 -3.82 -7.46 0.74
C VAL A 62 -2.82 -7.08 -0.34
N GLU A 63 -3.23 -6.12 -1.21
CA GLU A 63 -2.48 -5.53 -2.28
C GLU A 63 -1.33 -4.86 -1.58
N HIS A 64 -1.63 -3.99 -0.60
CA HIS A 64 -0.61 -3.34 0.19
C HIS A 64 -0.44 -4.21 1.41
N ALA A 65 0.03 -5.42 1.15
CA ALA A 65 0.59 -6.31 2.13
C ALA A 65 1.24 -7.44 1.39
N LYS A 66 1.31 -7.37 0.03
CA LYS A 66 1.94 -8.38 -0.77
C LYS A 66 3.43 -8.11 -0.87
N TRP A 67 3.72 -7.07 -1.65
CA TRP A 67 5.04 -6.63 -2.04
C TRP A 67 5.76 -5.72 -1.10
N PHE A 68 5.13 -5.26 0.01
CA PHE A 68 5.78 -4.32 0.87
C PHE A 68 6.85 -5.04 1.68
N PRO A 69 8.05 -4.53 1.92
CA PRO A 69 9.03 -5.20 2.78
C PRO A 69 8.57 -5.05 4.23
N ARG A 70 8.39 -3.80 4.70
CA ARG A 70 7.94 -3.44 6.02
C ARG A 70 7.28 -2.14 5.66
N CYS A 71 6.36 -1.66 6.49
CA CYS A 71 5.71 -0.40 6.33
C CYS A 71 5.57 -0.09 7.76
N GLU A 72 6.35 0.87 8.28
CA GLU A 72 6.37 1.32 9.65
C GLU A 72 5.19 2.18 9.90
N PHE A 73 4.63 2.75 8.81
CA PHE A 73 3.38 3.46 8.82
C PHE A 73 2.42 2.43 9.16
N LEU A 74 2.31 1.40 8.32
CA LEU A 74 1.27 0.43 8.51
C LEU A 74 1.53 -0.60 9.55
N ILE A 75 2.66 -0.53 10.25
CA ILE A 75 3.03 -1.54 11.20
C ILE A 75 2.24 -1.40 12.50
N ARG A 76 1.13 -0.63 12.46
CA ARG A 76 0.39 -0.28 13.66
C ARG A 76 -0.48 -1.41 14.10
N MET A 77 -1.70 -1.46 13.53
CA MET A 77 -2.61 -2.52 13.90
C MET A 77 -2.37 -3.54 12.87
N LYS A 78 -2.10 -3.11 11.65
CA LYS A 78 -1.92 -4.01 10.56
C LYS A 78 -0.68 -4.85 10.75
N GLY A 79 0.41 -4.25 11.14
CA GLY A 79 1.65 -5.00 11.15
C GLY A 79 1.82 -5.97 12.27
N GLN A 80 0.84 -6.05 13.18
CA GLN A 80 0.81 -6.95 14.28
C GLN A 80 -0.38 -7.81 14.18
N GLU A 81 -1.23 -7.61 13.17
CA GLU A 81 -2.49 -8.34 13.12
C GLU A 81 -2.78 -8.76 11.75
N PHE A 82 -2.61 -7.82 10.80
CA PHE A 82 -2.77 -8.07 9.40
C PHE A 82 -1.90 -9.14 9.00
N VAL A 83 -0.58 -8.84 8.98
CA VAL A 83 0.49 -9.64 8.49
C VAL A 83 0.57 -10.88 9.27
N ASP A 84 0.20 -10.79 10.54
CA ASP A 84 0.17 -11.90 11.45
C ASP A 84 -0.77 -12.97 10.92
N GLU A 85 -1.68 -12.48 10.08
CA GLU A 85 -2.63 -13.26 9.34
C GLU A 85 -2.14 -13.43 7.93
N ILE A 86 -1.86 -12.33 7.21
CA ILE A 86 -1.49 -12.33 5.81
C ILE A 86 -0.26 -13.13 5.53
N GLN A 87 0.74 -13.09 6.42
CA GLN A 87 1.95 -13.86 6.28
C GLN A 87 1.56 -15.30 6.46
N GLY A 88 0.50 -15.55 7.26
CA GLY A 88 0.04 -16.89 7.51
C GLY A 88 -0.72 -17.48 6.36
N ARG A 89 -1.01 -16.66 5.33
CA ARG A 89 -1.67 -17.05 4.14
C ARG A 89 -0.71 -17.12 3.01
N TYR A 90 0.50 -16.55 3.20
CA TYR A 90 1.50 -16.41 2.18
C TYR A 90 2.65 -17.32 2.50
N PRO A 91 2.63 -18.62 2.18
CA PRO A 91 3.74 -19.52 2.45
C PRO A 91 4.81 -19.33 1.41
N HIS A 92 4.62 -18.37 0.47
CA HIS A 92 5.52 -18.07 -0.62
C HIS A 92 6.15 -16.75 -0.30
N LEU A 93 6.08 -16.33 0.98
CA LEU A 93 6.58 -15.05 1.40
C LEU A 93 8.09 -14.93 1.36
N LEU A 94 8.79 -16.08 1.34
CA LEU A 94 10.23 -16.14 1.25
C LEU A 94 10.55 -15.97 -0.22
N GLU A 95 10.45 -14.71 -0.67
CA GLU A 95 10.63 -14.16 -1.98
C GLU A 95 12.09 -14.22 -2.32
N GLN A 96 12.57 -15.40 -2.75
CA GLN A 96 13.96 -15.61 -3.09
C GLN A 96 14.12 -15.44 -4.58
N LEU A 97 13.21 -16.03 -5.39
CA LEU A 97 13.20 -16.00 -6.84
C LEU A 97 14.22 -17.02 -7.29
N LEU A 98 14.01 -18.27 -6.82
CA LEU A 98 14.88 -19.42 -7.01
C LEU A 98 16.08 -19.07 -6.17
N SER A 99 17.33 -19.45 -6.54
CA SER A 99 18.55 -19.18 -5.77
C SER A 99 18.46 -19.78 -4.38
N THR A 100 17.60 -20.79 -4.23
CA THR A 100 17.27 -21.48 -3.03
C THR A 100 18.42 -22.38 -2.67
N SER A 101 19.07 -22.07 -1.55
CA SER A 101 20.18 -22.82 -1.02
C SER A 101 19.48 -23.59 0.08
ZN ZN B . 3.00 1.28 3.21
N GLY A 1 -8.91 24.16 3.10
CA GLY A 1 -9.07 22.74 2.74
C GLY A 1 -8.11 21.95 3.56
N SER A 2 -7.73 20.75 3.06
CA SER A 2 -6.84 19.84 3.73
C SER A 2 -5.40 20.26 3.58
N HIS A 3 -4.47 19.58 4.28
CA HIS A 3 -3.06 19.86 4.25
C HIS A 3 -2.45 19.07 3.13
N MET A 4 -1.21 19.40 2.74
CA MET A 4 -0.49 18.68 1.73
C MET A 4 0.64 18.01 2.47
N GLN A 5 1.58 17.38 1.73
CA GLN A 5 2.74 16.73 2.27
C GLN A 5 3.75 17.78 1.98
N THR A 6 4.32 17.67 0.78
CA THR A 6 5.21 18.62 0.22
C THR A 6 4.65 18.61 -1.17
N HIS A 7 4.93 19.69 -1.91
CA HIS A 7 4.57 20.05 -3.26
C HIS A 7 3.13 19.88 -3.75
N ALA A 8 2.50 18.71 -3.59
CA ALA A 8 1.17 18.43 -4.07
C ALA A 8 0.90 17.00 -3.89
N ALA A 9 1.96 16.20 -3.77
CA ALA A 9 1.98 14.76 -3.59
C ALA A 9 0.83 14.17 -2.87
N ARG A 10 0.54 14.61 -1.64
CA ARG A 10 -0.57 14.15 -0.83
C ARG A 10 -1.87 14.25 -1.54
N MET A 11 -2.04 15.26 -2.39
CA MET A 11 -3.29 15.41 -3.09
C MET A 11 -3.12 14.88 -4.49
N ARG A 12 -1.93 14.36 -4.80
CA ARG A 12 -1.64 13.83 -6.09
C ARG A 12 -1.99 12.37 -6.12
N THR A 13 -2.19 11.75 -4.95
CA THR A 13 -2.46 10.32 -4.83
C THR A 13 -3.94 10.21 -4.64
N PHE A 14 -4.56 11.32 -4.24
CA PHE A 14 -5.94 11.47 -3.90
C PHE A 14 -6.83 11.30 -5.12
N MET A 15 -6.26 11.51 -6.32
CA MET A 15 -6.91 11.42 -7.59
C MET A 15 -7.58 10.10 -7.91
N TYR A 16 -6.94 9.28 -8.74
CA TYR A 16 -7.55 8.07 -9.22
C TYR A 16 -6.59 7.22 -9.97
N TRP A 17 -7.13 6.13 -10.55
CA TRP A 17 -6.38 5.09 -11.18
C TRP A 17 -6.84 4.59 -12.55
N PRO A 18 -8.15 4.33 -12.78
CA PRO A 18 -8.71 4.20 -14.11
C PRO A 18 -9.21 5.62 -14.44
N SER A 19 -10.42 6.02 -13.95
CA SER A 19 -10.97 7.34 -14.09
C SER A 19 -11.60 7.82 -12.78
N SER A 20 -11.54 7.06 -11.64
CA SER A 20 -12.09 7.47 -10.35
C SER A 20 -11.78 6.24 -9.53
N VAL A 21 -11.76 6.29 -8.17
CA VAL A 21 -11.58 5.18 -7.30
C VAL A 21 -12.91 4.65 -6.78
N PRO A 22 -13.60 3.72 -7.44
CA PRO A 22 -14.86 3.18 -6.96
C PRO A 22 -14.64 2.06 -5.96
N VAL A 23 -13.38 1.79 -5.53
CA VAL A 23 -12.98 0.70 -4.66
C VAL A 23 -13.76 0.66 -3.36
N GLN A 24 -13.18 1.18 -2.27
CA GLN A 24 -13.79 1.30 -0.98
C GLN A 24 -12.74 2.24 -0.53
N PRO A 25 -12.81 3.51 -0.91
CA PRO A 25 -11.68 4.41 -0.81
C PRO A 25 -11.35 4.82 0.61
N GLU A 26 -12.28 4.61 1.57
CA GLU A 26 -12.08 4.98 2.95
C GLU A 26 -10.99 4.14 3.56
N GLN A 27 -10.90 2.87 3.12
CA GLN A 27 -9.95 1.91 3.63
C GLN A 27 -8.57 2.15 3.09
N LEU A 28 -8.48 2.74 1.88
CA LEU A 28 -7.26 3.05 1.17
C LEU A 28 -6.43 3.99 1.98
N ALA A 29 -7.12 4.95 2.63
CA ALA A 29 -6.54 6.01 3.45
C ALA A 29 -5.89 5.47 4.70
N SER A 30 -6.04 4.17 4.94
CA SER A 30 -5.50 3.44 6.03
C SER A 30 -4.49 2.49 5.43
N ALA A 31 -4.68 2.04 4.15
CA ALA A 31 -3.76 1.14 3.47
C ALA A 31 -2.50 1.82 2.98
N GLY A 32 -2.57 3.11 2.61
CA GLY A 32 -1.43 3.91 2.18
C GLY A 32 -1.60 4.28 0.75
N PHE A 33 -2.85 4.49 0.32
CA PHE A 33 -3.19 4.81 -1.00
C PHE A 33 -4.26 5.78 -0.82
N TYR A 34 -4.58 6.50 -1.92
CA TYR A 34 -5.55 7.55 -2.03
C TYR A 34 -5.15 8.57 -1.01
N TYR A 35 -4.53 9.66 -1.47
CA TYR A 35 -3.96 10.69 -0.66
C TYR A 35 -2.73 10.23 0.08
N VAL A 36 -2.75 9.00 0.63
CA VAL A 36 -1.75 8.49 1.52
C VAL A 36 -0.69 7.69 0.82
N GLY A 37 -0.76 7.57 -0.51
CA GLY A 37 0.33 6.92 -1.22
C GLY A 37 1.17 7.82 -2.08
N ARG A 38 1.75 7.22 -3.15
CA ARG A 38 2.72 7.83 -4.05
C ARG A 38 2.11 8.71 -5.13
N ASN A 39 2.61 8.60 -6.37
CA ASN A 39 2.20 9.44 -7.46
C ASN A 39 1.02 8.84 -8.17
N ASP A 40 1.28 8.19 -9.32
CA ASP A 40 0.30 7.57 -10.18
C ASP A 40 0.17 6.16 -9.67
N ASP A 41 1.34 5.52 -9.56
CA ASP A 41 1.64 4.20 -9.05
C ASP A 41 1.72 4.36 -7.57
N VAL A 42 0.58 4.74 -6.96
CA VAL A 42 0.35 4.94 -5.55
C VAL A 42 0.78 3.69 -4.78
N LYS A 43 2.01 3.72 -4.23
CA LYS A 43 2.61 2.64 -3.49
C LYS A 43 2.34 2.80 -2.02
N CYS A 44 2.87 3.90 -1.43
CA CYS A 44 2.73 4.23 -0.05
C CYS A 44 3.63 5.42 0.06
N PHE A 45 3.87 5.81 1.31
CA PHE A 45 4.70 6.86 1.80
C PHE A 45 5.88 6.17 2.43
N CYS A 46 5.67 5.58 3.64
CA CYS A 46 6.70 5.00 4.45
C CYS A 46 7.40 3.89 3.74
N CYS A 47 6.61 2.91 3.27
CA CYS A 47 7.13 1.79 2.57
C CYS A 47 7.36 2.12 1.11
N ASP A 48 8.63 2.25 0.67
CA ASP A 48 8.91 2.59 -0.71
C ASP A 48 8.66 1.38 -1.60
N GLY A 49 8.69 0.18 -1.00
CA GLY A 49 8.73 -1.06 -1.73
C GLY A 49 7.39 -1.56 -2.17
N GLY A 50 6.56 -0.67 -2.72
CA GLY A 50 5.29 -1.03 -3.28
C GLY A 50 5.61 -1.40 -4.71
N LEU A 51 4.78 -2.20 -5.40
CA LEU A 51 5.14 -2.66 -6.73
C LEU A 51 4.07 -2.40 -7.78
N ARG A 52 2.78 -2.54 -7.45
CA ARG A 52 1.73 -2.34 -8.42
C ARG A 52 0.59 -1.84 -7.61
N CYS A 53 -0.56 -1.63 -8.28
CA CYS A 53 -1.78 -1.15 -7.69
C CYS A 53 -2.80 -2.27 -7.69
N TRP A 54 -3.73 -2.30 -8.67
CA TRP A 54 -4.81 -3.26 -8.71
C TRP A 54 -5.38 -3.10 -10.07
N GLU A 55 -6.62 -3.61 -10.26
CA GLU A 55 -7.36 -3.44 -11.48
C GLU A 55 -8.54 -2.63 -11.02
N SER A 56 -9.45 -3.25 -10.25
CA SER A 56 -10.64 -2.58 -9.79
C SER A 56 -11.02 -3.18 -8.47
N GLY A 57 -11.62 -4.38 -8.47
CA GLY A 57 -12.31 -4.93 -7.31
C GLY A 57 -11.37 -5.74 -6.48
N ASP A 58 -10.19 -5.17 -6.21
CA ASP A 58 -9.15 -5.77 -5.43
C ASP A 58 -9.22 -5.02 -4.10
N ASP A 59 -8.32 -5.32 -3.14
CA ASP A 59 -8.28 -4.66 -1.84
C ASP A 59 -6.96 -3.96 -1.88
N PRO A 60 -6.73 -2.82 -1.22
CA PRO A 60 -5.45 -2.15 -1.36
C PRO A 60 -4.50 -2.75 -0.41
N TRP A 61 -5.03 -3.49 0.55
CA TRP A 61 -4.36 -4.00 1.68
C TRP A 61 -3.70 -5.30 1.52
N VAL A 62 -4.32 -6.25 0.84
CA VAL A 62 -3.79 -7.54 0.60
C VAL A 62 -2.64 -7.32 -0.33
N GLU A 63 -2.78 -6.38 -1.29
CA GLU A 63 -1.75 -6.05 -2.23
C GLU A 63 -0.71 -5.24 -1.50
N HIS A 64 -1.13 -4.35 -0.57
CA HIS A 64 -0.20 -3.61 0.26
C HIS A 64 -0.07 -4.48 1.50
N ALA A 65 0.35 -5.72 1.27
CA ALA A 65 0.84 -6.61 2.27
C ALA A 65 1.57 -7.76 1.58
N LYS A 66 1.94 -7.58 0.29
CA LYS A 66 2.64 -8.55 -0.53
C LYS A 66 4.10 -8.23 -0.67
N TRP A 67 4.35 -7.20 -1.47
CA TRP A 67 5.62 -6.75 -1.94
C TRP A 67 6.33 -5.76 -1.05
N PHE A 68 5.63 -5.21 -0.04
CA PHE A 68 6.16 -4.15 0.78
C PHE A 68 7.33 -4.64 1.63
N PRO A 69 8.44 -3.97 1.81
CA PRO A 69 9.50 -4.44 2.69
C PRO A 69 9.04 -4.51 4.14
N ARG A 70 8.82 -3.36 4.77
CA ARG A 70 8.44 -3.15 6.13
C ARG A 70 7.65 -1.90 5.91
N CYS A 71 6.56 -1.67 6.62
CA CYS A 71 5.81 -0.44 6.46
C CYS A 71 5.62 -0.08 7.87
N GLU A 72 6.46 0.83 8.39
CA GLU A 72 6.43 1.35 9.75
C GLU A 72 5.23 2.23 9.91
N PHE A 73 4.70 2.75 8.78
CA PHE A 73 3.44 3.45 8.76
C PHE A 73 2.46 2.45 9.13
N LEU A 74 2.35 1.38 8.34
CA LEU A 74 1.30 0.43 8.53
C LEU A 74 1.52 -0.59 9.58
N ILE A 75 2.64 -0.53 10.31
CA ILE A 75 2.98 -1.52 11.28
C ILE A 75 2.18 -1.31 12.57
N ARG A 76 1.05 -0.57 12.47
CA ARG A 76 0.30 -0.18 13.65
C ARG A 76 -0.63 -1.26 14.07
N MET A 77 -1.75 -1.39 13.32
CA MET A 77 -2.72 -2.40 13.64
C MET A 77 -2.67 -3.40 12.54
N LYS A 78 -1.94 -3.13 11.46
CA LYS A 78 -1.86 -4.06 10.40
C LYS A 78 -0.69 -4.95 10.64
N GLY A 79 0.46 -4.41 10.99
CA GLY A 79 1.66 -5.24 10.98
C GLY A 79 1.72 -6.23 12.12
N GLN A 80 0.80 -6.11 13.08
CA GLN A 80 0.71 -6.97 14.20
C GLN A 80 -0.56 -7.74 14.14
N GLU A 81 -1.33 -7.65 13.04
CA GLU A 81 -2.55 -8.41 12.97
C GLU A 81 -2.72 -8.88 11.59
N PHE A 82 -2.64 -7.96 10.62
CA PHE A 82 -2.76 -8.20 9.21
C PHE A 82 -1.95 -9.31 8.82
N VAL A 83 -0.63 -9.09 8.81
CA VAL A 83 0.40 -9.92 8.31
C VAL A 83 0.50 -11.14 9.11
N ASP A 84 0.16 -11.05 10.40
CA ASP A 84 0.12 -12.18 11.30
C ASP A 84 -0.85 -13.21 10.76
N GLU A 85 -1.82 -12.66 10.05
CA GLU A 85 -2.88 -13.39 9.40
C GLU A 85 -2.56 -13.62 7.97
N ILE A 86 -2.14 -12.58 7.23
CA ILE A 86 -1.83 -12.60 5.82
C ILE A 86 -0.68 -13.51 5.53
N GLN A 87 0.32 -13.55 6.42
CA GLN A 87 1.46 -14.42 6.25
C GLN A 87 1.04 -15.82 6.53
N GLY A 88 -0.08 -15.97 7.27
CA GLY A 88 -0.60 -17.30 7.54
C GLY A 88 -1.14 -17.93 6.30
N ARG A 89 -1.44 -17.09 5.30
CA ARG A 89 -1.99 -17.45 4.03
C ARG A 89 -0.94 -17.48 2.97
N TYR A 90 0.13 -16.72 3.19
CA TYR A 90 1.21 -16.54 2.26
C TYR A 90 2.46 -17.21 2.74
N PRO A 91 2.64 -18.53 2.77
CA PRO A 91 3.89 -19.16 3.20
C PRO A 91 4.92 -19.08 2.08
N HIS A 92 5.16 -17.87 1.56
CA HIS A 92 6.09 -17.58 0.51
C HIS A 92 6.17 -16.08 0.56
N LEU A 93 5.99 -15.50 1.77
CA LEU A 93 6.02 -14.06 1.93
C LEU A 93 7.47 -13.67 2.15
N LEU A 94 7.67 -12.38 2.49
CA LEU A 94 8.92 -11.73 2.74
C LEU A 94 9.69 -11.52 1.46
N GLU A 95 10.94 -11.04 1.60
CA GLU A 95 11.83 -10.73 0.54
C GLU A 95 12.74 -11.91 0.38
N GLN A 96 13.48 -11.97 -0.75
CA GLN A 96 14.47 -12.97 -1.06
C GLN A 96 15.69 -12.20 -0.67
N LEU A 97 16.30 -12.54 0.48
CA LEU A 97 17.43 -11.79 0.96
C LEU A 97 18.17 -12.61 1.96
N LEU A 98 17.45 -13.34 2.83
CA LEU A 98 18.03 -14.12 3.88
C LEU A 98 18.37 -15.48 3.36
N SER A 99 19.60 -15.92 3.65
CA SER A 99 20.27 -17.18 3.34
C SER A 99 19.70 -18.02 2.20
N THR A 100 19.20 -19.23 2.49
CA THR A 100 18.72 -20.12 1.47
C THR A 100 17.74 -21.04 2.17
N SER A 101 16.75 -20.46 2.86
CA SER A 101 15.68 -21.20 3.47
C SER A 101 14.40 -20.65 2.85
ZN ZN B . 3.11 1.11 3.27
N GLY A 1 8.12 15.85 10.77
CA GLY A 1 8.71 15.74 9.44
C GLY A 1 7.65 16.02 8.44
N SER A 2 7.92 16.91 7.48
CA SER A 2 6.98 17.35 6.49
C SER A 2 7.61 17.11 5.14
N HIS A 3 8.07 15.87 4.87
CA HIS A 3 8.82 15.63 3.65
C HIS A 3 7.99 15.42 2.39
N MET A 4 7.11 14.41 2.35
CA MET A 4 6.40 14.12 1.11
C MET A 4 4.97 13.71 1.34
N GLN A 5 4.37 14.18 2.44
CA GLN A 5 3.02 13.80 2.82
C GLN A 5 2.24 15.07 2.97
N THR A 6 2.64 16.09 2.22
CA THR A 6 2.13 17.41 2.39
C THR A 6 2.41 18.01 1.04
N HIS A 7 2.49 19.35 0.96
CA HIS A 7 2.80 20.20 -0.19
C HIS A 7 1.86 20.12 -1.36
N ALA A 8 1.63 18.91 -1.88
CA ALA A 8 0.77 18.68 -2.99
C ALA A 8 0.56 17.24 -3.07
N ALA A 9 1.58 16.47 -2.68
CA ALA A 9 1.71 15.06 -2.64
C ALA A 9 0.45 14.41 -2.19
N ARG A 10 -0.05 14.84 -1.04
CA ARG A 10 -1.28 14.43 -0.43
C ARG A 10 -2.45 14.40 -1.38
N MET A 11 -2.50 15.34 -2.33
CA MET A 11 -3.59 15.38 -3.28
C MET A 11 -3.10 14.89 -4.60
N ARG A 12 -1.80 14.62 -4.71
CA ARG A 12 -1.19 14.16 -5.90
C ARG A 12 -1.44 12.68 -6.12
N THR A 13 -1.90 11.97 -5.07
CA THR A 13 -2.09 10.52 -5.12
C THR A 13 -3.57 10.25 -5.00
N PHE A 14 -4.34 11.29 -4.66
CA PHE A 14 -5.75 11.25 -4.39
C PHE A 14 -6.52 11.15 -5.69
N MET A 15 -5.77 11.06 -6.79
CA MET A 15 -6.14 10.92 -8.15
C MET A 15 -6.72 9.53 -8.31
N TYR A 16 -6.24 8.76 -9.28
CA TYR A 16 -6.93 7.56 -9.63
C TYR A 16 -6.32 6.64 -10.66
N TRP A 17 -6.79 5.39 -10.54
CA TRP A 17 -6.36 4.24 -11.27
C TRP A 17 -6.86 4.00 -12.69
N PRO A 18 -8.19 4.06 -12.94
CA PRO A 18 -8.74 4.22 -14.28
C PRO A 18 -8.90 5.73 -14.40
N SER A 19 -10.11 6.30 -14.09
CA SER A 19 -10.38 7.71 -14.11
C SER A 19 -11.24 8.06 -12.88
N SER A 20 -11.21 7.26 -11.77
CA SER A 20 -11.93 7.45 -10.52
C SER A 20 -11.62 6.21 -9.74
N VAL A 21 -11.52 6.20 -8.38
CA VAL A 21 -11.36 5.04 -7.60
C VAL A 21 -12.70 4.57 -7.07
N PRO A 22 -13.48 3.72 -7.75
CA PRO A 22 -14.76 3.23 -7.25
C PRO A 22 -14.54 2.04 -6.35
N VAL A 23 -13.39 1.91 -5.64
CA VAL A 23 -13.20 0.78 -4.77
C VAL A 23 -13.94 1.04 -3.46
N GLN A 24 -13.23 1.34 -2.37
CA GLN A 24 -13.86 1.67 -1.10
C GLN A 24 -12.72 2.53 -0.70
N PRO A 25 -12.66 3.78 -1.13
CA PRO A 25 -11.45 4.59 -1.00
C PRO A 25 -11.19 5.05 0.41
N GLU A 26 -12.10 4.75 1.34
CA GLU A 26 -12.00 5.05 2.75
C GLU A 26 -10.97 4.11 3.34
N GLN A 27 -10.95 2.86 2.84
CA GLN A 27 -10.03 1.85 3.30
C GLN A 27 -8.63 2.17 2.81
N LEU A 28 -8.52 2.74 1.61
CA LEU A 28 -7.30 3.10 0.92
C LEU A 28 -6.47 4.01 1.76
N ALA A 29 -7.07 5.07 2.32
CA ALA A 29 -6.38 6.05 3.15
C ALA A 29 -5.74 5.45 4.39
N SER A 30 -6.23 4.28 4.82
CA SER A 30 -5.72 3.59 5.98
C SER A 30 -4.71 2.59 5.45
N ALA A 31 -4.90 2.09 4.22
CA ALA A 31 -4.00 1.14 3.59
C ALA A 31 -2.71 1.79 3.13
N GLY A 32 -2.73 3.11 2.87
CA GLY A 32 -1.62 3.98 2.48
C GLY A 32 -1.72 4.26 1.03
N PHE A 33 -2.95 4.21 0.49
CA PHE A 33 -3.27 4.34 -0.90
C PHE A 33 -4.21 5.45 -0.98
N TYR A 34 -4.37 6.08 -2.15
CA TYR A 34 -5.18 7.25 -2.46
C TYR A 34 -4.74 8.34 -1.52
N TYR A 35 -4.28 9.50 -1.96
CA TYR A 35 -3.78 10.54 -1.05
C TYR A 35 -2.50 10.20 -0.35
N VAL A 36 -2.36 8.94 0.10
CA VAL A 36 -1.32 8.47 0.96
C VAL A 36 -0.23 7.76 0.17
N GLY A 37 -0.49 7.43 -1.10
CA GLY A 37 0.57 6.91 -1.94
C GLY A 37 1.38 7.97 -2.63
N ARG A 38 1.98 7.63 -3.79
CA ARG A 38 2.71 8.60 -4.54
C ARG A 38 2.78 8.13 -5.96
N ASN A 39 2.80 9.11 -6.89
CA ASN A 39 2.89 9.01 -8.32
C ASN A 39 1.63 8.58 -9.02
N ASP A 40 1.55 7.30 -9.39
CA ASP A 40 0.50 6.73 -10.19
C ASP A 40 0.29 5.37 -9.62
N ASP A 41 1.35 4.55 -9.70
CA ASP A 41 1.42 3.20 -9.16
C ASP A 41 1.68 3.35 -7.70
N VAL A 42 0.72 4.00 -7.00
CA VAL A 42 0.63 4.37 -5.62
C VAL A 42 1.33 3.37 -4.73
N LYS A 43 2.49 3.81 -4.21
CA LYS A 43 3.31 3.03 -3.35
C LYS A 43 2.80 3.20 -1.96
N CYS A 44 3.33 4.21 -1.24
CA CYS A 44 2.98 4.52 0.10
C CYS A 44 3.96 5.62 0.33
N PHE A 45 4.12 5.96 1.62
CA PHE A 45 4.99 6.97 2.12
C PHE A 45 6.07 6.30 2.87
N CYS A 46 5.73 5.48 3.88
CA CYS A 46 6.73 4.85 4.71
C CYS A 46 7.37 3.77 3.92
N CYS A 47 6.51 2.85 3.45
CA CYS A 47 6.99 1.75 2.69
C CYS A 47 7.31 2.23 1.30
N ASP A 48 8.54 1.97 0.82
CA ASP A 48 8.95 2.42 -0.48
C ASP A 48 8.43 1.44 -1.48
N GLY A 49 8.30 0.17 -1.03
CA GLY A 49 8.08 -0.98 -1.87
C GLY A 49 6.64 -1.30 -2.09
N GLY A 50 5.82 -0.28 -2.29
CA GLY A 50 4.43 -0.46 -2.58
C GLY A 50 4.32 -0.50 -4.08
N LEU A 51 3.14 -0.85 -4.60
CA LEU A 51 2.79 -0.93 -5.98
C LEU A 51 1.30 -0.86 -5.86
N ARG A 52 0.57 -0.85 -6.99
CA ARG A 52 -0.86 -0.77 -7.04
C ARG A 52 -1.14 -1.74 -8.15
N CYS A 53 -2.00 -2.75 -7.93
CA CYS A 53 -2.34 -3.72 -8.94
C CYS A 53 -3.51 -4.44 -8.34
N TRP A 54 -4.74 -4.08 -8.73
CA TRP A 54 -5.91 -4.71 -8.19
C TRP A 54 -6.38 -5.76 -9.16
N GLU A 55 -6.70 -6.97 -8.67
CA GLU A 55 -7.18 -8.02 -9.54
C GLU A 55 -8.66 -7.95 -9.71
N SER A 56 -9.45 -8.41 -8.71
CA SER A 56 -10.87 -8.53 -8.91
C SER A 56 -11.65 -8.00 -7.74
N GLY A 57 -11.59 -6.67 -7.50
CA GLY A 57 -12.34 -6.05 -6.43
C GLY A 57 -11.71 -6.46 -5.15
N ASP A 58 -10.38 -6.32 -5.12
CA ASP A 58 -9.56 -6.72 -4.01
C ASP A 58 -9.65 -5.66 -2.95
N ASP A 59 -8.88 -5.85 -1.88
CA ASP A 59 -8.79 -4.98 -0.73
C ASP A 59 -7.57 -4.18 -1.04
N PRO A 60 -7.38 -2.94 -0.61
CA PRO A 60 -6.16 -2.20 -0.92
C PRO A 60 -5.08 -2.66 0.01
N TRP A 61 -5.49 -3.47 0.96
CA TRP A 61 -4.75 -3.92 2.05
C TRP A 61 -4.02 -5.20 1.89
N VAL A 62 -4.57 -6.17 1.17
CA VAL A 62 -3.92 -7.40 0.91
C VAL A 62 -2.89 -7.03 -0.13
N GLU A 63 -3.23 -6.06 -1.04
CA GLU A 63 -2.38 -5.48 -2.04
C GLU A 63 -1.25 -4.89 -1.26
N HIS A 64 -1.59 -3.99 -0.31
CA HIS A 64 -0.63 -3.35 0.52
C HIS A 64 -0.51 -4.21 1.76
N ALA A 65 -0.10 -5.45 1.52
CA ALA A 65 0.37 -6.35 2.52
C ALA A 65 1.10 -7.45 1.84
N LYS A 66 1.17 -7.45 0.49
CA LYS A 66 1.90 -8.45 -0.24
C LYS A 66 3.35 -8.10 -0.42
N TRP A 67 3.57 -7.08 -1.26
CA TRP A 67 4.84 -6.67 -1.77
C TRP A 67 5.64 -5.69 -0.95
N PHE A 68 5.10 -5.11 0.14
CA PHE A 68 5.79 -4.08 0.87
C PHE A 68 7.03 -4.60 1.60
N PRO A 69 8.20 -3.97 1.62
CA PRO A 69 9.34 -4.47 2.37
C PRO A 69 9.09 -4.47 3.87
N ARG A 70 8.61 -3.35 4.42
CA ARG A 70 8.34 -3.11 5.81
C ARG A 70 7.52 -1.88 5.63
N CYS A 71 6.43 -1.70 6.39
CA CYS A 71 5.68 -0.49 6.34
C CYS A 71 5.53 -0.22 7.78
N GLU A 72 6.38 0.66 8.31
CA GLU A 72 6.44 1.09 9.69
C GLU A 72 5.29 1.99 10.00
N PHE A 73 4.71 2.59 8.93
CA PHE A 73 3.49 3.36 8.99
C PHE A 73 2.48 2.37 9.35
N LEU A 74 2.34 1.34 8.54
CA LEU A 74 1.28 0.41 8.71
C LEU A 74 1.55 -0.67 9.69
N ILE A 75 2.70 -0.67 10.35
CA ILE A 75 3.08 -1.74 11.22
C ILE A 75 2.36 -1.63 12.55
N ARG A 76 1.30 -0.80 12.59
CA ARG A 76 0.62 -0.46 13.83
C ARG A 76 -0.28 -1.57 14.29
N MET A 77 -1.45 -1.66 13.65
CA MET A 77 -2.41 -2.68 14.01
C MET A 77 -2.31 -3.65 12.89
N LYS A 78 -1.92 -3.18 11.70
CA LYS A 78 -1.84 -4.06 10.59
C LYS A 78 -0.63 -4.95 10.72
N GLY A 79 0.52 -4.39 11.01
CA GLY A 79 1.75 -5.17 10.93
C GLY A 79 1.98 -6.15 12.02
N GLN A 80 1.07 -6.22 12.99
CA GLN A 80 1.14 -7.11 14.08
C GLN A 80 -0.06 -7.99 14.07
N GLU A 81 -1.01 -7.75 13.15
CA GLU A 81 -2.24 -8.51 13.18
C GLU A 81 -2.61 -8.88 11.81
N PHE A 82 -2.56 -7.93 10.86
CA PHE A 82 -2.79 -8.16 9.47
C PHE A 82 -1.94 -9.22 8.97
N VAL A 83 -0.63 -8.91 8.88
CA VAL A 83 0.40 -9.66 8.27
C VAL A 83 0.58 -10.91 8.98
N ASP A 84 0.30 -10.91 10.29
CA ASP A 84 0.37 -12.07 11.13
C ASP A 84 -0.58 -13.14 10.61
N GLU A 85 -1.59 -12.60 9.94
CA GLU A 85 -2.64 -13.33 9.27
C GLU A 85 -2.27 -13.54 7.85
N ILE A 86 -2.01 -12.46 7.08
CA ILE A 86 -1.65 -12.47 5.66
C ILE A 86 -0.48 -13.39 5.43
N GLN A 87 0.54 -13.37 6.29
CA GLN A 87 1.70 -14.20 6.12
C GLN A 87 1.37 -15.61 6.42
N GLY A 88 0.29 -15.83 7.20
CA GLY A 88 -0.09 -17.16 7.59
C GLY A 88 -0.72 -17.88 6.45
N ARG A 89 -1.19 -17.10 5.46
CA ARG A 89 -1.84 -17.56 4.28
C ARG A 89 -0.91 -17.56 3.11
N TYR A 90 0.14 -16.74 3.18
CA TYR A 90 1.06 -16.47 2.09
C TYR A 90 2.43 -16.98 2.48
N PRO A 91 2.78 -18.25 2.33
CA PRO A 91 4.10 -18.77 2.66
C PRO A 91 5.11 -18.44 1.57
N HIS A 92 4.89 -17.38 0.78
CA HIS A 92 5.77 -16.97 -0.28
C HIS A 92 5.97 -15.50 -0.12
N LEU A 93 5.59 -14.95 1.05
CA LEU A 93 5.61 -13.52 1.33
C LEU A 93 6.98 -12.87 1.28
N LEU A 94 8.01 -13.62 1.71
CA LEU A 94 9.40 -13.19 1.78
C LEU A 94 9.92 -12.40 0.60
N GLU A 95 10.61 -11.29 0.92
CA GLU A 95 11.18 -10.33 0.00
C GLU A 95 12.32 -10.97 -0.76
N GLN A 96 12.52 -10.50 -2.00
CA GLN A 96 13.54 -10.96 -2.91
C GLN A 96 14.67 -9.99 -2.72
N LEU A 97 15.51 -10.27 -1.69
CA LEU A 97 16.64 -9.45 -1.33
C LEU A 97 17.88 -10.17 -1.77
N LEU A 98 18.07 -11.41 -1.30
CA LEU A 98 19.20 -12.25 -1.59
C LEU A 98 18.55 -13.56 -1.90
N SER A 99 19.35 -14.63 -2.14
CA SER A 99 18.83 -15.94 -2.41
C SER A 99 19.86 -16.82 -1.75
N THR A 100 19.53 -17.42 -0.59
CA THR A 100 20.46 -18.24 0.14
C THR A 100 19.57 -18.97 1.11
N SER A 101 20.11 -20.03 1.73
CA SER A 101 19.51 -20.77 2.80
C SER A 101 20.59 -20.57 3.87
ZN ZN B . 2.97 1.28 3.33
N GLY A 1 13.96 12.63 6.65
CA GLY A 1 14.58 13.33 5.50
C GLY A 1 13.62 12.96 4.43
N SER A 2 13.30 13.88 3.49
CA SER A 2 12.36 13.62 2.42
C SER A 2 10.98 13.49 3.01
N HIS A 3 10.40 14.62 3.45
CA HIS A 3 9.09 14.64 4.05
C HIS A 3 8.10 14.92 2.96
N MET A 4 7.86 13.91 2.10
CA MET A 4 6.92 14.01 1.00
C MET A 4 5.61 13.52 1.54
N GLN A 5 4.96 14.33 2.39
CA GLN A 5 3.73 13.95 3.03
C GLN A 5 2.79 15.12 3.00
N THR A 6 3.24 16.25 2.43
CA THR A 6 2.56 17.50 2.49
C THR A 6 2.78 18.04 1.09
N HIS A 7 2.94 19.37 0.94
CA HIS A 7 3.24 20.16 -0.24
C HIS A 7 2.25 20.07 -1.37
N ALA A 8 1.92 18.85 -1.78
CA ALA A 8 1.04 18.58 -2.87
C ALA A 8 0.78 17.14 -2.91
N ALA A 9 1.69 16.33 -2.34
CA ALA A 9 1.70 14.89 -2.20
C ALA A 9 0.33 14.42 -1.84
N ARG A 10 -0.22 14.97 -0.77
CA ARG A 10 -1.56 14.81 -0.23
C ARG A 10 -2.65 14.79 -1.30
N MET A 11 -2.47 15.45 -2.44
CA MET A 11 -3.44 15.42 -3.52
C MET A 11 -2.84 14.78 -4.72
N ARG A 12 -1.53 14.60 -4.74
CA ARG A 12 -0.78 14.07 -5.83
C ARG A 12 -1.10 12.61 -6.09
N THR A 13 -1.74 11.93 -5.11
CA THR A 13 -2.02 10.52 -5.12
C THR A 13 -3.50 10.31 -5.02
N PHE A 14 -4.24 11.41 -4.89
CA PHE A 14 -5.68 11.38 -4.68
C PHE A 14 -6.34 11.41 -6.05
N MET A 15 -5.55 11.12 -7.07
CA MET A 15 -5.87 11.05 -8.44
C MET A 15 -6.72 9.81 -8.66
N TYR A 16 -6.23 8.83 -9.41
CA TYR A 16 -7.02 7.71 -9.80
C TYR A 16 -6.26 6.70 -10.59
N TRP A 17 -6.93 5.59 -10.86
CA TRP A 17 -6.38 4.40 -11.45
C TRP A 17 -6.95 3.92 -12.77
N PRO A 18 -8.30 3.86 -12.93
CA PRO A 18 -8.95 3.85 -14.23
C PRO A 18 -9.24 5.34 -14.43
N SER A 19 -10.48 5.82 -14.14
CA SER A 19 -10.89 7.20 -14.20
C SER A 19 -11.37 7.77 -12.86
N SER A 20 -11.44 6.98 -11.75
CA SER A 20 -11.96 7.42 -10.45
C SER A 20 -11.67 6.21 -9.59
N VAL A 21 -11.72 6.25 -8.25
CA VAL A 21 -11.55 5.12 -7.40
C VAL A 21 -12.90 4.60 -6.93
N PRO A 22 -13.55 3.63 -7.59
CA PRO A 22 -14.82 3.07 -7.15
C PRO A 22 -14.59 2.00 -6.10
N VAL A 23 -13.44 2.00 -5.39
CA VAL A 23 -13.16 0.96 -4.42
C VAL A 23 -13.87 1.28 -3.10
N GLN A 24 -13.12 1.35 -1.99
CA GLN A 24 -13.64 1.61 -0.65
C GLN A 24 -12.61 2.62 -0.39
N PRO A 25 -12.71 3.86 -0.87
CA PRO A 25 -11.57 4.74 -0.91
C PRO A 25 -11.16 5.26 0.45
N GLU A 26 -12.00 5.02 1.46
CA GLU A 26 -11.82 5.37 2.84
C GLU A 26 -10.67 4.59 3.39
N GLN A 27 -10.70 3.27 3.19
CA GLN A 27 -9.73 2.32 3.70
C GLN A 27 -8.41 2.41 3.03
N LEU A 28 -8.37 2.99 1.82
CA LEU A 28 -7.18 3.19 1.05
C LEU A 28 -6.25 4.09 1.80
N ALA A 29 -6.82 5.12 2.43
CA ALA A 29 -6.08 6.11 3.19
C ALA A 29 -5.45 5.50 4.42
N SER A 30 -5.97 4.35 4.85
CA SER A 30 -5.52 3.60 5.98
C SER A 30 -4.50 2.63 5.47
N ALA A 31 -4.65 2.17 4.20
CA ALA A 31 -3.75 1.23 3.59
C ALA A 31 -2.48 1.90 3.04
N GLY A 32 -2.56 3.20 2.66
CA GLY A 32 -1.45 4.03 2.20
C GLY A 32 -1.54 4.33 0.74
N PHE A 33 -2.77 4.47 0.23
CA PHE A 33 -3.10 4.64 -1.15
C PHE A 33 -4.10 5.72 -1.07
N TYR A 34 -4.38 6.38 -2.22
CA TYR A 34 -5.31 7.47 -2.40
C TYR A 34 -4.87 8.55 -1.46
N TYR A 35 -4.29 9.66 -1.94
CA TYR A 35 -3.74 10.73 -1.10
C TYR A 35 -2.50 10.32 -0.37
N VAL A 36 -2.48 9.06 0.12
CA VAL A 36 -1.49 8.54 1.02
C VAL A 36 -0.38 7.80 0.32
N GLY A 37 -0.53 7.49 -0.98
CA GLY A 37 0.58 6.92 -1.72
C GLY A 37 1.30 7.92 -2.60
N ARG A 38 1.56 7.57 -3.89
CA ARG A 38 2.28 8.40 -4.83
C ARG A 38 1.42 8.29 -6.08
N ASN A 39 1.70 9.08 -7.14
CA ASN A 39 1.02 9.24 -8.43
C ASN A 39 -0.34 8.61 -8.60
N ASP A 40 -0.38 7.45 -9.27
CA ASP A 40 -1.54 6.67 -9.59
C ASP A 40 -1.23 5.33 -9.03
N ASP A 41 -0.07 4.76 -9.42
CA ASP A 41 0.50 3.52 -8.93
C ASP A 41 1.03 3.77 -7.54
N VAL A 42 0.14 4.10 -6.59
CA VAL A 42 0.37 4.37 -5.19
C VAL A 42 1.29 3.34 -4.57
N LYS A 43 2.40 3.81 -3.96
CA LYS A 43 3.41 2.96 -3.37
C LYS A 43 3.71 3.47 -1.99
N CYS A 44 2.68 3.96 -1.26
CA CYS A 44 2.77 4.42 0.10
C CYS A 44 3.68 5.62 0.30
N PHE A 45 3.98 5.85 1.59
CA PHE A 45 4.80 6.89 2.13
C PHE A 45 5.94 6.26 2.86
N CYS A 46 5.64 5.59 4.01
CA CYS A 46 6.67 5.02 4.86
C CYS A 46 7.37 3.94 4.11
N CYS A 47 6.55 3.03 3.57
CA CYS A 47 7.04 2.00 2.74
C CYS A 47 7.17 2.57 1.35
N ASP A 48 7.98 1.93 0.50
CA ASP A 48 8.10 2.31 -0.87
C ASP A 48 7.66 1.01 -1.43
N GLY A 49 8.60 0.17 -1.91
CA GLY A 49 8.30 -1.19 -2.27
C GLY A 49 7.39 -1.12 -3.45
N GLY A 50 6.12 -1.51 -3.21
CA GLY A 50 5.03 -1.38 -4.13
C GLY A 50 5.22 -2.09 -5.45
N LEU A 51 4.28 -1.92 -6.41
CA LEU A 51 4.43 -2.55 -7.70
C LEU A 51 3.43 -1.97 -8.66
N ARG A 52 2.14 -2.35 -8.51
CA ARG A 52 1.08 -1.94 -9.41
C ARG A 52 -0.08 -1.89 -8.47
N CYS A 53 -1.31 -1.99 -8.98
CA CYS A 53 -2.51 -1.97 -8.18
C CYS A 53 -3.47 -2.86 -8.92
N TRP A 54 -4.52 -3.29 -8.19
CA TRP A 54 -5.72 -4.09 -8.42
C TRP A 54 -6.37 -4.14 -9.77
N GLU A 55 -7.67 -4.50 -9.77
CA GLU A 55 -8.50 -4.58 -10.93
C GLU A 55 -9.75 -3.83 -10.64
N SER A 56 -10.53 -4.30 -9.65
CA SER A 56 -11.80 -3.72 -9.35
C SER A 56 -12.09 -3.91 -7.88
N GLY A 57 -12.81 -4.98 -7.50
CA GLY A 57 -13.31 -5.20 -6.17
C GLY A 57 -12.31 -6.00 -5.40
N ASP A 58 -11.08 -5.47 -5.34
CA ASP A 58 -9.97 -6.08 -4.65
C ASP A 58 -9.88 -5.37 -3.31
N ASP A 59 -8.76 -5.48 -2.59
CA ASP A 59 -8.57 -4.86 -1.28
C ASP A 59 -7.31 -4.10 -1.47
N PRO A 60 -7.05 -2.93 -0.91
CA PRO A 60 -5.80 -2.24 -1.17
C PRO A 60 -4.75 -2.76 -0.25
N TRP A 61 -5.21 -3.50 0.75
CA TRP A 61 -4.47 -3.96 1.84
C TRP A 61 -3.82 -5.28 1.68
N VAL A 62 -4.46 -6.23 1.01
CA VAL A 62 -3.93 -7.54 0.80
C VAL A 62 -2.76 -7.39 -0.13
N GLU A 63 -2.87 -6.43 -1.07
CA GLU A 63 -1.85 -6.16 -2.03
C GLU A 63 -0.87 -5.25 -1.39
N HIS A 64 -1.32 -4.34 -0.48
CA HIS A 64 -0.38 -3.55 0.31
C HIS A 64 -0.22 -4.42 1.55
N ALA A 65 0.23 -5.63 1.29
CA ALA A 65 0.74 -6.56 2.24
C ALA A 65 1.41 -7.66 1.42
N LYS A 66 1.51 -7.51 0.08
CA LYS A 66 2.19 -8.44 -0.79
C LYS A 66 3.63 -8.01 -0.98
N TRP A 67 3.80 -7.09 -1.95
CA TRP A 67 5.02 -6.57 -2.51
C TRP A 67 5.79 -5.60 -1.63
N PHE A 68 5.23 -5.14 -0.50
CA PHE A 68 5.91 -4.13 0.26
C PHE A 68 7.07 -4.72 1.04
N PRO A 69 8.18 -4.04 1.33
CA PRO A 69 9.23 -4.56 2.19
C PRO A 69 8.70 -4.74 3.61
N ARG A 70 8.34 -3.63 4.29
CA ARG A 70 7.87 -3.53 5.63
C ARG A 70 7.27 -2.16 5.53
N CYS A 71 6.35 -1.78 6.44
CA CYS A 71 5.75 -0.49 6.43
C CYS A 71 5.60 -0.21 7.87
N GLU A 72 6.38 0.71 8.42
CA GLU A 72 6.35 1.11 9.82
C GLU A 72 5.11 1.90 10.06
N PHE A 73 4.64 2.60 9.01
CA PHE A 73 3.38 3.33 9.02
C PHE A 73 2.36 2.33 9.37
N LEU A 74 2.35 1.24 8.60
CA LEU A 74 1.33 0.26 8.75
C LEU A 74 1.62 -0.84 9.70
N ILE A 75 2.77 -0.83 10.38
CA ILE A 75 3.15 -1.92 11.24
C ILE A 75 2.42 -1.83 12.57
N ARG A 76 1.37 -0.97 12.60
CA ARG A 76 0.69 -0.64 13.84
C ARG A 76 -0.37 -1.64 14.14
N MET A 77 -1.51 -1.54 13.43
CA MET A 77 -2.62 -2.42 13.72
C MET A 77 -2.64 -3.44 12.65
N LYS A 78 -1.88 -3.22 11.57
CA LYS A 78 -1.83 -4.14 10.50
C LYS A 78 -0.67 -5.05 10.73
N GLY A 79 0.50 -4.54 11.03
CA GLY A 79 1.69 -5.37 11.06
C GLY A 79 1.80 -6.35 12.20
N GLN A 80 0.84 -6.36 13.14
CA GLN A 80 0.76 -7.29 14.22
C GLN A 80 -0.53 -8.04 14.11
N GLU A 81 -1.32 -7.81 13.06
CA GLU A 81 -2.59 -8.49 13.00
C GLU A 81 -2.84 -8.94 11.63
N PHE A 82 -2.71 -8.01 10.68
CA PHE A 82 -2.84 -8.21 9.27
C PHE A 82 -2.01 -9.30 8.85
N VAL A 83 -0.70 -9.04 8.82
CA VAL A 83 0.37 -9.81 8.30
C VAL A 83 0.48 -11.05 9.05
N ASP A 84 0.08 -11.02 10.31
CA ASP A 84 0.06 -12.17 11.19
C ASP A 84 -0.84 -13.19 10.56
N GLU A 85 -1.85 -12.66 9.91
CA GLU A 85 -2.88 -13.40 9.20
C GLU A 85 -2.51 -13.59 7.78
N ILE A 86 -2.09 -12.52 7.10
CA ILE A 86 -1.72 -12.52 5.70
C ILE A 86 -0.53 -13.41 5.46
N GLN A 87 0.42 -13.48 6.41
CA GLN A 87 1.59 -14.33 6.31
C GLN A 87 1.19 -15.74 6.60
N GLY A 88 -0.02 -15.91 7.16
CA GLY A 88 -0.61 -17.22 7.28
C GLY A 88 -0.92 -17.80 5.93
N ARG A 89 -1.29 -16.90 5.02
CA ARG A 89 -1.67 -17.17 3.67
C ARG A 89 -0.51 -17.16 2.74
N TYR A 90 0.51 -16.37 3.09
CA TYR A 90 1.70 -16.11 2.32
C TYR A 90 2.88 -16.83 2.90
N PRO A 91 3.12 -18.12 2.71
CA PRO A 91 4.28 -18.80 3.29
C PRO A 91 5.54 -18.42 2.53
N HIS A 92 5.40 -17.62 1.47
CA HIS A 92 6.44 -17.14 0.60
C HIS A 92 6.62 -15.68 0.89
N LEU A 93 6.31 -15.22 2.12
CA LEU A 93 6.39 -13.80 2.43
C LEU A 93 7.80 -13.35 2.72
N LEU A 94 8.64 -14.33 3.11
CA LEU A 94 10.03 -14.12 3.44
C LEU A 94 10.80 -13.60 2.25
N GLU A 95 11.98 -13.00 2.50
CA GLU A 95 12.87 -12.35 1.54
C GLU A 95 13.02 -13.14 0.26
N GLN A 96 12.55 -12.55 -0.84
CA GLN A 96 12.49 -13.16 -2.14
C GLN A 96 13.69 -12.78 -2.96
N LEU A 97 14.86 -13.36 -2.62
CA LEU A 97 16.12 -13.21 -3.30
C LEU A 97 16.56 -11.76 -3.39
N LEU A 98 16.59 -11.21 -4.62
CA LEU A 98 17.03 -9.86 -4.86
C LEU A 98 15.80 -9.10 -5.32
N SER A 99 15.48 -9.13 -6.62
CA SER A 99 14.29 -8.47 -7.11
C SER A 99 13.70 -9.44 -8.11
N THR A 100 14.20 -9.47 -9.35
CA THR A 100 13.73 -10.42 -10.33
C THR A 100 15.05 -10.77 -10.97
N SER A 101 15.03 -11.21 -12.24
CA SER A 101 16.20 -11.62 -12.96
C SER A 101 16.47 -10.56 -14.04
ZN ZN B . 3.00 1.21 3.37
N GLY A 1 16.49 11.20 3.75
CA GLY A 1 15.10 11.18 3.25
C GLY A 1 14.86 12.44 2.49
N SER A 2 14.17 12.36 1.33
CA SER A 2 13.92 13.49 0.46
C SER A 2 12.78 14.35 0.98
N HIS A 3 11.80 13.72 1.68
CA HIS A 3 10.64 14.36 2.27
C HIS A 3 9.72 14.89 1.20
N MET A 4 8.92 13.99 0.61
CA MET A 4 8.01 14.27 -0.46
C MET A 4 6.60 13.96 -0.03
N GLN A 5 6.27 14.17 1.26
CA GLN A 5 4.98 13.86 1.84
C GLN A 5 4.11 15.08 1.96
N THR A 6 4.31 16.05 1.09
CA THR A 6 3.67 17.33 1.16
C THR A 6 3.79 17.77 -0.27
N HIS A 7 3.96 19.08 -0.53
CA HIS A 7 4.16 19.76 -1.81
C HIS A 7 2.96 19.76 -2.69
N ALA A 8 2.28 18.61 -2.78
CA ALA A 8 1.12 18.38 -3.60
C ALA A 8 0.85 16.93 -3.58
N ALA A 9 1.83 16.11 -3.16
CA ALA A 9 1.81 14.68 -3.02
C ALA A 9 0.52 14.25 -2.42
N ARG A 10 0.15 14.84 -1.28
CA ARG A 10 -1.09 14.68 -0.55
C ARG A 10 -2.32 14.61 -1.41
N MET A 11 -2.33 15.31 -2.56
CA MET A 11 -3.43 15.25 -3.49
C MET A 11 -3.01 14.53 -4.73
N ARG A 12 -1.71 14.43 -5.02
CA ARG A 12 -1.15 13.82 -6.18
C ARG A 12 -1.44 12.31 -6.27
N THR A 13 -1.94 11.71 -5.17
CA THR A 13 -2.17 10.28 -5.10
C THR A 13 -3.65 10.08 -5.00
N PHE A 14 -4.39 11.15 -4.72
CA PHE A 14 -5.80 11.10 -4.45
C PHE A 14 -6.58 10.91 -5.73
N MET A 15 -5.95 11.17 -6.89
CA MET A 15 -6.48 11.07 -8.21
C MET A 15 -7.26 9.80 -8.49
N TYR A 16 -6.62 8.81 -9.13
CA TYR A 16 -7.30 7.64 -9.58
C TYR A 16 -6.41 6.69 -10.31
N TRP A 17 -7.04 5.59 -10.73
CA TRP A 17 -6.44 4.45 -11.35
C TRP A 17 -6.98 3.99 -12.70
N PRO A 18 -8.32 3.92 -12.88
CA PRO A 18 -8.97 3.88 -14.19
C PRO A 18 -9.35 5.36 -14.42
N SER A 19 -10.62 5.78 -14.12
CA SER A 19 -11.10 7.15 -14.24
C SER A 19 -11.57 7.77 -12.92
N SER A 20 -11.51 7.07 -11.75
CA SER A 20 -11.92 7.54 -10.43
C SER A 20 -11.67 6.31 -9.61
N VAL A 21 -11.68 6.34 -8.26
CA VAL A 21 -11.54 5.18 -7.43
C VAL A 21 -12.89 4.65 -7.00
N PRO A 22 -13.52 3.69 -7.67
CA PRO A 22 -14.79 3.11 -7.28
C PRO A 22 -14.57 2.02 -6.26
N VAL A 23 -13.41 1.98 -5.56
CA VAL A 23 -13.12 0.92 -4.60
C VAL A 23 -13.92 1.19 -3.31
N GLN A 24 -13.26 1.24 -2.15
CA GLN A 24 -13.86 1.47 -0.86
C GLN A 24 -12.82 2.47 -0.51
N PRO A 25 -12.90 3.71 -0.97
CA PRO A 25 -11.75 4.60 -0.95
C PRO A 25 -11.43 5.12 0.43
N GLU A 26 -12.30 4.89 1.42
CA GLU A 26 -12.13 5.32 2.77
C GLU A 26 -11.01 4.52 3.41
N GLN A 27 -10.99 3.21 3.13
CA GLN A 27 -10.04 2.28 3.68
C GLN A 27 -8.66 2.46 3.10
N LEU A 28 -8.58 2.98 1.87
CA LEU A 28 -7.36 3.24 1.14
C LEU A 28 -6.46 4.14 1.93
N ALA A 29 -7.04 5.20 2.52
CA ALA A 29 -6.32 6.20 3.29
C ALA A 29 -5.67 5.62 4.52
N SER A 30 -6.14 4.44 4.94
CA SER A 30 -5.64 3.70 6.06
C SER A 30 -4.62 2.72 5.53
N ALA A 31 -4.82 2.23 4.28
CA ALA A 31 -3.92 1.27 3.67
C ALA A 31 -2.64 1.91 3.15
N GLY A 32 -2.67 3.22 2.84
CA GLY A 32 -1.54 4.04 2.42
C GLY A 32 -1.72 4.42 1.00
N PHE A 33 -2.97 4.44 0.51
CA PHE A 33 -3.31 4.66 -0.85
C PHE A 33 -4.28 5.75 -0.81
N TYR A 34 -4.54 6.38 -2.00
CA TYR A 34 -5.44 7.49 -2.22
C TYR A 34 -4.97 8.58 -1.31
N TYR A 35 -4.39 9.67 -1.82
CA TYR A 35 -3.85 10.73 -0.99
C TYR A 35 -2.59 10.34 -0.23
N VAL A 36 -2.52 9.08 0.24
CA VAL A 36 -1.49 8.56 1.11
C VAL A 36 -0.42 7.79 0.35
N GLY A 37 -0.64 7.53 -0.93
CA GLY A 37 0.41 6.91 -1.74
C GLY A 37 1.28 7.88 -2.52
N ARG A 38 1.77 7.46 -3.70
CA ARG A 38 2.67 8.24 -4.52
C ARG A 38 2.15 8.13 -5.93
N ASN A 39 2.31 9.20 -6.71
CA ASN A 39 1.94 9.43 -8.10
C ASN A 39 0.81 8.60 -8.68
N ASP A 40 1.17 7.56 -9.45
CA ASP A 40 0.23 6.72 -10.18
C ASP A 40 0.27 5.35 -9.57
N ASP A 41 1.49 4.84 -9.31
CA ASP A 41 1.78 3.56 -8.70
C ASP A 41 1.67 3.79 -7.22
N VAL A 42 0.46 4.17 -6.74
CA VAL A 42 0.14 4.44 -5.36
C VAL A 42 0.55 3.27 -4.50
N LYS A 43 1.67 3.50 -3.80
CA LYS A 43 2.36 2.56 -2.98
C LYS A 43 2.11 2.85 -1.54
N CYS A 44 2.82 3.87 -1.01
CA CYS A 44 2.78 4.26 0.35
C CYS A 44 3.77 5.38 0.40
N PHE A 45 4.14 5.70 1.64
CA PHE A 45 5.06 6.70 2.07
C PHE A 45 6.17 6.03 2.81
N CYS A 46 5.84 5.20 3.83
CA CYS A 46 6.86 4.59 4.63
C CYS A 46 7.49 3.48 3.85
N CYS A 47 6.62 2.57 3.42
CA CYS A 47 7.08 1.43 2.70
C CYS A 47 7.37 1.79 1.27
N ASP A 48 8.67 1.76 0.89
CA ASP A 48 9.06 2.07 -0.45
C ASP A 48 8.86 0.84 -1.30
N GLY A 49 8.72 -0.30 -0.59
CA GLY A 49 8.47 -1.64 -1.05
C GLY A 49 7.33 -1.80 -1.99
N GLY A 50 6.34 -0.90 -1.93
CA GLY A 50 5.20 -0.95 -2.81
C GLY A 50 5.58 -0.30 -4.09
N LEU A 51 5.19 -0.87 -5.25
CA LEU A 51 5.60 -0.31 -6.51
C LEU A 51 4.70 -0.84 -7.60
N ARG A 52 3.37 -0.81 -7.43
CA ARG A 52 2.50 -1.31 -8.47
C ARG A 52 1.15 -0.81 -8.10
N CYS A 53 0.12 -1.21 -8.89
CA CYS A 53 -1.26 -0.85 -8.66
C CYS A 53 -1.98 -2.14 -8.37
N TRP A 54 -3.29 -2.04 -8.14
CA TRP A 54 -4.21 -3.10 -7.77
C TRP A 54 -4.33 -4.24 -8.73
N GLU A 55 -4.62 -5.44 -8.19
CA GLU A 55 -4.75 -6.66 -8.95
C GLU A 55 -6.05 -6.61 -9.72
N SER A 56 -7.20 -6.87 -9.08
CA SER A 56 -8.43 -6.93 -9.84
C SER A 56 -9.62 -6.46 -9.03
N GLY A 57 -9.55 -5.24 -8.45
CA GLY A 57 -10.64 -4.72 -7.67
C GLY A 57 -10.62 -5.42 -6.35
N ASP A 58 -9.39 -5.53 -5.82
CA ASP A 58 -9.03 -6.20 -4.60
C ASP A 58 -9.22 -5.24 -3.45
N ASP A 59 -8.62 -5.54 -2.29
CA ASP A 59 -8.68 -4.72 -1.09
C ASP A 59 -7.46 -3.88 -1.21
N PRO A 60 -7.31 -2.67 -0.66
CA PRO A 60 -6.07 -1.91 -0.88
C PRO A 60 -5.02 -2.45 0.03
N TRP A 61 -5.46 -3.26 0.97
CA TRP A 61 -4.73 -3.77 2.05
C TRP A 61 -4.07 -5.08 1.86
N VAL A 62 -4.70 -6.01 1.15
CA VAL A 62 -4.15 -7.28 0.88
C VAL A 62 -3.09 -6.95 -0.15
N GLU A 63 -3.42 -5.99 -1.05
CA GLU A 63 -2.60 -5.47 -2.09
C GLU A 63 -1.43 -4.80 -1.43
N HIS A 64 -1.70 -3.92 -0.44
CA HIS A 64 -0.68 -3.31 0.37
C HIS A 64 -0.55 -4.21 1.55
N ALA A 65 -0.12 -5.43 1.24
CA ALA A 65 0.40 -6.37 2.16
C ALA A 65 1.22 -7.37 1.35
N LYS A 66 0.89 -7.61 0.05
CA LYS A 66 1.61 -8.43 -0.88
C LYS A 66 3.08 -8.13 -0.99
N TRP A 67 3.39 -6.96 -1.59
CA TRP A 67 4.73 -6.55 -1.94
C TRP A 67 5.50 -5.86 -0.86
N PHE A 68 4.86 -5.40 0.25
CA PHE A 68 5.58 -4.65 1.22
C PHE A 68 6.53 -5.57 1.97
N PRO A 69 7.84 -5.33 2.13
CA PRO A 69 8.65 -6.22 2.94
C PRO A 69 8.46 -5.85 4.41
N ARG A 70 8.15 -4.56 4.67
CA ARG A 70 8.05 -3.88 5.93
C ARG A 70 7.14 -2.75 5.59
N CYS A 71 6.56 -2.08 6.60
CA CYS A 71 5.79 -0.88 6.48
C CYS A 71 5.65 -0.52 7.89
N GLU A 72 6.53 0.35 8.39
CA GLU A 72 6.57 0.84 9.75
C GLU A 72 5.43 1.78 9.99
N PHE A 73 4.87 2.36 8.90
CA PHE A 73 3.67 3.16 8.96
C PHE A 73 2.63 2.20 9.36
N LEU A 74 2.47 1.15 8.57
CA LEU A 74 1.38 0.25 8.77
C LEU A 74 1.60 -0.84 9.74
N ILE A 75 2.77 -0.88 10.39
CA ILE A 75 3.12 -1.97 11.27
C ILE A 75 2.37 -1.88 12.58
N ARG A 76 1.39 -0.96 12.65
CA ARG A 76 0.74 -0.60 13.88
C ARG A 76 -0.27 -1.59 14.32
N MET A 77 -1.44 -1.56 13.64
CA MET A 77 -2.51 -2.46 14.02
C MET A 77 -2.53 -3.50 12.94
N LYS A 78 -2.00 -3.17 11.76
CA LYS A 78 -1.99 -4.09 10.68
C LYS A 78 -0.82 -5.00 10.86
N GLY A 79 0.34 -4.48 11.19
CA GLY A 79 1.54 -5.30 11.18
C GLY A 79 1.66 -6.28 12.28
N GLN A 80 0.70 -6.29 13.22
CA GLN A 80 0.66 -7.22 14.30
C GLN A 80 -0.56 -8.07 14.17
N GLU A 81 -1.42 -7.82 13.17
CA GLU A 81 -2.65 -8.58 13.11
C GLU A 81 -2.90 -8.98 11.73
N PHE A 82 -2.82 -8.01 10.80
CA PHE A 82 -2.96 -8.23 9.39
C PHE A 82 -2.09 -9.27 8.94
N VAL A 83 -0.77 -8.95 8.92
CA VAL A 83 0.31 -9.68 8.38
C VAL A 83 0.45 -10.95 9.10
N ASP A 84 0.13 -10.95 10.39
CA ASP A 84 0.14 -12.10 11.25
C ASP A 84 -0.82 -13.14 10.74
N GLU A 85 -1.73 -12.65 9.91
CA GLU A 85 -2.70 -13.41 9.18
C GLU A 85 -2.30 -13.52 7.74
N ILE A 86 -2.01 -12.40 7.06
CA ILE A 86 -1.65 -12.31 5.67
C ILE A 86 -0.40 -13.10 5.34
N GLN A 87 0.57 -13.16 6.26
CA GLN A 87 1.80 -13.88 6.10
C GLN A 87 1.49 -15.33 6.18
N GLY A 88 0.34 -15.67 6.82
CA GLY A 88 -0.08 -17.06 6.86
C GLY A 88 -0.47 -17.55 5.50
N ARG A 89 -1.00 -16.60 4.74
CA ARG A 89 -1.46 -16.78 3.40
C ARG A 89 -0.31 -16.72 2.42
N TYR A 90 0.70 -15.91 2.76
CA TYR A 90 1.85 -15.58 1.93
C TYR A 90 3.14 -16.22 2.41
N PRO A 91 3.44 -17.52 2.32
CA PRO A 91 4.70 -18.10 2.77
C PRO A 91 5.85 -17.83 1.80
N HIS A 92 5.76 -16.75 1.02
CA HIS A 92 6.78 -16.30 0.13
C HIS A 92 6.64 -14.83 0.34
N LEU A 93 6.68 -14.42 1.61
CA LEU A 93 6.64 -13.03 1.98
C LEU A 93 8.11 -12.67 2.08
N LEU A 94 8.52 -11.76 2.99
CA LEU A 94 9.89 -11.38 3.21
C LEU A 94 10.49 -10.63 2.04
N GLU A 95 11.82 -10.77 1.87
CA GLU A 95 12.62 -10.09 0.90
C GLU A 95 12.57 -10.85 -0.42
N GLN A 96 11.45 -10.79 -1.15
CA GLN A 96 11.35 -11.41 -2.45
C GLN A 96 10.79 -10.30 -3.29
N LEU A 97 11.18 -10.30 -4.57
CA LEU A 97 10.76 -9.34 -5.57
C LEU A 97 10.21 -10.21 -6.66
N LEU A 98 10.16 -9.69 -7.90
CA LEU A 98 9.60 -10.37 -9.04
C LEU A 98 10.60 -10.20 -10.17
N SER A 99 11.77 -10.86 -10.06
CA SER A 99 12.80 -10.77 -11.06
C SER A 99 13.77 -11.86 -10.65
N THR A 100 15.08 -11.62 -10.78
CA THR A 100 16.14 -12.52 -10.42
C THR A 100 16.53 -12.17 -9.01
N SER A 101 17.34 -13.02 -8.36
CA SER A 101 17.82 -12.81 -7.02
C SER A 101 19.34 -12.79 -7.09
ZN ZN B . 3.10 1.00 3.47
N GLY A 1 -7.84 26.28 5.22
CA GLY A 1 -6.45 25.84 5.43
C GLY A 1 -6.54 24.47 5.98
N SER A 2 -6.04 23.46 5.24
CA SER A 2 -6.08 22.08 5.62
C SER A 2 -4.66 21.57 5.74
N HIS A 3 -3.65 22.40 5.38
CA HIS A 3 -2.23 22.11 5.37
C HIS A 3 -1.97 21.17 4.20
N MET A 4 -0.71 20.81 3.96
CA MET A 4 -0.34 19.95 2.87
C MET A 4 0.74 19.12 3.49
N GLN A 5 1.31 18.19 2.71
CA GLN A 5 2.38 17.32 3.09
C GLN A 5 3.55 18.03 2.45
N THR A 6 4.16 17.44 1.41
CA THR A 6 5.22 18.05 0.66
C THR A 6 4.51 18.82 -0.45
N HIS A 7 5.18 18.99 -1.60
CA HIS A 7 4.84 19.77 -2.75
C HIS A 7 3.46 19.73 -3.39
N ALA A 8 2.62 18.71 -3.10
CA ALA A 8 1.31 18.53 -3.69
C ALA A 8 1.04 17.10 -3.57
N ALA A 9 2.07 16.29 -3.28
CA ALA A 9 2.05 14.86 -3.10
C ALA A 9 0.80 14.34 -2.50
N ARG A 10 0.38 14.83 -1.32
CA ARG A 10 -0.83 14.47 -0.63
C ARG A 10 -2.02 14.45 -1.56
N MET A 11 -2.10 15.42 -2.47
CA MET A 11 -3.25 15.48 -3.35
C MET A 11 -2.89 14.94 -4.71
N ARG A 12 -1.64 14.54 -4.92
CA ARG A 12 -1.17 14.00 -6.15
C ARG A 12 -1.53 12.53 -6.22
N THR A 13 -1.91 11.91 -5.08
CA THR A 13 -2.19 10.49 -4.99
C THR A 13 -3.67 10.32 -4.84
N PHE A 14 -4.36 11.42 -4.55
CA PHE A 14 -5.78 11.49 -4.30
C PHE A 14 -6.53 11.39 -5.62
N MET A 15 -5.76 11.33 -6.71
CA MET A 15 -6.14 11.20 -8.08
C MET A 15 -6.81 9.86 -8.32
N TYR A 16 -6.22 8.96 -9.12
CA TYR A 16 -6.92 7.78 -9.51
C TYR A 16 -6.10 6.81 -10.34
N TRP A 17 -6.73 5.64 -10.53
CA TRP A 17 -6.16 4.49 -11.15
C TRP A 17 -6.65 4.02 -12.51
N PRO A 18 -7.98 3.90 -12.74
CA PRO A 18 -8.55 3.79 -14.06
C PRO A 18 -8.85 5.24 -14.44
N SER A 19 -10.04 5.78 -14.06
CA SER A 19 -10.46 7.14 -14.27
C SER A 19 -11.06 7.76 -13.01
N SER A 20 -11.05 7.11 -11.81
CA SER A 20 -11.61 7.57 -10.54
C SER A 20 -11.44 6.35 -9.69
N VAL A 21 -11.47 6.39 -8.33
CA VAL A 21 -11.38 5.24 -7.49
C VAL A 21 -12.76 4.74 -7.08
N PRO A 22 -13.45 3.85 -7.79
CA PRO A 22 -14.73 3.31 -7.37
C PRO A 22 -14.50 2.15 -6.43
N VAL A 23 -13.40 2.12 -5.63
CA VAL A 23 -13.14 1.01 -4.73
C VAL A 23 -14.02 1.20 -3.48
N GLN A 24 -13.41 1.40 -2.32
CA GLN A 24 -14.09 1.65 -1.06
C GLN A 24 -13.00 2.59 -0.68
N PRO A 25 -12.99 3.84 -1.11
CA PRO A 25 -11.79 4.65 -0.99
C PRO A 25 -11.50 5.12 0.40
N GLU A 26 -12.39 4.84 1.38
CA GLU A 26 -12.25 5.23 2.75
C GLU A 26 -11.15 4.42 3.39
N GLN A 27 -11.07 3.12 3.01
CA GLN A 27 -10.11 2.20 3.57
C GLN A 27 -8.72 2.44 3.05
N LEU A 28 -8.61 2.99 1.84
CA LEU A 28 -7.39 3.28 1.14
C LEU A 28 -6.50 4.18 1.94
N ALA A 29 -7.09 5.20 2.55
CA ALA A 29 -6.41 6.20 3.35
C ALA A 29 -5.77 5.62 4.57
N SER A 30 -6.21 4.41 4.95
CA SER A 30 -5.72 3.67 6.07
C SER A 30 -4.70 2.69 5.54
N ALA A 31 -4.87 2.21 4.29
CA ALA A 31 -3.95 1.28 3.67
C ALA A 31 -2.68 1.95 3.17
N GLY A 32 -2.74 3.25 2.81
CA GLY A 32 -1.61 4.08 2.37
C GLY A 32 -1.75 4.41 0.94
N PHE A 33 -2.99 4.43 0.43
CA PHE A 33 -3.34 4.59 -0.95
C PHE A 33 -4.27 5.70 -0.90
N TYR A 34 -4.54 6.36 -2.05
CA TYR A 34 -5.40 7.50 -2.25
C TYR A 34 -4.92 8.57 -1.33
N TYR A 35 -4.38 9.69 -1.82
CA TYR A 35 -3.84 10.74 -0.99
C TYR A 35 -2.59 10.36 -0.22
N VAL A 36 -2.51 9.11 0.26
CA VAL A 36 -1.51 8.61 1.15
C VAL A 36 -0.41 7.88 0.44
N GLY A 37 -0.60 7.52 -0.84
CA GLY A 37 0.46 6.89 -1.59
C GLY A 37 1.18 7.84 -2.52
N ARG A 38 1.33 7.46 -3.80
CA ARG A 38 1.98 8.24 -4.81
C ARG A 38 1.04 8.19 -5.97
N ASN A 39 1.18 9.15 -6.90
CA ASN A 39 0.45 9.40 -8.13
C ASN A 39 -0.77 8.58 -8.41
N ASP A 40 -0.55 7.56 -9.23
CA ASP A 40 -1.49 6.62 -9.78
C ASP A 40 -1.16 5.31 -9.13
N ASP A 41 0.09 4.87 -9.33
CA ASP A 41 0.66 3.64 -8.80
C ASP A 41 0.96 3.79 -7.33
N VAL A 42 -0.08 4.01 -6.48
CA VAL A 42 0.03 4.19 -5.06
C VAL A 42 0.86 3.14 -4.37
N LYS A 43 2.07 3.55 -3.94
CA LYS A 43 2.96 2.71 -3.18
C LYS A 43 2.52 2.95 -1.76
N CYS A 44 3.05 4.02 -1.15
CA CYS A 44 2.77 4.43 0.18
C CYS A 44 3.74 5.55 0.36
N PHE A 45 3.89 5.96 1.63
CA PHE A 45 4.75 6.98 2.13
C PHE A 45 5.84 6.30 2.86
N CYS A 46 5.54 5.53 3.93
CA CYS A 46 6.57 4.93 4.73
C CYS A 46 7.22 3.85 3.95
N CYS A 47 6.38 2.93 3.46
CA CYS A 47 6.87 1.84 2.69
C CYS A 47 7.15 2.31 1.28
N ASP A 48 8.43 2.28 0.89
CA ASP A 48 8.89 2.71 -0.40
C ASP A 48 8.61 1.62 -1.41
N GLY A 49 8.24 0.43 -0.91
CA GLY A 49 8.00 -0.78 -1.65
C GLY A 49 7.03 -0.65 -2.80
N GLY A 50 5.80 -1.16 -2.61
CA GLY A 50 4.78 -1.10 -3.65
C GLY A 50 5.16 -2.02 -4.79
N LEU A 51 4.47 -1.97 -5.95
CA LEU A 51 4.82 -2.84 -7.06
C LEU A 51 3.96 -2.57 -8.27
N ARG A 52 2.64 -2.65 -8.09
CA ARG A 52 1.71 -2.57 -9.19
C ARG A 52 0.46 -2.03 -8.55
N CYS A 53 -0.63 -2.01 -9.33
CA CYS A 53 -1.92 -1.56 -8.93
C CYS A 53 -2.72 -2.76 -8.44
N TRP A 54 -4.06 -2.70 -8.53
CA TRP A 54 -4.94 -3.72 -7.99
C TRP A 54 -5.23 -4.74 -9.05
N GLU A 55 -5.80 -5.90 -8.65
CA GLU A 55 -6.17 -6.91 -9.60
C GLU A 55 -7.55 -6.59 -10.10
N SER A 56 -8.60 -7.00 -9.37
CA SER A 56 -9.97 -6.78 -9.79
C SER A 56 -10.83 -6.65 -8.57
N GLY A 57 -10.98 -5.43 -8.02
CA GLY A 57 -11.95 -5.14 -6.99
C GLY A 57 -11.55 -5.76 -5.69
N ASP A 58 -10.23 -5.70 -5.41
CA ASP A 58 -9.60 -6.28 -4.26
C ASP A 58 -9.62 -5.29 -3.13
N ASP A 59 -8.88 -5.63 -2.05
CA ASP A 59 -8.72 -4.84 -0.84
C ASP A 59 -7.52 -4.01 -1.10
N PRO A 60 -7.28 -2.78 -0.63
CA PRO A 60 -6.03 -2.09 -0.92
C PRO A 60 -4.97 -2.63 -0.03
N TRP A 61 -5.39 -3.41 0.95
CA TRP A 61 -4.64 -3.90 2.04
C TRP A 61 -3.95 -5.21 1.88
N VAL A 62 -4.53 -6.20 1.22
CA VAL A 62 -3.92 -7.45 0.96
C VAL A 62 -2.88 -7.15 -0.10
N GLU A 63 -3.18 -6.17 -0.99
CA GLU A 63 -2.34 -5.71 -2.04
C GLU A 63 -1.22 -5.00 -1.35
N HIS A 64 -1.55 -4.08 -0.41
CA HIS A 64 -0.57 -3.38 0.39
C HIS A 64 -0.41 -4.26 1.60
N ALA A 65 0.05 -5.47 1.33
CA ALA A 65 0.55 -6.42 2.27
C ALA A 65 1.11 -7.59 1.48
N LYS A 66 1.25 -7.47 0.14
CA LYS A 66 1.81 -8.50 -0.69
C LYS A 66 3.26 -8.30 -1.00
N TRP A 67 3.49 -7.18 -1.67
CA TRP A 67 4.74 -6.82 -2.27
C TRP A 67 5.54 -5.80 -1.51
N PHE A 68 5.00 -5.26 -0.40
CA PHE A 68 5.68 -4.22 0.32
C PHE A 68 6.78 -4.90 1.13
N PRO A 69 7.93 -4.31 1.47
CA PRO A 69 8.90 -4.95 2.32
C PRO A 69 8.33 -5.04 3.75
N ARG A 70 8.13 -3.90 4.41
CA ARG A 70 7.62 -3.73 5.74
C ARG A 70 7.02 -2.38 5.54
N CYS A 71 6.16 -1.92 6.46
CA CYS A 71 5.58 -0.63 6.38
C CYS A 71 5.45 -0.31 7.80
N GLU A 72 6.33 0.58 8.31
CA GLU A 72 6.38 1.01 9.68
C GLU A 72 5.22 1.90 9.99
N PHE A 73 4.66 2.54 8.95
CA PHE A 73 3.44 3.32 9.04
C PHE A 73 2.41 2.36 9.43
N LEU A 74 2.32 1.29 8.65
CA LEU A 74 1.25 0.37 8.83
C LEU A 74 1.52 -0.74 9.78
N ILE A 75 2.69 -0.80 10.40
CA ILE A 75 3.06 -1.93 11.20
C ILE A 75 2.38 -1.89 12.54
N ARG A 76 1.41 -0.97 12.68
CA ARG A 76 0.82 -0.65 13.96
C ARG A 76 -0.29 -1.54 14.32
N MET A 77 -1.42 -1.38 13.60
CA MET A 77 -2.57 -2.19 13.95
C MET A 77 -2.62 -3.28 12.94
N LYS A 78 -1.98 -3.08 11.78
CA LYS A 78 -1.98 -4.06 10.77
C LYS A 78 -0.83 -5.00 11.02
N GLY A 79 0.32 -4.48 11.39
CA GLY A 79 1.52 -5.29 11.41
C GLY A 79 1.59 -6.33 12.49
N GLN A 80 0.64 -6.32 13.43
CA GLN A 80 0.56 -7.29 14.48
C GLN A 80 -0.68 -8.09 14.32
N GLU A 81 -1.46 -7.87 13.23
CA GLU A 81 -2.70 -8.61 13.10
C GLU A 81 -2.88 -9.02 11.72
N PHE A 82 -2.74 -8.05 10.79
CA PHE A 82 -2.80 -8.25 9.38
C PHE A 82 -1.90 -9.29 8.96
N VAL A 83 -0.58 -9.00 8.98
CA VAL A 83 0.50 -9.76 8.48
C VAL A 83 0.58 -11.04 9.22
N ASP A 84 0.18 -11.01 10.49
CA ASP A 84 0.13 -12.19 11.33
C ASP A 84 -0.76 -13.23 10.70
N GLU A 85 -1.68 -12.70 9.90
CA GLU A 85 -2.62 -13.40 9.08
C GLU A 85 -2.12 -13.52 7.68
N ILE A 86 -1.78 -12.40 7.00
CA ILE A 86 -1.33 -12.34 5.62
C ILE A 86 -0.12 -13.20 5.40
N GLN A 87 0.83 -13.25 6.36
CA GLN A 87 2.01 -14.06 6.22
C GLN A 87 1.61 -15.50 6.36
N GLY A 88 0.51 -15.73 7.12
CA GLY A 88 0.02 -17.08 7.35
C GLY A 88 -0.58 -17.66 6.10
N ARG A 89 -0.85 -16.80 5.11
CA ARG A 89 -1.38 -17.16 3.85
C ARG A 89 -0.27 -17.31 2.86
N TYR A 90 0.75 -16.48 3.05
CA TYR A 90 1.88 -16.30 2.15
C TYR A 90 3.15 -16.97 2.62
N PRO A 91 3.37 -18.27 2.52
CA PRO A 91 4.58 -18.94 2.98
C PRO A 91 5.72 -18.76 2.02
N HIS A 92 5.55 -18.05 0.90
CA HIS A 92 6.65 -17.80 0.01
C HIS A 92 6.56 -16.31 -0.04
N LEU A 93 6.59 -15.66 1.13
CA LEU A 93 6.60 -14.22 1.13
C LEU A 93 8.03 -13.86 0.81
N LEU A 94 8.28 -12.58 0.55
CA LEU A 94 9.56 -12.02 0.14
C LEU A 94 10.07 -12.72 -1.09
N GLU A 95 9.28 -12.68 -2.19
CA GLU A 95 9.58 -13.31 -3.44
C GLU A 95 10.66 -12.52 -4.13
N GLN A 96 11.74 -13.19 -4.58
CA GLN A 96 12.83 -12.57 -5.28
C GLN A 96 12.94 -13.38 -6.54
N LEU A 97 12.18 -13.00 -7.57
CA LEU A 97 12.24 -13.64 -8.87
C LEU A 97 13.29 -12.88 -9.65
N LEU A 98 13.43 -11.59 -9.30
CA LEU A 98 14.34 -10.66 -9.94
C LEU A 98 15.71 -10.86 -9.37
N SER A 99 16.69 -10.16 -9.96
CA SER A 99 18.08 -10.17 -9.61
C SER A 99 18.32 -9.85 -8.16
N THR A 100 19.34 -10.48 -7.57
CA THR A 100 19.71 -10.33 -6.20
C THR A 100 21.21 -10.26 -6.36
N SER A 101 21.93 -9.73 -5.35
CA SER A 101 23.38 -9.66 -5.33
C SER A 101 23.59 -10.47 -4.04
ZN ZN B . 2.89 1.25 3.40
N GLY A 1 11.90 6.72 0.46
CA GLY A 1 11.80 8.19 0.46
C GLY A 1 11.17 8.56 1.76
N SER A 2 11.25 9.84 2.17
CA SER A 2 10.76 10.27 3.44
C SER A 2 9.56 11.19 3.29
N HIS A 3 9.77 12.51 3.52
CA HIS A 3 8.81 13.59 3.61
C HIS A 3 8.02 13.99 2.38
N MET A 4 7.75 13.07 1.43
CA MET A 4 7.05 13.40 0.22
C MET A 4 5.57 13.16 0.38
N GLN A 5 4.92 13.86 1.34
CA GLN A 5 3.51 13.71 1.63
C GLN A 5 2.75 14.97 1.31
N THR A 6 3.46 16.09 1.15
CA THR A 6 2.88 17.40 1.00
C THR A 6 3.19 17.82 -0.42
N HIS A 7 3.31 19.14 -0.68
CA HIS A 7 3.63 19.83 -1.92
C HIS A 7 2.57 19.72 -2.98
N ALA A 8 2.06 18.51 -3.16
CA ALA A 8 1.03 18.19 -4.12
C ALA A 8 0.74 16.76 -3.97
N ALA A 9 1.72 15.98 -3.47
CA ALA A 9 1.71 14.57 -3.21
C ALA A 9 0.43 14.16 -2.59
N ARG A 10 0.03 14.79 -1.48
CA ARG A 10 -1.22 14.59 -0.78
C ARG A 10 -2.42 14.49 -1.66
N MET A 11 -2.44 15.18 -2.82
CA MET A 11 -3.58 15.09 -3.71
C MET A 11 -3.16 14.33 -4.94
N ARG A 12 -1.85 14.15 -5.16
CA ARG A 12 -1.28 13.45 -6.28
C ARG A 12 -1.62 11.97 -6.23
N THR A 13 -2.09 11.45 -5.07
CA THR A 13 -2.34 10.04 -4.90
C THR A 13 -3.82 9.85 -4.81
N PHE A 14 -4.54 10.94 -4.51
CA PHE A 14 -5.96 10.97 -4.27
C PHE A 14 -6.65 10.78 -5.59
N MET A 15 -6.00 11.25 -6.68
CA MET A 15 -6.37 11.28 -8.07
C MET A 15 -7.12 10.05 -8.48
N TYR A 16 -6.46 9.09 -9.15
CA TYR A 16 -7.08 7.90 -9.62
C TYR A 16 -6.24 7.00 -10.46
N TRP A 17 -6.77 5.78 -10.61
CA TRP A 17 -6.18 4.64 -11.26
C TRP A 17 -6.66 4.21 -12.63
N PRO A 18 -8.02 4.12 -12.84
CA PRO A 18 -8.64 4.10 -14.15
C PRO A 18 -9.02 5.58 -14.42
N SER A 19 -10.21 6.06 -13.95
CA SER A 19 -10.66 7.43 -14.06
C SER A 19 -11.41 7.90 -12.79
N SER A 20 -11.33 7.19 -11.64
CA SER A 20 -11.94 7.53 -10.36
C SER A 20 -11.58 6.30 -9.57
N VAL A 21 -11.61 6.25 -8.22
CA VAL A 21 -11.36 5.07 -7.47
C VAL A 21 -12.67 4.36 -7.16
N PRO A 22 -13.10 3.33 -7.90
CA PRO A 22 -14.33 2.59 -7.64
C PRO A 22 -14.04 1.49 -6.63
N VAL A 23 -12.98 1.64 -5.81
CA VAL A 23 -12.63 0.64 -4.82
C VAL A 23 -13.47 0.95 -3.58
N GLN A 24 -12.86 0.97 -2.40
CA GLN A 24 -13.53 1.24 -1.12
C GLN A 24 -12.60 2.30 -0.70
N PRO A 25 -12.77 3.54 -1.15
CA PRO A 25 -11.72 4.52 -1.04
C PRO A 25 -11.48 5.01 0.36
N GLU A 26 -12.42 4.78 1.30
CA GLU A 26 -12.23 5.28 2.64
C GLU A 26 -11.30 4.33 3.39
N GLN A 27 -11.13 3.08 2.89
CA GLN A 27 -10.25 2.12 3.51
C GLN A 27 -8.83 2.36 3.09
N LEU A 28 -8.65 2.90 1.86
CA LEU A 28 -7.40 3.20 1.22
C LEU A 28 -6.57 4.11 2.06
N ALA A 29 -7.20 5.12 2.67
CA ALA A 29 -6.55 6.12 3.50
C ALA A 29 -5.89 5.54 4.73
N SER A 30 -6.27 4.31 5.09
CA SER A 30 -5.74 3.58 6.21
C SER A 30 -4.72 2.64 5.62
N ALA A 31 -4.93 2.16 4.38
CA ALA A 31 -4.02 1.25 3.73
C ALA A 31 -2.75 1.93 3.20
N GLY A 32 -2.79 3.26 2.97
CA GLY A 32 -1.66 4.09 2.55
C GLY A 32 -1.82 4.46 1.13
N PHE A 33 -3.07 4.54 0.65
CA PHE A 33 -3.39 4.79 -0.72
C PHE A 33 -4.41 5.82 -0.65
N TYR A 34 -4.66 6.49 -1.81
CA TYR A 34 -5.57 7.58 -2.05
C TYR A 34 -5.09 8.65 -1.12
N TYR A 35 -4.51 9.73 -1.61
CA TYR A 35 -3.93 10.78 -0.79
C TYR A 35 -2.69 10.36 -0.03
N VAL A 36 -2.70 9.13 0.52
CA VAL A 36 -1.73 8.60 1.44
C VAL A 36 -0.63 7.80 0.76
N GLY A 37 -0.70 7.61 -0.56
CA GLY A 37 0.45 7.07 -1.30
C GLY A 37 1.23 8.15 -2.00
N ARG A 38 1.85 7.87 -3.16
CA ARG A 38 2.62 8.88 -3.86
C ARG A 38 2.49 8.60 -5.32
N ASN A 39 3.12 9.48 -6.13
CA ASN A 39 3.33 9.44 -7.55
C ASN A 39 2.11 9.30 -8.43
N ASP A 40 1.88 8.08 -8.88
CA ASP A 40 0.82 7.62 -9.77
C ASP A 40 0.62 6.28 -9.16
N ASP A 41 1.77 5.59 -9.02
CA ASP A 41 2.10 4.34 -8.37
C ASP A 41 1.88 4.46 -6.90
N VAL A 42 0.63 4.70 -6.47
CA VAL A 42 0.24 4.77 -5.09
C VAL A 42 0.60 3.44 -4.43
N LYS A 43 1.69 3.49 -3.66
CA LYS A 43 2.33 2.43 -2.96
C LYS A 43 2.14 2.77 -1.52
N CYS A 44 2.81 3.85 -1.06
CA CYS A 44 2.73 4.29 0.30
C CYS A 44 3.65 5.46 0.35
N PHE A 45 3.89 5.89 1.60
CA PHE A 45 4.73 6.95 2.06
C PHE A 45 5.89 6.30 2.73
N CYS A 46 5.63 5.43 3.75
CA CYS A 46 6.70 4.85 4.51
C CYS A 46 7.31 3.76 3.72
N CYS A 47 6.47 2.82 3.28
CA CYS A 47 6.95 1.69 2.54
C CYS A 47 7.19 2.06 1.08
N ASP A 48 8.43 2.51 0.81
CA ASP A 48 8.89 2.91 -0.51
C ASP A 48 9.13 1.66 -1.33
N GLY A 49 9.11 0.53 -0.60
CA GLY A 49 9.20 -0.84 -1.02
C GLY A 49 8.00 -1.35 -1.73
N GLY A 50 7.06 -0.49 -2.12
CA GLY A 50 5.90 -0.86 -2.90
C GLY A 50 6.38 -1.22 -4.28
N LEU A 51 6.09 -2.45 -4.77
CA LEU A 51 6.58 -2.87 -6.07
C LEU A 51 5.57 -2.59 -7.15
N ARG A 52 4.38 -3.22 -7.08
CA ARG A 52 3.34 -3.05 -8.06
C ARG A 52 2.26 -2.22 -7.42
N CYS A 53 0.98 -2.49 -7.73
CA CYS A 53 -0.14 -1.76 -7.22
C CYS A 53 -1.26 -2.73 -7.50
N TRP A 54 -2.50 -2.23 -7.43
CA TRP A 54 -3.78 -2.88 -7.57
C TRP A 54 -3.97 -3.94 -8.64
N GLU A 55 -4.41 -5.15 -8.22
CA GLU A 55 -4.75 -6.19 -9.14
C GLU A 55 -6.21 -6.03 -9.52
N SER A 56 -7.04 -7.07 -9.38
CA SER A 56 -8.40 -7.02 -9.88
C SER A 56 -9.40 -6.53 -8.88
N GLY A 57 -9.26 -5.26 -8.45
CA GLY A 57 -10.28 -4.55 -7.68
C GLY A 57 -10.34 -5.15 -6.32
N ASP A 58 -9.14 -5.33 -5.78
CA ASP A 58 -8.93 -5.97 -4.51
C ASP A 58 -9.15 -5.05 -3.35
N ASP A 59 -8.66 -5.48 -2.17
CA ASP A 59 -8.66 -4.71 -0.93
C ASP A 59 -7.44 -3.85 -1.08
N PRO A 60 -7.29 -2.66 -0.53
CA PRO A 60 -6.06 -1.89 -0.74
C PRO A 60 -4.99 -2.43 0.15
N TRP A 61 -5.41 -3.30 1.06
CA TRP A 61 -4.67 -3.82 2.12
C TRP A 61 -3.97 -5.10 1.91
N VAL A 62 -4.56 -6.01 1.16
CA VAL A 62 -3.94 -7.27 0.87
C VAL A 62 -2.91 -6.91 -0.18
N GLU A 63 -3.24 -5.90 -1.02
CA GLU A 63 -2.42 -5.33 -2.05
C GLU A 63 -1.26 -4.72 -1.32
N HIS A 64 -1.58 -3.87 -0.32
CA HIS A 64 -0.58 -3.25 0.51
C HIS A 64 -0.43 -4.17 1.70
N ALA A 65 -0.01 -5.39 1.39
CA ALA A 65 0.50 -6.35 2.33
C ALA A 65 1.04 -7.54 1.55
N LYS A 66 1.10 -7.50 0.20
CA LYS A 66 1.57 -8.63 -0.57
C LYS A 66 2.82 -8.35 -1.34
N TRP A 67 3.28 -7.08 -1.35
CA TRP A 67 4.51 -6.72 -2.04
C TRP A 67 5.32 -5.75 -1.23
N PHE A 68 4.88 -5.29 -0.04
CA PHE A 68 5.65 -4.33 0.70
C PHE A 68 6.75 -5.07 1.46
N PRO A 69 7.98 -4.65 1.67
CA PRO A 69 8.91 -5.39 2.49
C PRO A 69 8.50 -5.36 3.95
N ARG A 70 8.21 -4.17 4.51
CA ARG A 70 7.86 -3.88 5.87
C ARG A 70 7.25 -2.53 5.65
N CYS A 71 6.34 -2.07 6.52
CA CYS A 71 5.77 -0.76 6.42
C CYS A 71 5.70 -0.39 7.84
N GLU A 72 6.51 0.57 8.30
CA GLU A 72 6.55 1.08 9.65
C GLU A 72 5.40 1.96 9.90
N PHE A 73 4.83 2.53 8.81
CA PHE A 73 3.60 3.28 8.88
C PHE A 73 2.61 2.29 9.25
N LEU A 74 2.48 1.24 8.46
CA LEU A 74 1.43 0.30 8.67
C LEU A 74 1.67 -0.73 9.71
N ILE A 75 2.82 -0.70 10.39
CA ILE A 75 3.20 -1.71 11.34
C ILE A 75 2.43 -1.54 12.65
N ARG A 76 1.33 -0.76 12.61
CA ARG A 76 0.63 -0.36 13.81
C ARG A 76 -0.19 -1.48 14.32
N MET A 77 -1.36 -1.66 13.70
CA MET A 77 -2.21 -2.76 14.06
C MET A 77 -1.91 -3.76 13.02
N LYS A 78 -1.81 -3.29 11.77
CA LYS A 78 -1.67 -4.14 10.63
C LYS A 78 -0.47 -5.05 10.73
N GLY A 79 0.67 -4.51 11.09
CA GLY A 79 1.88 -5.32 11.04
C GLY A 79 2.01 -6.34 12.13
N GLN A 80 1.09 -6.32 13.10
CA GLN A 80 1.07 -7.23 14.20
C GLN A 80 -0.22 -7.98 14.17
N GLU A 81 -1.05 -7.83 13.12
CA GLU A 81 -2.32 -8.52 13.12
C GLU A 81 -2.63 -8.93 11.74
N PHE A 82 -2.53 -7.98 10.79
CA PHE A 82 -2.73 -8.19 9.40
C PHE A 82 -1.89 -9.26 8.93
N VAL A 83 -0.58 -9.01 8.86
CA VAL A 83 0.46 -9.80 8.30
C VAL A 83 0.55 -11.06 9.05
N ASP A 84 0.26 -11.01 10.35
CA ASP A 84 0.25 -12.18 11.18
C ASP A 84 -0.72 -13.20 10.65
N GLU A 85 -1.68 -12.64 9.91
CA GLU A 85 -2.68 -13.37 9.17
C GLU A 85 -2.26 -13.50 7.76
N ILE A 86 -1.97 -12.39 7.06
CA ILE A 86 -1.59 -12.32 5.66
C ILE A 86 -0.41 -13.19 5.33
N GLN A 87 0.63 -13.24 6.18
CA GLN A 87 1.79 -14.07 5.95
C GLN A 87 1.41 -15.50 6.24
N GLY A 88 0.27 -15.69 6.95
CA GLY A 88 -0.26 -17.02 7.18
C GLY A 88 -0.90 -17.57 5.95
N ARG A 89 -1.34 -16.67 5.08
CA ARG A 89 -1.96 -16.94 3.83
C ARG A 89 -0.90 -17.07 2.77
N TYR A 90 0.14 -16.25 2.91
CA TYR A 90 1.23 -16.09 1.98
C TYR A 90 2.50 -16.76 2.44
N PRO A 91 2.73 -18.06 2.39
CA PRO A 91 3.98 -18.66 2.83
C PRO A 91 5.07 -18.51 1.80
N HIS A 92 5.03 -17.44 1.00
CA HIS A 92 6.00 -17.13 0.00
C HIS A 92 6.67 -15.93 0.56
N LEU A 93 5.91 -15.12 1.32
CA LEU A 93 6.22 -13.82 1.85
C LEU A 93 7.65 -13.33 1.76
N LEU A 94 8.51 -13.61 2.76
CA LEU A 94 9.88 -13.17 2.79
C LEU A 94 10.82 -14.27 2.36
N GLU A 95 10.29 -15.45 2.02
CA GLU A 95 11.02 -16.61 1.62
C GLU A 95 11.29 -16.40 0.13
N GLN A 96 12.27 -17.10 -0.45
CA GLN A 96 12.61 -16.89 -1.84
C GLN A 96 12.99 -18.23 -2.37
N LEU A 97 14.04 -18.83 -1.77
CA LEU A 97 14.53 -20.14 -2.11
C LEU A 97 13.96 -20.98 -1.00
N LEU A 98 14.35 -22.27 -0.87
CA LEU A 98 13.79 -23.11 0.16
C LEU A 98 14.91 -23.51 1.08
N SER A 99 15.89 -24.26 0.55
CA SER A 99 16.98 -24.77 1.34
C SER A 99 18.01 -23.72 1.62
N THR A 100 18.17 -22.71 0.75
CA THR A 100 19.13 -21.65 0.95
C THR A 100 18.48 -20.65 1.88
N SER A 101 19.23 -20.11 2.86
CA SER A 101 18.70 -19.18 3.82
C SER A 101 19.50 -17.86 3.70
ZN ZN B . 3.07 1.17 3.49
N GLY A 1 -2.11 29.44 4.16
CA GLY A 1 -2.88 28.26 4.59
C GLY A 1 -1.91 27.19 4.97
N SER A 2 -2.38 26.04 5.44
CA SER A 2 -1.57 24.91 5.82
C SER A 2 -1.30 24.12 4.56
N HIS A 3 -2.30 24.08 3.66
CA HIS A 3 -2.33 23.38 2.40
C HIS A 3 -2.68 21.95 2.71
N MET A 4 -1.84 21.00 2.22
CA MET A 4 -2.04 19.59 2.40
C MET A 4 -0.88 19.10 3.23
N GLN A 5 -0.30 17.94 2.85
CA GLN A 5 0.80 17.29 3.50
C GLN A 5 2.01 18.12 3.27
N THR A 6 2.45 18.10 2.02
CA THR A 6 3.56 18.85 1.56
C THR A 6 3.16 18.96 0.11
N HIS A 7 3.82 19.91 -0.58
CA HIS A 7 3.77 20.42 -1.94
C HIS A 7 2.59 20.26 -2.87
N ALA A 8 1.85 19.15 -2.81
CA ALA A 8 0.72 18.84 -3.65
C ALA A 8 0.52 17.39 -3.50
N ALA A 9 1.56 16.67 -3.06
CA ALA A 9 1.66 15.26 -2.81
C ALA A 9 0.39 14.63 -2.37
N ARG A 10 -0.22 15.08 -1.26
CA ARG A 10 -1.47 14.57 -0.77
C ARG A 10 -2.54 14.54 -1.81
N MET A 11 -2.55 15.49 -2.76
CA MET A 11 -3.55 15.51 -3.80
C MET A 11 -2.96 15.02 -5.09
N ARG A 12 -1.72 14.52 -5.05
CA ARG A 12 -1.04 14.00 -6.18
C ARG A 12 -1.33 12.50 -6.26
N THR A 13 -1.84 11.90 -5.17
CA THR A 13 -2.06 10.48 -5.08
C THR A 13 -3.55 10.27 -4.96
N PHE A 14 -4.29 11.36 -4.81
CA PHE A 14 -5.71 11.36 -4.58
C PHE A 14 -6.44 11.27 -5.90
N MET A 15 -5.66 11.14 -6.98
CA MET A 15 -6.06 11.01 -8.34
C MET A 15 -6.73 9.66 -8.49
N TYR A 16 -6.16 8.74 -9.27
CA TYR A 16 -6.86 7.53 -9.56
C TYR A 16 -6.09 6.53 -10.38
N TRP A 17 -6.66 5.34 -10.39
CA TRP A 17 -6.14 4.15 -10.96
C TRP A 17 -6.57 3.72 -12.35
N PRO A 18 -7.91 3.65 -12.65
CA PRO A 18 -8.42 3.61 -14.01
C PRO A 18 -8.67 5.09 -14.35
N SER A 19 -9.82 5.69 -13.92
CA SER A 19 -10.14 7.09 -14.08
C SER A 19 -11.10 7.55 -12.98
N SER A 20 -11.09 6.92 -11.78
CA SER A 20 -11.89 7.28 -10.61
C SER A 20 -11.60 6.10 -9.72
N VAL A 21 -11.62 6.20 -8.38
CA VAL A 21 -11.50 5.12 -7.47
C VAL A 21 -12.88 4.75 -6.96
N PRO A 22 -13.68 3.95 -7.64
CA PRO A 22 -14.97 3.51 -7.15
C PRO A 22 -14.76 2.30 -6.26
N VAL A 23 -13.64 2.23 -5.49
CA VAL A 23 -13.33 1.13 -4.62
C VAL A 23 -14.10 1.42 -3.32
N GLN A 24 -13.39 1.56 -2.19
CA GLN A 24 -13.92 1.78 -0.87
C GLN A 24 -12.79 2.64 -0.43
N PRO A 25 -12.76 3.91 -0.79
CA PRO A 25 -11.56 4.70 -0.61
C PRO A 25 -11.25 5.06 0.82
N GLU A 26 -12.09 4.76 1.83
CA GLU A 26 -11.76 5.08 3.21
C GLU A 26 -10.65 4.15 3.65
N GLN A 27 -10.77 2.88 3.23
CA GLN A 27 -9.83 1.83 3.54
C GLN A 27 -8.48 2.13 2.95
N LEU A 28 -8.45 2.82 1.78
CA LEU A 28 -7.26 3.20 1.08
C LEU A 28 -6.45 4.13 1.91
N ALA A 29 -7.11 5.13 2.52
CA ALA A 29 -6.47 6.15 3.33
C ALA A 29 -5.85 5.59 4.60
N SER A 30 -6.18 4.34 4.95
CA SER A 30 -5.71 3.62 6.08
C SER A 30 -4.65 2.67 5.57
N ALA A 31 -4.80 2.17 4.32
CA ALA A 31 -3.88 1.23 3.71
C ALA A 31 -2.61 1.89 3.19
N GLY A 32 -2.66 3.20 2.86
CA GLY A 32 -1.54 4.02 2.44
C GLY A 32 -1.69 4.38 1.01
N PHE A 33 -2.93 4.41 0.51
CA PHE A 33 -3.28 4.60 -0.87
C PHE A 33 -4.17 5.78 -0.84
N TYR A 34 -4.46 6.37 -2.03
CA TYR A 34 -5.34 7.49 -2.28
C TYR A 34 -4.98 8.60 -1.36
N TYR A 35 -4.38 9.68 -1.85
CA TYR A 35 -3.90 10.75 -1.02
C TYR A 35 -2.65 10.39 -0.27
N VAL A 36 -2.57 9.12 0.20
CA VAL A 36 -1.56 8.63 1.08
C VAL A 36 -0.41 7.97 0.34
N GLY A 37 -0.59 7.53 -0.91
CA GLY A 37 0.52 6.90 -1.60
C GLY A 37 1.32 7.83 -2.48
N ARG A 38 1.99 7.32 -3.55
CA ARG A 38 2.77 8.14 -4.44
C ARG A 38 3.06 7.34 -5.69
N ASN A 39 3.68 8.04 -6.68
CA ASN A 39 4.17 7.59 -7.96
C ASN A 39 3.16 7.44 -9.03
N ASP A 40 2.72 6.20 -9.32
CA ASP A 40 1.81 5.95 -10.43
C ASP A 40 0.57 5.35 -9.90
N ASP A 41 0.73 4.27 -9.11
CA ASP A 41 -0.40 3.62 -8.46
C ASP A 41 -0.36 4.26 -7.11
N VAL A 42 0.15 3.58 -6.08
CA VAL A 42 0.27 4.18 -4.78
C VAL A 42 1.33 3.45 -3.99
N LYS A 43 2.58 3.92 -4.08
CA LYS A 43 3.72 3.34 -3.38
C LYS A 43 3.85 3.91 -1.98
N CYS A 44 2.72 4.11 -1.25
CA CYS A 44 2.67 4.58 0.11
C CYS A 44 3.43 5.87 0.39
N PHE A 45 3.72 6.08 1.68
CA PHE A 45 4.46 7.15 2.29
C PHE A 45 5.64 6.50 2.94
N CYS A 46 5.45 5.81 4.08
CA CYS A 46 6.57 5.28 4.85
C CYS A 46 7.31 4.24 4.08
N CYS A 47 6.56 3.27 3.55
CA CYS A 47 7.13 2.18 2.79
C CYS A 47 7.37 2.65 1.38
N ASP A 48 8.24 1.94 0.63
CA ASP A 48 8.53 2.20 -0.76
C ASP A 48 8.16 0.96 -1.53
N GLY A 49 7.77 -0.07 -0.78
CA GLY A 49 7.47 -1.38 -1.27
C GLY A 49 6.17 -1.39 -1.99
N GLY A 50 6.20 -1.28 -3.33
CA GLY A 50 4.99 -1.30 -4.09
C GLY A 50 5.46 -1.29 -5.51
N LEU A 51 4.75 -1.97 -6.43
CA LEU A 51 5.14 -2.06 -7.82
C LEU A 51 4.07 -2.72 -8.69
N ARG A 52 2.77 -2.49 -8.47
CA ARG A 52 1.77 -3.10 -9.34
C ARG A 52 0.59 -2.22 -9.09
N CYS A 53 -0.65 -2.78 -9.13
CA CYS A 53 -1.88 -2.07 -8.90
C CYS A 53 -2.79 -3.19 -8.48
N TRP A 54 -4.11 -2.91 -8.38
CA TRP A 54 -5.14 -3.83 -7.94
C TRP A 54 -5.57 -4.79 -9.01
N GLU A 55 -6.21 -5.91 -8.62
CA GLU A 55 -6.71 -6.89 -9.57
C GLU A 55 -8.16 -6.57 -9.91
N SER A 56 -9.12 -6.99 -9.07
CA SER A 56 -10.53 -6.88 -9.37
C SER A 56 -11.28 -6.58 -8.09
N GLY A 57 -11.32 -5.30 -7.68
CA GLY A 57 -12.21 -4.83 -6.61
C GLY A 57 -11.81 -5.38 -5.28
N ASP A 58 -10.48 -5.57 -5.14
CA ASP A 58 -9.82 -6.18 -4.02
C ASP A 58 -9.77 -5.26 -2.84
N ASP A 59 -8.86 -5.55 -1.90
CA ASP A 59 -8.69 -4.78 -0.69
C ASP A 59 -7.47 -3.99 -0.98
N PRO A 60 -7.24 -2.77 -0.54
CA PRO A 60 -6.01 -2.06 -0.85
C PRO A 60 -4.92 -2.59 0.03
N TRP A 61 -5.36 -3.38 1.01
CA TRP A 61 -4.62 -3.88 2.09
C TRP A 61 -3.94 -5.19 1.91
N VAL A 62 -4.54 -6.14 1.21
CA VAL A 62 -3.97 -7.42 0.96
C VAL A 62 -2.92 -7.16 -0.11
N GLU A 63 -3.20 -6.14 -0.96
CA GLU A 63 -2.36 -5.66 -2.01
C GLU A 63 -1.24 -4.95 -1.33
N HIS A 64 -1.57 -4.05 -0.37
CA HIS A 64 -0.58 -3.35 0.41
C HIS A 64 -0.40 -4.22 1.63
N ALA A 65 0.01 -5.45 1.36
CA ALA A 65 0.54 -6.36 2.33
C ALA A 65 1.10 -7.54 1.59
N LYS A 66 1.24 -7.49 0.23
CA LYS A 66 1.78 -8.60 -0.51
C LYS A 66 3.02 -8.22 -1.26
N TRP A 67 3.09 -6.99 -1.79
CA TRP A 67 4.27 -6.57 -2.52
C TRP A 67 5.16 -5.75 -1.63
N PHE A 68 4.67 -5.31 -0.46
CA PHE A 68 5.44 -4.47 0.41
C PHE A 68 6.39 -5.34 1.19
N PRO A 69 7.57 -4.93 1.62
CA PRO A 69 8.38 -5.70 2.54
C PRO A 69 7.75 -5.59 3.90
N ARG A 70 7.82 -4.42 4.53
CA ARG A 70 7.33 -4.08 5.81
C ARG A 70 6.92 -2.65 5.53
N CYS A 71 6.10 -2.05 6.39
CA CYS A 71 5.68 -0.69 6.29
C CYS A 71 5.64 -0.40 7.72
N GLU A 72 6.49 0.51 8.22
CA GLU A 72 6.56 0.91 9.60
C GLU A 72 5.40 1.79 9.90
N PHE A 73 4.85 2.47 8.87
CA PHE A 73 3.60 3.20 8.99
C PHE A 73 2.61 2.20 9.33
N LEU A 74 2.48 1.18 8.49
CA LEU A 74 1.40 0.25 8.67
C LEU A 74 1.65 -0.84 9.64
N ILE A 75 2.80 -0.88 10.30
CA ILE A 75 3.18 -1.96 11.15
C ILE A 75 2.42 -1.93 12.48
N ARG A 76 1.41 -1.04 12.56
CA ARG A 76 0.74 -0.74 13.81
C ARG A 76 -0.21 -1.78 14.26
N MET A 77 -1.44 -1.70 13.74
CA MET A 77 -2.43 -2.67 14.14
C MET A 77 -2.22 -3.74 13.14
N LYS A 78 -2.07 -3.30 11.88
CA LYS A 78 -1.95 -4.16 10.75
C LYS A 78 -0.77 -5.09 10.90
N GLY A 79 0.37 -4.55 11.29
CA GLY A 79 1.58 -5.33 11.24
C GLY A 79 1.72 -6.36 12.32
N GLN A 80 0.77 -6.42 13.26
CA GLN A 80 0.72 -7.37 14.32
C GLN A 80 -0.52 -8.17 14.23
N GLU A 81 -1.38 -7.92 13.23
CA GLU A 81 -2.65 -8.59 13.17
C GLU A 81 -2.90 -9.01 11.79
N PHE A 82 -2.81 -8.05 10.86
CA PHE A 82 -2.94 -8.27 9.46
C PHE A 82 -2.06 -9.32 9.00
N VAL A 83 -0.76 -9.01 8.98
CA VAL A 83 0.31 -9.76 8.41
C VAL A 83 0.47 -11.01 9.15
N ASP A 84 0.07 -11.01 10.42
CA ASP A 84 0.08 -12.15 11.29
C ASP A 84 -0.84 -13.20 10.75
N GLU A 85 -1.80 -12.69 9.97
CA GLU A 85 -2.78 -13.45 9.24
C GLU A 85 -2.35 -13.64 7.83
N ILE A 86 -2.05 -12.54 7.13
CA ILE A 86 -1.67 -12.51 5.73
C ILE A 86 -0.44 -13.34 5.47
N GLN A 87 0.51 -13.39 6.42
CA GLN A 87 1.71 -14.16 6.26
C GLN A 87 1.37 -15.60 6.39
N GLY A 88 0.25 -15.90 7.09
CA GLY A 88 -0.17 -17.29 7.26
C GLY A 88 -0.56 -17.90 5.95
N ARG A 89 -0.85 -17.01 4.99
CA ARG A 89 -1.27 -17.29 3.67
C ARG A 89 -0.15 -17.22 2.69
N TYR A 90 0.78 -16.29 2.95
CA TYR A 90 1.89 -15.92 2.11
C TYR A 90 3.22 -16.50 2.51
N PRO A 91 3.61 -17.72 2.17
CA PRO A 91 4.93 -18.24 2.50
C PRO A 91 5.97 -17.61 1.59
N HIS A 92 5.52 -16.90 0.54
CA HIS A 92 6.37 -16.26 -0.43
C HIS A 92 6.39 -14.79 -0.13
N LEU A 93 6.21 -14.44 1.15
CA LEU A 93 6.18 -13.05 1.56
C LEU A 93 7.58 -12.49 1.57
N LEU A 94 8.54 -13.41 1.78
CA LEU A 94 9.96 -13.17 1.86
C LEU A 94 10.55 -12.82 0.50
N GLU A 95 11.31 -13.74 -0.13
CA GLU A 95 11.96 -13.56 -1.39
C GLU A 95 11.06 -14.22 -2.41
N GLN A 96 11.61 -14.85 -3.45
CA GLN A 96 10.83 -15.53 -4.46
C GLN A 96 11.20 -16.98 -4.38
N LEU A 97 10.58 -17.81 -5.24
CA LEU A 97 10.81 -19.22 -5.32
C LEU A 97 11.55 -19.34 -6.62
N LEU A 98 12.83 -18.95 -6.62
CA LEU A 98 13.67 -19.01 -7.79
C LEU A 98 14.52 -20.21 -7.52
N SER A 99 13.98 -21.38 -7.91
CA SER A 99 14.57 -22.69 -7.73
C SER A 99 14.43 -23.10 -6.28
N THR A 100 15.28 -24.05 -5.87
CA THR A 100 15.30 -24.63 -4.57
C THR A 100 16.62 -24.33 -3.90
N SER A 101 16.48 -24.05 -2.61
CA SER A 101 17.51 -23.82 -1.65
C SER A 101 17.26 -24.91 -0.59
ZN ZN B . 3.08 1.33 3.33
N GLY A 1 -8.13 27.67 1.52
CA GLY A 1 -7.92 26.59 2.50
C GLY A 1 -6.48 26.23 2.55
N SER A 2 -5.74 26.67 3.59
CA SER A 2 -4.34 26.36 3.75
C SER A 2 -4.29 25.06 4.51
N HIS A 3 -4.28 23.92 3.79
CA HIS A 3 -4.30 22.63 4.46
C HIS A 3 -3.51 21.70 3.60
N MET A 4 -2.27 22.09 3.25
CA MET A 4 -1.40 21.28 2.41
C MET A 4 -0.62 20.35 3.29
N GLN A 5 0.20 19.47 2.67
CA GLN A 5 1.08 18.57 3.34
C GLN A 5 2.41 19.10 2.89
N THR A 6 3.13 18.39 2.00
CA THR A 6 4.41 18.82 1.52
C THR A 6 4.17 19.70 0.30
N HIS A 7 4.16 19.13 -0.92
CA HIS A 7 4.11 19.92 -2.13
C HIS A 7 2.86 19.86 -2.97
N ALA A 8 1.81 19.09 -2.57
CA ALA A 8 0.55 18.87 -3.28
C ALA A 8 0.35 17.41 -3.24
N ALA A 9 1.39 16.67 -2.80
CA ALA A 9 1.45 15.24 -2.59
C ALA A 9 0.16 14.68 -2.10
N ARG A 10 -0.38 15.20 -0.97
CA ARG A 10 -1.66 14.87 -0.37
C ARG A 10 -2.76 14.75 -1.40
N MET A 11 -2.75 15.52 -2.49
CA MET A 11 -3.82 15.40 -3.47
C MET A 11 -3.27 14.86 -4.77
N ARG A 12 -1.97 14.55 -4.80
CA ARG A 12 -1.30 14.04 -5.94
C ARG A 12 -1.54 12.54 -6.04
N THR A 13 -1.99 11.90 -4.94
CA THR A 13 -2.13 10.46 -4.87
C THR A 13 -3.60 10.15 -4.86
N PHE A 14 -4.37 11.19 -4.55
CA PHE A 14 -5.80 11.14 -4.38
C PHE A 14 -6.47 10.94 -5.71
N MET A 15 -5.72 11.26 -6.79
CA MET A 15 -5.97 11.24 -8.21
C MET A 15 -6.98 10.21 -8.59
N TYR A 16 -6.51 9.06 -9.09
CA TYR A 16 -7.31 7.97 -9.57
C TYR A 16 -6.50 6.98 -10.36
N TRP A 17 -7.15 5.92 -10.85
CA TRP A 17 -6.50 4.81 -11.47
C TRP A 17 -6.98 4.36 -12.84
N PRO A 18 -8.32 4.20 -13.04
CA PRO A 18 -8.92 4.26 -14.35
C PRO A 18 -9.30 5.75 -14.48
N SER A 19 -10.56 6.14 -14.10
CA SER A 19 -11.03 7.51 -14.09
C SER A 19 -11.50 7.98 -12.71
N SER A 20 -11.48 7.14 -11.64
CA SER A 20 -11.97 7.52 -10.33
C SER A 20 -11.58 6.34 -9.47
N VAL A 21 -11.79 6.32 -8.13
CA VAL A 21 -11.58 5.20 -7.30
C VAL A 21 -12.87 4.52 -6.89
N PRO A 22 -13.52 3.69 -7.70
CA PRO A 22 -14.73 2.96 -7.31
C PRO A 22 -14.35 1.73 -6.52
N VAL A 23 -13.35 1.82 -5.60
CA VAL A 23 -12.95 0.71 -4.77
C VAL A 23 -13.78 0.81 -3.51
N GLN A 24 -13.14 1.14 -2.38
CA GLN A 24 -13.74 1.36 -1.08
C GLN A 24 -12.63 2.26 -0.68
N PRO A 25 -12.68 3.54 -1.00
CA PRO A 25 -11.50 4.39 -0.89
C PRO A 25 -11.14 4.75 0.53
N GLU A 26 -12.02 4.48 1.52
CA GLU A 26 -11.75 4.83 2.90
C GLU A 26 -10.69 3.90 3.46
N GLN A 27 -10.69 2.66 2.94
CA GLN A 27 -9.75 1.63 3.31
C GLN A 27 -8.38 1.96 2.77
N LEU A 28 -8.32 2.61 1.60
CA LEU A 28 -7.11 3.00 0.91
C LEU A 28 -6.29 3.93 1.72
N ALA A 29 -6.91 4.96 2.33
CA ALA A 29 -6.22 5.97 3.10
C ALA A 29 -5.49 5.38 4.27
N SER A 30 -5.98 4.25 4.75
CA SER A 30 -5.43 3.54 5.87
C SER A 30 -4.45 2.55 5.35
N ALA A 31 -4.60 2.09 4.08
CA ALA A 31 -3.72 1.14 3.45
C ALA A 31 -2.46 1.82 2.92
N GLY A 32 -2.51 3.13 2.64
CA GLY A 32 -1.39 3.96 2.19
C GLY A 32 -1.54 4.36 0.77
N PHE A 33 -2.77 4.50 0.30
CA PHE A 33 -3.08 4.80 -1.06
C PHE A 33 -4.17 5.76 -0.96
N TYR A 34 -4.44 6.48 -2.08
CA TYR A 34 -5.40 7.55 -2.23
C TYR A 34 -4.97 8.58 -1.24
N TYR A 35 -4.44 9.73 -1.67
CA TYR A 35 -3.90 10.77 -0.80
C TYR A 35 -2.67 10.35 -0.02
N VAL A 36 -2.66 9.10 0.48
CA VAL A 36 -1.70 8.59 1.41
C VAL A 36 -0.59 7.82 0.74
N GLY A 37 -0.65 7.67 -0.58
CA GLY A 37 0.47 7.06 -1.30
C GLY A 37 1.32 7.97 -2.15
N ARG A 38 1.90 7.39 -3.23
CA ARG A 38 2.86 7.97 -4.15
C ARG A 38 2.25 8.73 -5.33
N ASN A 39 2.78 8.61 -6.57
CA ASN A 39 2.24 9.39 -7.69
C ASN A 39 1.14 8.65 -8.40
N ASP A 40 1.46 8.04 -9.56
CA ASP A 40 0.51 7.32 -10.41
C ASP A 40 0.46 5.94 -9.84
N ASP A 41 1.67 5.42 -9.58
CA ASP A 41 2.03 4.17 -8.97
C ASP A 41 2.03 4.44 -7.49
N VAL A 42 0.85 4.81 -6.96
CA VAL A 42 0.57 5.04 -5.57
C VAL A 42 1.04 3.84 -4.77
N LYS A 43 2.21 3.99 -4.10
CA LYS A 43 2.83 2.96 -3.32
C LYS A 43 2.41 3.09 -1.88
N CYS A 44 2.98 4.11 -1.21
CA CYS A 44 2.82 4.38 0.17
C CYS A 44 3.70 5.59 0.30
N PHE A 45 4.03 5.89 1.55
CA PHE A 45 4.87 6.94 2.04
C PHE A 45 6.05 6.26 2.68
N CYS A 46 5.82 5.54 3.80
CA CYS A 46 6.87 4.94 4.60
C CYS A 46 7.56 3.86 3.84
N CYS A 47 6.74 2.88 3.42
CA CYS A 47 7.26 1.75 2.74
C CYS A 47 7.49 2.07 1.29
N ASP A 48 8.49 1.42 0.67
CA ASP A 48 8.82 1.59 -0.71
C ASP A 48 8.31 0.40 -1.45
N GLY A 49 7.95 -0.65 -0.72
CA GLY A 49 7.41 -1.83 -1.34
C GLY A 49 5.96 -1.59 -1.56
N GLY A 50 5.59 -1.18 -2.77
CA GLY A 50 4.23 -0.84 -3.04
C GLY A 50 4.11 -0.74 -4.52
N LEU A 51 2.91 -1.04 -5.08
CA LEU A 51 2.57 -0.99 -6.47
C LEU A 51 1.08 -0.84 -6.36
N ARG A 52 0.37 -0.77 -7.50
CA ARG A 52 -1.07 -0.63 -7.52
C ARG A 52 -1.49 -1.42 -8.72
N CYS A 53 -2.56 -2.21 -8.59
CA CYS A 53 -3.19 -2.97 -9.63
C CYS A 53 -4.49 -3.25 -8.92
N TRP A 54 -5.56 -3.66 -9.62
CA TRP A 54 -6.82 -3.91 -8.98
C TRP A 54 -7.60 -4.76 -9.94
N GLU A 55 -7.98 -6.01 -9.59
CA GLU A 55 -8.70 -6.85 -10.52
C GLU A 55 -10.17 -6.73 -10.28
N SER A 56 -10.72 -7.38 -9.24
CA SER A 56 -12.16 -7.31 -9.04
C SER A 56 -12.40 -7.24 -7.57
N GLY A 57 -12.81 -6.04 -7.09
CA GLY A 57 -13.28 -5.81 -5.75
C GLY A 57 -12.21 -6.09 -4.75
N ASP A 58 -10.95 -5.86 -5.17
CA ASP A 58 -9.80 -6.21 -4.38
C ASP A 58 -9.56 -5.13 -3.39
N ASP A 59 -8.76 -5.52 -2.39
CA ASP A 59 -8.41 -4.71 -1.26
C ASP A 59 -7.12 -4.05 -1.54
N PRO A 60 -6.84 -2.85 -1.03
CA PRO A 60 -5.55 -2.22 -1.25
C PRO A 60 -4.56 -2.81 -0.31
N TRP A 61 -5.06 -3.55 0.67
CA TRP A 61 -4.36 -4.02 1.79
C TRP A 61 -3.66 -5.33 1.68
N VAL A 62 -4.22 -6.32 1.02
CA VAL A 62 -3.63 -7.59 0.83
C VAL A 62 -2.53 -7.36 -0.18
N GLU A 63 -2.75 -6.40 -1.11
CA GLU A 63 -1.83 -5.96 -2.12
C GLU A 63 -0.77 -5.24 -1.33
N HIS A 64 -1.16 -4.28 -0.46
CA HIS A 64 -0.23 -3.56 0.38
C HIS A 64 -0.11 -4.39 1.65
N ALA A 65 0.30 -5.63 1.48
CA ALA A 65 0.76 -6.47 2.55
C ALA A 65 1.48 -7.65 1.96
N LYS A 66 1.68 -7.70 0.62
CA LYS A 66 2.36 -8.82 0.00
C LYS A 66 3.66 -8.42 -0.64
N TRP A 67 3.75 -7.23 -1.28
CA TRP A 67 4.99 -6.80 -1.90
C TRP A 67 5.76 -5.96 -0.92
N PHE A 68 5.13 -5.44 0.15
CA PHE A 68 5.81 -4.52 1.01
C PHE A 68 6.89 -5.18 1.85
N PRO A 69 8.07 -4.61 2.07
CA PRO A 69 9.07 -5.18 2.96
C PRO A 69 8.56 -5.08 4.39
N ARG A 70 8.57 -3.86 4.96
CA ARG A 70 8.15 -3.53 6.28
C ARG A 70 7.52 -2.21 6.01
N CYS A 71 6.42 -1.86 6.69
CA CYS A 71 5.78 -0.59 6.54
C CYS A 71 5.60 -0.13 7.91
N GLU A 72 6.53 0.67 8.42
CA GLU A 72 6.49 1.16 9.77
C GLU A 72 5.32 2.10 9.96
N PHE A 73 4.80 2.64 8.84
CA PHE A 73 3.57 3.41 8.79
C PHE A 73 2.56 2.44 9.16
N LEU A 74 2.37 1.39 8.39
CA LEU A 74 1.28 0.48 8.61
C LEU A 74 1.43 -0.47 9.75
N ILE A 75 2.53 -0.40 10.47
CA ILE A 75 2.85 -1.25 11.58
C ILE A 75 2.07 -0.86 12.83
N ARG A 76 0.89 -0.24 12.63
CA ARG A 76 0.11 0.28 13.74
C ARG A 76 -0.78 -0.79 14.25
N MET A 77 -1.80 -1.09 13.44
CA MET A 77 -2.74 -2.14 13.80
C MET A 77 -2.60 -3.22 12.77
N LYS A 78 -1.96 -2.92 11.64
CA LYS A 78 -1.84 -3.87 10.60
C LYS A 78 -0.65 -4.75 10.82
N GLY A 79 0.51 -4.20 11.10
CA GLY A 79 1.73 -5.01 11.00
C GLY A 79 1.86 -6.07 12.06
N GLN A 80 1.00 -6.04 13.07
CA GLN A 80 0.98 -6.99 14.13
C GLN A 80 -0.25 -7.81 14.08
N GLU A 81 -1.13 -7.60 13.08
CA GLU A 81 -2.36 -8.37 13.06
C GLU A 81 -2.67 -8.78 11.67
N PHE A 82 -2.46 -7.86 10.72
CA PHE A 82 -2.59 -8.06 9.33
C PHE A 82 -1.76 -9.16 8.90
N VAL A 83 -0.44 -8.91 8.82
CA VAL A 83 0.58 -9.74 8.27
C VAL A 83 0.67 -10.99 9.02
N ASP A 84 0.35 -10.93 10.32
CA ASP A 84 0.30 -12.05 11.23
C ASP A 84 -0.71 -13.06 10.74
N GLU A 85 -1.64 -12.51 9.95
CA GLU A 85 -2.69 -13.23 9.26
C GLU A 85 -2.29 -13.47 7.84
N ILE A 86 -1.90 -12.42 7.08
CA ILE A 86 -1.50 -12.49 5.68
C ILE A 86 -0.38 -13.49 5.49
N GLN A 87 0.61 -13.54 6.40
CA GLN A 87 1.73 -14.44 6.30
C GLN A 87 1.25 -15.81 6.63
N GLY A 88 0.11 -15.90 7.33
CA GLY A 88 -0.45 -17.17 7.73
C GLY A 88 -1.11 -17.84 6.58
N ARG A 89 -1.29 -17.11 5.47
CA ARG A 89 -1.89 -17.59 4.26
C ARG A 89 -0.88 -17.64 3.14
N TYR A 90 0.23 -16.91 3.33
CA TYR A 90 1.23 -16.69 2.32
C TYR A 90 2.56 -17.28 2.69
N PRO A 91 2.86 -18.54 2.45
CA PRO A 91 4.19 -19.09 2.67
C PRO A 91 5.05 -18.73 1.47
N HIS A 92 4.64 -17.75 0.66
CA HIS A 92 5.27 -17.33 -0.55
C HIS A 92 5.39 -15.85 -0.40
N LEU A 93 5.59 -15.41 0.86
CA LEU A 93 5.70 -14.03 1.22
C LEU A 93 7.03 -13.51 0.73
N LEU A 94 8.06 -14.38 0.74
CA LEU A 94 9.37 -14.02 0.26
C LEU A 94 9.28 -13.87 -1.24
N GLU A 95 9.58 -12.66 -1.74
CA GLU A 95 9.54 -12.20 -3.12
C GLU A 95 10.12 -13.22 -4.07
N GLN A 96 11.36 -13.62 -3.81
CA GLN A 96 12.06 -14.54 -4.64
C GLN A 96 12.94 -15.24 -3.65
N LEU A 97 13.35 -16.47 -3.97
CA LEU A 97 14.23 -17.24 -3.13
C LEU A 97 15.63 -16.95 -3.60
N LEU A 98 16.17 -15.80 -3.16
CA LEU A 98 17.49 -15.27 -3.39
C LEU A 98 18.06 -15.50 -4.78
N SER A 99 17.57 -14.77 -5.80
CA SER A 99 18.10 -14.89 -7.14
C SER A 99 19.13 -13.80 -7.22
N THR A 100 18.74 -12.58 -7.61
CA THR A 100 19.66 -11.49 -7.73
C THR A 100 18.70 -10.34 -7.72
N SER A 101 19.19 -9.14 -8.05
CA SER A 101 18.43 -7.93 -8.08
C SER A 101 17.85 -7.74 -9.50
ZN ZN B . 3.24 1.15 3.35
N GLY A 1 10.23 14.73 -4.03
CA GLY A 1 11.09 15.41 -3.03
C GLY A 1 10.85 14.73 -1.72
N SER A 2 11.77 14.93 -0.76
CA SER A 2 11.82 14.36 0.57
C SER A 2 10.50 14.36 1.31
N HIS A 3 9.92 15.54 1.55
CA HIS A 3 8.65 15.63 2.23
C HIS A 3 7.56 15.57 1.19
N MET A 4 6.93 14.38 1.06
CA MET A 4 5.85 14.12 0.15
C MET A 4 4.55 14.22 0.90
N GLN A 5 4.61 14.58 2.19
CA GLN A 5 3.46 14.65 3.06
C GLN A 5 2.89 16.05 3.12
N THR A 6 3.14 16.87 2.10
CA THR A 6 2.74 18.24 2.11
C THR A 6 2.71 18.66 0.65
N HIS A 7 2.86 19.97 0.40
CA HIS A 7 2.92 20.79 -0.79
C HIS A 7 1.82 20.63 -1.77
N ALA A 8 1.56 19.40 -2.21
CA ALA A 8 0.52 19.12 -3.15
C ALA A 8 0.42 17.68 -3.25
N ALA A 9 1.56 17.00 -3.05
CA ALA A 9 1.81 15.60 -3.08
C ALA A 9 0.72 14.84 -2.42
N ARG A 10 0.37 15.17 -1.18
CA ARG A 10 -0.71 14.63 -0.39
C ARG A 10 -2.04 14.59 -1.12
N MET A 11 -2.29 15.53 -2.06
CA MET A 11 -3.51 15.58 -2.81
C MET A 11 -3.22 15.16 -4.21
N ARG A 12 -1.95 14.94 -4.55
CA ARG A 12 -1.52 14.56 -5.85
C ARG A 12 -1.71 13.05 -6.05
N THR A 13 -2.04 12.32 -4.97
CA THR A 13 -2.21 10.87 -4.94
C THR A 13 -3.68 10.59 -4.76
N PHE A 14 -4.46 11.63 -4.42
CA PHE A 14 -5.88 11.58 -4.11
C PHE A 14 -6.66 11.48 -5.41
N MET A 15 -5.92 11.41 -6.51
CA MET A 15 -6.33 11.28 -7.86
C MET A 15 -6.95 9.90 -8.04
N TYR A 16 -6.39 9.04 -8.89
CA TYR A 16 -7.07 7.83 -9.24
C TYR A 16 -6.30 6.92 -10.14
N TRP A 17 -6.87 5.73 -10.31
CA TRP A 17 -6.28 4.63 -11.02
C TRP A 17 -6.65 4.46 -12.47
N PRO A 18 -7.97 4.46 -12.81
CA PRO A 18 -8.43 4.64 -14.17
C PRO A 18 -8.75 6.14 -14.25
N SER A 19 -10.03 6.55 -14.02
CA SER A 19 -10.48 7.93 -14.04
C SER A 19 -11.33 8.21 -12.80
N SER A 20 -11.27 7.39 -11.72
CA SER A 20 -12.04 7.56 -10.50
C SER A 20 -11.75 6.26 -9.80
N VAL A 21 -11.53 6.23 -8.46
CA VAL A 21 -11.33 5.06 -7.70
C VAL A 21 -12.64 4.69 -7.04
N PRO A 22 -13.49 3.82 -7.58
CA PRO A 22 -14.75 3.48 -6.93
C PRO A 22 -14.58 2.39 -5.89
N VAL A 23 -13.38 1.74 -5.80
CA VAL A 23 -13.11 0.59 -4.97
C VAL A 23 -13.70 0.61 -3.58
N GLN A 24 -13.05 1.28 -2.63
CA GLN A 24 -13.54 1.46 -1.27
C GLN A 24 -12.50 2.43 -0.81
N PRO A 25 -12.51 3.69 -1.16
CA PRO A 25 -11.38 4.58 -0.92
C PRO A 25 -11.20 4.96 0.51
N GLU A 26 -12.15 4.61 1.41
CA GLU A 26 -12.06 4.87 2.83
C GLU A 26 -10.96 4.00 3.41
N GLN A 27 -10.77 2.82 2.79
CA GLN A 27 -9.82 1.84 3.17
C GLN A 27 -8.46 2.15 2.62
N LEU A 28 -8.38 2.74 1.41
CA LEU A 28 -7.16 3.09 0.72
C LEU A 28 -6.34 4.02 1.54
N ALA A 29 -7.00 5.01 2.15
CA ALA A 29 -6.36 6.01 2.99
C ALA A 29 -5.64 5.41 4.18
N SER A 30 -6.08 4.22 4.60
CA SER A 30 -5.53 3.51 5.71
C SER A 30 -4.52 2.55 5.17
N ALA A 31 -4.72 2.05 3.93
CA ALA A 31 -3.82 1.11 3.31
C ALA A 31 -2.56 1.79 2.77
N GLY A 32 -2.60 3.10 2.48
CA GLY A 32 -1.44 3.91 2.08
C GLY A 32 -1.52 4.27 0.64
N PHE A 33 -2.74 4.49 0.14
CA PHE A 33 -3.05 4.78 -1.22
C PHE A 33 -4.04 5.84 -1.06
N TYR A 34 -4.35 6.53 -2.17
CA TYR A 34 -5.30 7.60 -2.34
C TYR A 34 -4.97 8.63 -1.33
N TYR A 35 -4.29 9.72 -1.73
CA TYR A 35 -3.78 10.74 -0.85
C TYR A 35 -2.60 10.23 -0.08
N VAL A 36 -2.67 8.98 0.42
CA VAL A 36 -1.73 8.41 1.33
C VAL A 36 -0.64 7.62 0.63
N GLY A 37 -0.71 7.51 -0.70
CA GLY A 37 0.43 7.01 -1.48
C GLY A 37 1.08 8.12 -2.27
N ARG A 38 1.47 7.88 -3.55
CA ARG A 38 2.08 8.88 -4.39
C ARG A 38 1.41 8.74 -5.73
N ASN A 39 1.42 9.83 -6.53
CA ASN A 39 0.87 10.08 -7.86
C ASN A 39 -0.31 9.25 -8.28
N ASP A 40 -0.07 8.22 -9.09
CA ASP A 40 -1.11 7.31 -9.56
C ASP A 40 -0.65 5.95 -9.16
N ASP A 41 0.67 5.72 -9.25
CA ASP A 41 1.40 4.53 -8.85
C ASP A 41 1.58 4.57 -7.36
N VAL A 42 0.46 4.56 -6.62
CA VAL A 42 0.41 4.61 -5.18
C VAL A 42 1.21 3.49 -4.56
N LYS A 43 2.43 3.84 -4.14
CA LYS A 43 3.36 2.92 -3.58
C LYS A 43 3.73 3.36 -2.21
N CYS A 44 2.74 3.95 -1.49
CA CYS A 44 2.86 4.37 -0.13
C CYS A 44 3.80 5.54 0.10
N PHE A 45 3.97 5.83 1.39
CA PHE A 45 4.74 6.86 1.99
C PHE A 45 5.91 6.21 2.66
N CYS A 46 5.67 5.44 3.75
CA CYS A 46 6.74 4.85 4.52
C CYS A 46 7.40 3.80 3.73
N CYS A 47 6.58 2.86 3.25
CA CYS A 47 7.06 1.78 2.47
C CYS A 47 7.30 2.30 1.07
N ASP A 48 8.29 1.72 0.37
CA ASP A 48 8.67 2.08 -0.96
C ASP A 48 8.19 0.95 -1.84
N GLY A 49 7.73 -0.12 -1.18
CA GLY A 49 7.29 -1.34 -1.78
C GLY A 49 5.82 -1.27 -1.95
N GLY A 50 5.35 -0.90 -3.14
CA GLY A 50 3.95 -0.78 -3.35
C GLY A 50 3.79 -0.76 -4.85
N LEU A 51 2.63 -1.19 -5.35
CA LEU A 51 2.29 -1.26 -6.74
C LEU A 51 0.79 -1.18 -6.65
N ARG A 52 0.10 -1.14 -7.81
CA ARG A 52 -1.33 -1.07 -7.91
C ARG A 52 -1.67 -2.23 -8.81
N CYS A 53 -2.64 -3.07 -8.41
CA CYS A 53 -3.11 -4.17 -9.20
C CYS A 53 -4.32 -4.51 -8.40
N TRP A 54 -5.41 -4.97 -9.04
CA TRP A 54 -6.61 -5.37 -8.36
C TRP A 54 -7.28 -6.16 -9.45
N GLU A 55 -8.06 -7.21 -9.13
CA GLU A 55 -8.70 -7.98 -10.16
C GLU A 55 -10.16 -7.70 -10.10
N SER A 56 -10.79 -7.97 -8.94
CA SER A 56 -12.22 -7.80 -8.86
C SER A 56 -12.65 -7.93 -7.43
N GLY A 57 -12.73 -6.81 -6.70
CA GLY A 57 -13.24 -6.82 -5.35
C GLY A 57 -12.13 -7.24 -4.47
N ASP A 58 -10.95 -6.64 -4.73
CA ASP A 58 -9.76 -6.87 -3.99
C ASP A 58 -9.70 -5.72 -3.06
N ASP A 59 -8.97 -5.93 -1.96
CA ASP A 59 -8.75 -4.98 -0.90
C ASP A 59 -7.48 -4.26 -1.30
N PRO A 60 -7.22 -3.02 -0.89
CA PRO A 60 -5.96 -2.35 -1.23
C PRO A 60 -4.87 -2.89 -0.36
N TRP A 61 -5.28 -3.61 0.66
CA TRP A 61 -4.52 -4.08 1.74
C TRP A 61 -3.85 -5.40 1.60
N VAL A 62 -4.47 -6.37 0.94
CA VAL A 62 -3.90 -7.64 0.74
C VAL A 62 -2.81 -7.42 -0.27
N GLU A 63 -3.05 -6.51 -1.25
CA GLU A 63 -2.09 -6.19 -2.26
C GLU A 63 -1.06 -5.34 -1.58
N HIS A 64 -1.45 -4.41 -0.67
CA HIS A 64 -0.50 -3.65 0.12
C HIS A 64 -0.32 -4.49 1.37
N ALA A 65 0.14 -5.71 1.16
CA ALA A 65 0.68 -6.58 2.16
C ALA A 65 1.53 -7.63 1.47
N LYS A 66 1.42 -7.80 0.14
CA LYS A 66 2.18 -8.67 -0.70
C LYS A 66 3.62 -8.27 -0.90
N TRP A 67 3.82 -7.24 -1.72
CA TRP A 67 5.08 -6.74 -2.22
C TRP A 67 5.78 -5.75 -1.35
N PHE A 68 5.18 -5.30 -0.23
CA PHE A 68 5.83 -4.29 0.54
C PHE A 68 7.00 -4.89 1.32
N PRO A 69 8.15 -4.25 1.53
CA PRO A 69 9.20 -4.79 2.35
C PRO A 69 8.73 -4.84 3.80
N ARG A 70 8.57 -3.69 4.44
CA ARG A 70 8.13 -3.51 5.79
C ARG A 70 7.49 -2.17 5.57
N CYS A 71 6.37 -1.88 6.23
CA CYS A 71 5.73 -0.60 6.11
C CYS A 71 5.62 -0.24 7.52
N GLU A 72 6.58 0.53 8.04
CA GLU A 72 6.58 0.92 9.43
C GLU A 72 5.43 1.84 9.73
N PHE A 73 4.82 2.42 8.68
CA PHE A 73 3.60 3.18 8.73
C PHE A 73 2.58 2.21 9.12
N LEU A 74 2.41 1.18 8.30
CA LEU A 74 1.33 0.26 8.46
C LEU A 74 1.55 -0.81 9.46
N ILE A 75 2.70 -0.81 10.11
CA ILE A 75 3.12 -1.84 11.01
C ILE A 75 2.37 -1.80 12.32
N ARG A 76 1.33 -0.95 12.35
CA ARG A 76 0.64 -0.64 13.59
C ARG A 76 -0.47 -1.59 13.88
N MET A 77 -1.60 -1.39 13.19
CA MET A 77 -2.76 -2.20 13.47
C MET A 77 -2.79 -3.25 12.41
N LYS A 78 -1.93 -3.14 11.39
CA LYS A 78 -1.87 -4.11 10.36
C LYS A 78 -0.69 -4.99 10.66
N GLY A 79 0.44 -4.44 11.00
CA GLY A 79 1.64 -5.26 11.11
C GLY A 79 1.69 -6.16 12.31
N GLN A 80 0.71 -6.05 13.21
CA GLN A 80 0.58 -6.91 14.34
C GLN A 80 -0.69 -7.70 14.22
N GLU A 81 -1.44 -7.56 13.11
CA GLU A 81 -2.71 -8.29 13.03
C GLU A 81 -2.89 -8.82 11.67
N PHE A 82 -2.74 -7.93 10.68
CA PHE A 82 -2.84 -8.19 9.28
C PHE A 82 -2.01 -9.28 8.93
N VAL A 83 -0.69 -9.03 8.92
CA VAL A 83 0.38 -9.83 8.47
C VAL A 83 0.43 -11.05 9.31
N ASP A 84 0.07 -10.90 10.58
CA ASP A 84 0.03 -12.01 11.50
C ASP A 84 -0.94 -13.06 11.00
N GLU A 85 -1.84 -12.58 10.16
CA GLU A 85 -2.82 -13.34 9.44
C GLU A 85 -2.40 -13.57 8.03
N ILE A 86 -2.09 -12.51 7.25
CA ILE A 86 -1.71 -12.55 5.84
C ILE A 86 -0.49 -13.36 5.60
N GLN A 87 0.51 -13.30 6.50
CA GLN A 87 1.72 -14.08 6.36
C GLN A 87 1.39 -15.51 6.67
N GLY A 88 0.26 -15.74 7.38
CA GLY A 88 -0.17 -17.10 7.64
C GLY A 88 -0.73 -17.75 6.42
N ARG A 89 -1.12 -16.91 5.45
CA ARG A 89 -1.66 -17.29 4.19
C ARG A 89 -0.55 -17.40 3.19
N TYR A 90 0.47 -16.55 3.39
CA TYR A 90 1.62 -16.40 2.53
C TYR A 90 2.86 -17.02 3.15
N PRO A 91 3.05 -18.31 3.39
CA PRO A 91 4.29 -18.85 3.95
C PRO A 91 5.32 -19.01 2.85
N HIS A 92 5.35 -18.05 1.92
CA HIS A 92 6.23 -17.97 0.80
C HIS A 92 6.20 -16.49 0.67
N LEU A 93 6.49 -15.81 1.80
CA LEU A 93 6.56 -14.37 1.85
C LEU A 93 8.03 -14.15 1.63
N LEU A 94 8.80 -13.87 2.72
CA LEU A 94 10.23 -13.69 2.77
C LEU A 94 10.74 -12.77 1.68
N GLU A 95 11.86 -13.14 1.02
CA GLU A 95 12.44 -12.43 -0.08
C GLU A 95 11.69 -13.02 -1.26
N GLN A 96 11.12 -12.15 -2.11
CA GLN A 96 10.31 -12.58 -3.22
C GLN A 96 11.17 -12.73 -4.44
N LEU A 97 10.56 -13.07 -5.59
CA LEU A 97 11.29 -13.26 -6.82
C LEU A 97 11.47 -11.91 -7.45
N LEU A 98 12.72 -11.57 -7.78
CA LEU A 98 13.07 -10.32 -8.39
C LEU A 98 13.50 -10.76 -9.76
N SER A 99 12.60 -10.70 -10.74
CA SER A 99 12.90 -11.02 -12.10
C SER A 99 12.41 -9.77 -12.78
N THR A 100 12.84 -9.52 -14.03
CA THR A 100 12.49 -8.31 -14.71
C THR A 100 12.53 -8.75 -16.14
N SER A 101 11.96 -7.91 -17.01
CA SER A 101 11.99 -8.04 -18.44
C SER A 101 12.95 -6.92 -18.87
ZN ZN B . 3.03 1.09 3.06
N GLY A 1 15.82 17.27 6.77
CA GLY A 1 15.60 17.53 5.34
C GLY A 1 14.15 17.88 5.21
N SER A 2 13.51 17.55 4.07
CA SER A 2 12.12 17.86 3.83
C SER A 2 11.51 16.60 3.26
N HIS A 3 10.19 16.58 3.02
CA HIS A 3 9.48 15.44 2.48
C HIS A 3 8.63 16.04 1.40
N MET A 4 7.81 15.23 0.68
CA MET A 4 6.95 15.70 -0.38
C MET A 4 5.60 15.13 -0.04
N GLN A 5 4.92 15.73 0.94
CA GLN A 5 3.66 15.23 1.44
C GLN A 5 2.82 16.42 1.75
N THR A 6 3.01 17.46 0.95
CA THR A 6 2.38 18.73 1.15
C THR A 6 2.51 19.24 -0.25
N HIS A 7 2.40 20.56 -0.48
CA HIS A 7 2.51 21.31 -1.72
C HIS A 7 1.38 21.05 -2.68
N ALA A 8 1.00 19.77 -2.83
CA ALA A 8 -0.07 19.31 -3.68
C ALA A 8 -0.07 17.85 -3.62
N ALA A 9 1.07 17.25 -3.27
CA ALA A 9 1.36 15.85 -3.13
C ALA A 9 0.25 15.06 -2.56
N ARG A 10 -0.28 15.47 -1.40
CA ARG A 10 -1.42 14.93 -0.71
C ARG A 10 -2.58 14.70 -1.63
N MET A 11 -2.83 15.62 -2.57
CA MET A 11 -3.95 15.46 -3.46
C MET A 11 -3.47 14.92 -4.77
N ARG A 12 -2.16 14.79 -4.93
CA ARG A 12 -1.53 14.30 -6.11
C ARG A 12 -1.62 12.78 -6.16
N THR A 13 -2.01 12.14 -5.04
CA THR A 13 -2.10 10.69 -4.94
C THR A 13 -3.57 10.37 -4.79
N PHE A 14 -4.39 11.40 -4.54
CA PHE A 14 -5.79 11.27 -4.24
C PHE A 14 -6.56 10.95 -5.47
N MET A 15 -6.12 11.52 -6.62
CA MET A 15 -6.67 11.49 -7.91
C MET A 15 -7.44 10.27 -8.30
N TYR A 16 -6.79 9.39 -9.07
CA TYR A 16 -7.41 8.24 -9.62
C TYR A 16 -6.44 7.48 -10.45
N TRP A 17 -6.93 6.33 -10.92
CA TRP A 17 -6.18 5.32 -11.60
C TRP A 17 -6.69 4.87 -12.97
N PRO A 18 -8.03 4.65 -13.14
CA PRO A 18 -8.66 4.60 -14.44
C PRO A 18 -9.17 6.05 -14.61
N SER A 19 -10.44 6.35 -14.24
CA SER A 19 -11.06 7.67 -14.29
C SER A 19 -11.62 8.13 -12.94
N SER A 20 -11.53 7.32 -11.85
CA SER A 20 -12.05 7.64 -10.53
C SER A 20 -11.70 6.39 -9.76
N VAL A 21 -11.65 6.37 -8.41
CA VAL A 21 -11.38 5.20 -7.64
C VAL A 21 -12.67 4.57 -7.13
N PRO A 22 -13.30 3.62 -7.81
CA PRO A 22 -14.51 2.97 -7.33
C PRO A 22 -14.17 1.82 -6.41
N VAL A 23 -12.95 1.75 -5.81
CA VAL A 23 -12.59 0.65 -4.95
C VAL A 23 -13.31 0.77 -3.61
N GLN A 24 -12.59 1.00 -2.51
CA GLN A 24 -13.21 1.18 -1.21
C GLN A 24 -12.28 2.26 -0.83
N PRO A 25 -12.48 3.50 -1.27
CA PRO A 25 -11.45 4.52 -1.18
C PRO A 25 -11.20 4.98 0.23
N GLU A 26 -12.11 4.67 1.18
CA GLU A 26 -11.99 5.01 2.58
C GLU A 26 -10.81 4.26 3.14
N GLN A 27 -10.82 2.94 2.90
CA GLN A 27 -9.84 2.00 3.36
C GLN A 27 -8.49 2.22 2.75
N LEU A 28 -8.44 2.78 1.53
CA LEU A 28 -7.22 3.10 0.83
C LEU A 28 -6.37 4.03 1.63
N ALA A 29 -6.97 5.08 2.20
CA ALA A 29 -6.26 6.08 2.99
C ALA A 29 -5.57 5.48 4.20
N SER A 30 -6.11 4.35 4.67
CA SER A 30 -5.63 3.61 5.80
C SER A 30 -4.59 2.65 5.31
N ALA A 31 -4.78 2.12 4.08
CA ALA A 31 -3.90 1.17 3.47
C ALA A 31 -2.64 1.83 2.90
N GLY A 32 -2.68 3.15 2.60
CA GLY A 32 -1.55 3.97 2.19
C GLY A 32 -1.62 4.31 0.74
N PHE A 33 -2.84 4.45 0.21
CA PHE A 33 -3.14 4.65 -1.17
C PHE A 33 -4.13 5.71 -1.07
N TYR A 34 -4.39 6.43 -2.17
CA TYR A 34 -5.33 7.52 -2.30
C TYR A 34 -4.91 8.55 -1.31
N TYR A 35 -4.32 9.67 -1.75
CA TYR A 35 -3.86 10.70 -0.87
C TYR A 35 -2.63 10.35 -0.05
N VAL A 36 -2.52 9.06 0.36
CA VAL A 36 -1.52 8.57 1.27
C VAL A 36 -0.46 7.76 0.55
N GLY A 37 -0.65 7.50 -0.73
CA GLY A 37 0.42 6.88 -1.50
C GLY A 37 1.14 7.90 -2.35
N ARG A 38 1.51 7.55 -3.60
CA ARG A 38 2.25 8.42 -4.48
C ARG A 38 1.51 8.32 -5.77
N ASN A 39 1.54 9.41 -6.57
CA ASN A 39 0.91 9.69 -7.86
C ASN A 39 -0.16 8.75 -8.34
N ASP A 40 0.20 7.85 -9.27
CA ASP A 40 -0.70 6.91 -9.90
C ASP A 40 -0.45 5.61 -9.24
N ASP A 41 0.85 5.25 -9.21
CA ASP A 41 1.44 4.06 -8.71
C ASP A 41 1.55 4.12 -7.22
N VAL A 42 0.40 4.25 -6.51
CA VAL A 42 0.30 4.31 -5.08
C VAL A 42 0.99 3.12 -4.47
N LYS A 43 2.20 3.37 -3.94
CA LYS A 43 2.98 2.36 -3.31
C LYS A 43 2.63 2.50 -1.86
N CYS A 44 2.95 3.68 -1.29
CA CYS A 44 2.76 4.06 0.06
C CYS A 44 3.68 5.25 0.15
N PHE A 45 4.07 5.55 1.40
CA PHE A 45 4.93 6.56 1.90
C PHE A 45 6.07 5.85 2.58
N CYS A 46 5.87 5.40 3.85
CA CYS A 46 6.88 4.85 4.72
C CYS A 46 7.58 3.63 4.21
N CYS A 47 6.77 2.69 3.73
CA CYS A 47 7.08 1.40 3.16
C CYS A 47 8.40 1.33 2.41
N ASP A 48 9.11 0.22 2.65
CA ASP A 48 10.39 -0.13 2.11
C ASP A 48 10.21 -0.66 0.70
N GLY A 49 8.99 -1.15 0.40
CA GLY A 49 8.68 -1.80 -0.86
C GLY A 49 7.50 -1.12 -1.46
N GLY A 50 6.77 -1.83 -2.34
CA GLY A 50 5.57 -1.31 -2.97
C GLY A 50 5.59 -1.81 -4.38
N LEU A 51 4.43 -1.81 -5.07
CA LEU A 51 4.29 -2.26 -6.43
C LEU A 51 2.92 -1.72 -6.77
N ARG A 52 2.35 -2.02 -7.96
CA ARG A 52 1.03 -1.58 -8.32
C ARG A 52 0.44 -2.67 -9.19
N CYS A 53 -0.60 -3.38 -8.71
CA CYS A 53 -1.25 -4.41 -9.47
C CYS A 53 -2.49 -4.65 -8.68
N TRP A 54 -3.59 -3.94 -8.97
CA TRP A 54 -4.84 -4.12 -8.24
C TRP A 54 -5.55 -5.27 -8.91
N GLU A 55 -6.27 -6.08 -8.11
CA GLU A 55 -7.11 -7.13 -8.62
C GLU A 55 -8.45 -6.48 -8.91
N SER A 56 -9.59 -7.21 -8.83
CA SER A 56 -10.87 -6.66 -9.23
C SER A 56 -11.53 -5.75 -8.21
N GLY A 57 -10.87 -4.65 -7.79
CA GLY A 57 -11.43 -3.69 -6.86
C GLY A 57 -11.49 -4.31 -5.51
N ASP A 58 -10.38 -5.00 -5.20
CA ASP A 58 -10.16 -5.77 -4.00
C ASP A 58 -9.89 -4.92 -2.80
N ASP A 59 -9.22 -5.50 -1.80
CA ASP A 59 -8.82 -4.80 -0.61
C ASP A 59 -7.60 -4.04 -0.97
N PRO A 60 -7.34 -2.81 -0.56
CA PRO A 60 -6.10 -2.13 -0.88
C PRO A 60 -5.01 -2.67 -0.02
N TRP A 61 -5.42 -3.47 0.95
CA TRP A 61 -4.65 -3.99 2.01
C TRP A 61 -3.98 -5.30 1.81
N VAL A 62 -4.60 -6.27 1.16
CA VAL A 62 -4.00 -7.53 0.87
C VAL A 62 -2.97 -7.21 -0.18
N GLU A 63 -3.29 -6.24 -1.09
CA GLU A 63 -2.42 -5.75 -2.12
C GLU A 63 -1.31 -5.02 -1.43
N HIS A 64 -1.66 -4.15 -0.47
CA HIS A 64 -0.66 -3.48 0.33
C HIS A 64 -0.49 -4.35 1.54
N ALA A 65 -0.02 -5.55 1.27
CA ALA A 65 0.53 -6.45 2.22
C ALA A 65 1.33 -7.45 1.42
N LYS A 66 0.83 -7.84 0.22
CA LYS A 66 1.46 -8.74 -0.73
C LYS A 66 2.89 -8.41 -1.04
N TRP A 67 3.06 -7.21 -1.62
CA TRP A 67 4.34 -6.76 -2.12
C TRP A 67 5.10 -5.87 -1.18
N PHE A 68 4.59 -5.57 0.03
CA PHE A 68 5.31 -4.73 0.93
C PHE A 68 6.21 -5.61 1.74
N PRO A 69 7.50 -5.44 1.93
CA PRO A 69 8.21 -6.24 2.90
C PRO A 69 7.99 -5.64 4.29
N ARG A 70 8.09 -4.30 4.45
CA ARG A 70 8.03 -3.56 5.68
C ARG A 70 7.32 -2.27 5.38
N CYS A 71 6.45 -1.77 6.28
CA CYS A 71 5.70 -0.53 6.22
C CYS A 71 5.65 -0.10 7.64
N GLU A 72 6.57 0.71 8.14
CA GLU A 72 6.56 1.11 9.53
C GLU A 72 5.39 2.01 9.85
N PHE A 73 4.79 2.60 8.79
CA PHE A 73 3.58 3.38 8.81
C PHE A 73 2.54 2.46 9.23
N LEU A 74 2.35 1.39 8.48
CA LEU A 74 1.24 0.52 8.70
C LEU A 74 1.47 -0.50 9.74
N ILE A 75 2.63 -0.49 10.38
CA ILE A 75 3.02 -1.43 11.37
C ILE A 75 2.27 -1.28 12.67
N ARG A 76 1.22 -0.43 12.64
CA ARG A 76 0.54 -0.01 13.85
C ARG A 76 -0.36 -1.05 14.37
N MET A 77 -1.39 -1.34 13.56
CA MET A 77 -2.30 -2.39 13.93
C MET A 77 -2.13 -3.41 12.87
N LYS A 78 -1.77 -3.02 11.64
CA LYS A 78 -1.72 -3.97 10.58
C LYS A 78 -0.51 -4.85 10.73
N GLY A 79 0.64 -4.30 11.03
CA GLY A 79 1.85 -5.08 10.93
C GLY A 79 2.03 -6.09 12.03
N GLN A 80 1.13 -6.11 13.02
CA GLN A 80 1.15 -7.05 14.10
C GLN A 80 -0.07 -7.90 14.05
N GLU A 81 -0.97 -7.66 13.08
CA GLU A 81 -2.24 -8.38 13.09
C GLU A 81 -2.55 -8.80 11.73
N PHE A 82 -2.44 -7.87 10.77
CA PHE A 82 -2.62 -8.11 9.38
C PHE A 82 -1.79 -9.20 8.94
N VAL A 83 -0.47 -8.96 8.88
CA VAL A 83 0.54 -9.78 8.35
C VAL A 83 0.63 -11.02 9.13
N ASP A 84 0.32 -10.94 10.41
CA ASP A 84 0.30 -12.09 11.30
C ASP A 84 -0.71 -13.11 10.81
N GLU A 85 -1.62 -12.57 10.00
CA GLU A 85 -2.65 -13.29 9.28
C GLU A 85 -2.21 -13.51 7.87
N ILE A 86 -1.93 -12.44 7.11
CA ILE A 86 -1.58 -12.48 5.71
C ILE A 86 -0.36 -13.33 5.42
N GLN A 87 0.64 -13.33 6.31
CA GLN A 87 1.84 -14.13 6.15
C GLN A 87 1.48 -15.56 6.42
N GLY A 88 0.39 -15.78 7.18
CA GLY A 88 -0.08 -17.12 7.44
C GLY A 88 -0.64 -17.76 6.20
N ARG A 89 -0.99 -16.91 5.24
CA ARG A 89 -1.54 -17.25 3.97
C ARG A 89 -0.47 -17.32 2.92
N TYR A 90 0.62 -16.58 3.15
CA TYR A 90 1.72 -16.42 2.22
C TYR A 90 2.98 -17.13 2.70
N PRO A 91 3.13 -18.44 2.81
CA PRO A 91 4.37 -19.07 3.27
C PRO A 91 5.38 -19.14 2.13
N HIS A 92 5.47 -18.10 1.30
CA HIS A 92 6.37 -18.04 0.18
C HIS A 92 6.60 -16.58 0.02
N LEU A 93 6.56 -15.86 1.15
CA LEU A 93 6.66 -14.42 1.17
C LEU A 93 8.08 -13.98 0.88
N LEU A 94 9.05 -14.76 1.41
CA LEU A 94 10.48 -14.50 1.27
C LEU A 94 10.93 -14.43 -0.17
N GLU A 95 11.82 -13.44 -0.43
CA GLU A 95 12.41 -13.08 -1.70
C GLU A 95 13.20 -14.22 -2.29
N GLN A 96 14.43 -14.46 -1.79
CA GLN A 96 15.35 -15.44 -2.26
C GLN A 96 15.97 -15.93 -0.98
N LEU A 97 17.05 -16.72 -1.09
CA LEU A 97 17.81 -17.21 0.04
C LEU A 97 18.86 -16.16 0.30
N LEU A 98 19.78 -16.39 1.26
CA LEU A 98 20.79 -15.41 1.58
C LEU A 98 21.90 -15.63 0.60
N SER A 99 22.48 -14.53 0.09
CA SER A 99 23.55 -14.50 -0.89
C SER A 99 22.99 -14.95 -2.23
N THR A 100 22.73 -14.01 -3.15
CA THR A 100 22.16 -14.35 -4.42
C THR A 100 23.27 -14.83 -5.33
N SER A 101 22.92 -15.12 -6.59
CA SER A 101 23.85 -15.47 -7.61
C SER A 101 24.08 -14.16 -8.38
ZN ZN B . 3.04 0.97 3.39
N GLY A 1 -8.63 19.33 -0.51
CA GLY A 1 -8.94 20.61 -1.18
C GLY A 1 -7.83 21.56 -0.97
N SER A 2 -8.05 22.55 -0.08
CA SER A 2 -7.14 23.63 0.19
C SER A 2 -5.91 23.17 0.92
N HIS A 3 -6.08 22.34 1.97
CA HIS A 3 -4.94 21.93 2.76
C HIS A 3 -4.21 20.78 2.10
N MET A 4 -2.90 20.97 1.87
CA MET A 4 -2.02 20.00 1.29
C MET A 4 -1.32 19.35 2.45
N GLN A 5 -0.10 18.84 2.25
CA GLN A 5 0.69 18.25 3.26
C GLN A 5 2.04 18.73 2.85
N THR A 6 2.71 17.95 1.99
CA THR A 6 4.04 18.27 1.54
C THR A 6 3.94 19.21 0.35
N HIS A 7 4.66 18.88 -0.72
CA HIS A 7 4.78 19.61 -1.94
C HIS A 7 3.57 19.51 -2.82
N ALA A 8 2.66 18.52 -2.58
CA ALA A 8 1.49 18.28 -3.39
C ALA A 8 1.11 16.88 -3.18
N ALA A 9 1.98 16.05 -2.56
CA ALA A 9 1.78 14.64 -2.26
C ALA A 9 0.38 14.29 -1.93
N ARG A 10 -0.19 14.93 -0.89
CA ARG A 10 -1.57 14.82 -0.43
C ARG A 10 -2.55 14.79 -1.56
N MET A 11 -2.31 15.51 -2.69
CA MET A 11 -3.25 15.46 -3.79
C MET A 11 -2.65 14.77 -4.99
N ARG A 12 -1.35 14.41 -4.92
CA ARG A 12 -0.62 13.74 -5.96
C ARG A 12 -1.10 12.31 -6.11
N THR A 13 -1.82 11.79 -5.08
CA THR A 13 -2.19 10.40 -5.03
C THR A 13 -3.70 10.31 -4.98
N PHE A 14 -4.37 11.43 -4.75
CA PHE A 14 -5.79 11.52 -4.53
C PHE A 14 -6.55 11.34 -5.83
N MET A 15 -5.80 11.30 -6.94
CA MET A 15 -6.18 11.11 -8.32
C MET A 15 -7.01 9.85 -8.47
N TYR A 16 -6.44 8.76 -8.99
CA TYR A 16 -7.14 7.54 -9.28
C TYR A 16 -6.31 6.55 -10.03
N TRP A 17 -6.88 5.36 -10.22
CA TRP A 17 -6.21 4.23 -10.80
C TRP A 17 -6.52 3.88 -12.24
N PRO A 18 -7.82 3.79 -12.63
CA PRO A 18 -8.23 3.80 -14.01
C PRO A 18 -8.52 5.27 -14.29
N SER A 19 -9.79 5.72 -14.12
CA SER A 19 -10.26 7.07 -14.31
C SER A 19 -11.15 7.50 -13.14
N SER A 20 -11.16 6.81 -11.97
CA SER A 20 -12.00 7.14 -10.82
C SER A 20 -11.69 5.98 -9.92
N VAL A 21 -11.64 6.11 -8.57
CA VAL A 21 -11.49 5.01 -7.68
C VAL A 21 -12.81 4.56 -7.06
N PRO A 22 -13.66 3.76 -7.70
CA PRO A 22 -14.87 3.26 -7.09
C PRO A 22 -14.54 2.03 -6.26
N VAL A 23 -13.34 1.94 -5.63
CA VAL A 23 -12.96 0.77 -4.85
C VAL A 23 -13.57 0.96 -3.47
N GLN A 24 -12.77 1.16 -2.42
CA GLN A 24 -13.28 1.36 -1.07
C GLN A 24 -12.34 2.42 -0.62
N PRO A 25 -12.47 3.68 -1.04
CA PRO A 25 -11.42 4.66 -0.85
C PRO A 25 -11.27 5.15 0.55
N GLU A 26 -12.28 4.94 1.41
CA GLU A 26 -12.25 5.37 2.78
C GLU A 26 -11.34 4.45 3.56
N GLN A 27 -11.08 3.25 2.99
CA GLN A 27 -10.25 2.22 3.53
C GLN A 27 -8.88 2.33 2.92
N LEU A 28 -8.75 2.84 1.67
CA LEU A 28 -7.49 3.13 0.99
C LEU A 28 -6.70 4.06 1.84
N ALA A 29 -7.37 5.05 2.43
CA ALA A 29 -6.79 6.05 3.30
C ALA A 29 -6.17 5.49 4.56
N SER A 30 -6.47 4.21 4.87
CA SER A 30 -5.96 3.46 5.98
C SER A 30 -4.92 2.51 5.44
N ALA A 31 -5.13 2.00 4.21
CA ALA A 31 -4.23 1.07 3.56
C ALA A 31 -2.96 1.73 3.02
N GLY A 32 -3.00 3.03 2.68
CA GLY A 32 -1.87 3.90 2.31
C GLY A 32 -1.94 4.22 0.88
N PHE A 33 -3.15 4.47 0.37
CA PHE A 33 -3.39 4.76 -0.99
C PHE A 33 -4.40 5.81 -0.89
N TYR A 34 -4.59 6.48 -2.05
CA TYR A 34 -5.48 7.57 -2.37
C TYR A 34 -5.13 8.66 -1.40
N TYR A 35 -4.57 9.78 -1.88
CA TYR A 35 -4.08 10.84 -1.04
C TYR A 35 -2.84 10.47 -0.24
N VAL A 36 -2.70 9.18 0.13
CA VAL A 36 -1.65 8.66 0.98
C VAL A 36 -0.48 8.04 0.21
N GLY A 37 -0.64 7.78 -1.09
CA GLY A 37 0.50 7.40 -1.92
C GLY A 37 1.47 8.45 -2.42
N ARG A 38 2.36 8.05 -3.39
CA ARG A 38 3.27 8.94 -4.08
C ARG A 38 3.56 8.23 -5.38
N ASN A 39 4.34 8.87 -6.26
CA ASN A 39 4.81 8.44 -7.56
C ASN A 39 3.74 8.43 -8.61
N ASP A 40 3.20 7.24 -8.90
CA ASP A 40 2.21 7.05 -9.93
C ASP A 40 1.43 5.86 -9.46
N ASP A 41 2.13 4.71 -9.30
CA ASP A 41 1.55 3.46 -8.84
C ASP A 41 1.48 3.51 -7.34
N VAL A 42 0.77 4.52 -6.78
CA VAL A 42 0.53 4.86 -5.39
C VAL A 42 1.21 3.95 -4.41
N LYS A 43 2.48 4.26 -4.17
CA LYS A 43 3.39 3.46 -3.41
C LYS A 43 3.47 3.83 -1.96
N CYS A 44 2.38 4.36 -1.38
CA CYS A 44 2.29 4.69 0.02
C CYS A 44 3.31 5.75 0.43
N PHE A 45 3.60 5.85 1.74
CA PHE A 45 4.49 6.83 2.30
C PHE A 45 5.64 6.19 3.00
N CYS A 46 5.41 5.57 4.17
CA CYS A 46 6.48 5.03 4.99
C CYS A 46 7.02 3.76 4.43
N CYS A 47 6.20 3.15 3.60
CA CYS A 47 6.47 1.99 2.78
C CYS A 47 7.68 2.29 1.93
N ASP A 48 8.66 1.37 1.99
CA ASP A 48 9.89 1.44 1.26
C ASP A 48 9.60 1.03 -0.16
N GLY A 49 8.60 0.14 -0.31
CA GLY A 49 8.28 -0.53 -1.55
C GLY A 49 7.06 0.11 -2.09
N GLY A 50 5.95 -0.67 -2.19
CA GLY A 50 4.67 -0.17 -2.62
C GLY A 50 4.54 -0.36 -4.11
N LEU A 51 3.30 -0.57 -4.63
CA LEU A 51 3.03 -0.77 -6.02
C LEU A 51 1.52 -0.71 -6.05
N ARG A 52 0.89 -0.91 -7.23
CA ARG A 52 -0.52 -0.85 -7.45
C ARG A 52 -0.75 -1.83 -8.56
N CYS A 53 -1.48 -2.95 -8.33
CA CYS A 53 -1.76 -3.91 -9.39
C CYS A 53 -3.14 -4.46 -9.14
N TRP A 54 -4.06 -3.59 -8.68
CA TRP A 54 -5.42 -3.85 -8.29
C TRP A 54 -6.23 -4.91 -9.02
N GLU A 55 -6.85 -5.80 -8.22
CA GLU A 55 -7.78 -6.81 -8.65
C GLU A 55 -9.13 -6.12 -8.74
N SER A 56 -10.22 -6.88 -8.90
CA SER A 56 -11.55 -6.38 -9.13
C SER A 56 -12.20 -5.84 -7.90
N GLY A 57 -11.81 -4.63 -7.48
CA GLY A 57 -12.45 -3.89 -6.42
C GLY A 57 -12.21 -4.61 -5.14
N ASP A 58 -10.96 -5.05 -4.95
CA ASP A 58 -10.58 -5.84 -3.82
C ASP A 58 -10.32 -4.95 -2.63
N ASP A 59 -9.71 -5.54 -1.59
CA ASP A 59 -9.34 -4.82 -0.39
C ASP A 59 -8.06 -4.13 -0.77
N PRO A 60 -7.76 -2.92 -0.33
CA PRO A 60 -6.52 -2.26 -0.69
C PRO A 60 -5.41 -2.81 0.14
N TRP A 61 -5.78 -3.63 1.11
CA TRP A 61 -4.97 -4.14 2.14
C TRP A 61 -4.29 -5.42 1.90
N VAL A 62 -4.91 -6.37 1.22
CA VAL A 62 -4.32 -7.63 0.90
C VAL A 62 -3.31 -7.31 -0.16
N GLU A 63 -3.67 -6.38 -1.10
CA GLU A 63 -2.83 -5.89 -2.15
C GLU A 63 -1.71 -5.14 -1.47
N HIS A 64 -2.04 -4.32 -0.47
CA HIS A 64 -1.03 -3.62 0.29
C HIS A 64 -0.78 -4.46 1.52
N ALA A 65 -0.34 -5.68 1.25
CA ALA A 65 0.30 -6.50 2.25
C ALA A 65 1.19 -7.48 1.52
N LYS A 66 1.27 -7.36 0.18
CA LYS A 66 2.09 -8.12 -0.72
C LYS A 66 3.46 -7.52 -0.94
N TRP A 67 3.48 -6.45 -1.75
CA TRP A 67 4.65 -5.78 -2.29
C TRP A 67 5.22 -4.70 -1.43
N PHE A 68 5.10 -4.76 -0.09
CA PHE A 68 5.71 -3.79 0.75
C PHE A 68 6.85 -4.54 1.39
N PRO A 69 8.13 -4.20 1.41
CA PRO A 69 9.08 -4.98 2.20
C PRO A 69 8.84 -4.65 3.66
N ARG A 70 8.41 -3.40 3.96
CA ARG A 70 8.11 -2.87 5.25
C ARG A 70 7.24 -1.70 4.85
N CYS A 71 6.37 -1.27 5.78
CA CYS A 71 5.51 -0.12 5.74
C CYS A 71 5.53 0.08 7.21
N GLU A 72 6.41 0.94 7.72
CA GLU A 72 6.58 1.24 9.14
C GLU A 72 5.44 2.10 9.64
N PHE A 73 4.65 2.58 8.69
CA PHE A 73 3.42 3.30 8.82
C PHE A 73 2.47 2.29 9.24
N LEU A 74 2.31 1.28 8.39
CA LEU A 74 1.27 0.31 8.59
C LEU A 74 1.65 -0.78 9.49
N ILE A 75 2.85 -0.75 10.06
CA ILE A 75 3.36 -1.80 10.87
C ILE A 75 2.71 -1.78 12.25
N ARG A 76 1.61 -1.02 12.38
CA ARG A 76 0.98 -0.78 13.67
C ARG A 76 0.03 -1.85 14.00
N MET A 77 -1.22 -1.73 13.49
CA MET A 77 -2.21 -2.72 13.86
C MET A 77 -2.17 -3.72 12.77
N LYS A 78 -1.72 -3.33 11.58
CA LYS A 78 -1.67 -4.24 10.51
C LYS A 78 -0.45 -5.11 10.65
N GLY A 79 0.69 -4.53 10.95
CA GLY A 79 1.92 -5.29 10.86
C GLY A 79 2.12 -6.28 11.96
N GLN A 80 1.26 -6.24 12.98
CA GLN A 80 1.31 -7.14 14.09
C GLN A 80 0.03 -7.91 14.13
N GLU A 81 -0.82 -7.83 13.09
CA GLU A 81 -2.05 -8.59 13.14
C GLU A 81 -2.33 -9.04 11.77
N PHE A 82 -2.42 -8.08 10.82
CA PHE A 82 -2.66 -8.32 9.43
C PHE A 82 -1.82 -9.37 8.92
N VAL A 83 -0.52 -9.07 8.79
CA VAL A 83 0.50 -9.83 8.16
C VAL A 83 0.71 -11.07 8.91
N ASP A 84 0.50 -11.03 10.22
CA ASP A 84 0.60 -12.17 11.10
C ASP A 84 -0.39 -13.23 10.69
N GLU A 85 -1.42 -12.74 10.01
CA GLU A 85 -2.50 -13.50 9.44
C GLU A 85 -2.24 -13.73 7.98
N ILE A 86 -1.95 -12.66 7.22
CA ILE A 86 -1.72 -12.67 5.79
C ILE A 86 -0.55 -13.56 5.44
N GLN A 87 0.51 -13.56 6.26
CA GLN A 87 1.68 -14.39 6.04
C GLN A 87 1.31 -15.82 6.34
N GLY A 88 0.22 -16.00 7.12
CA GLY A 88 -0.22 -17.34 7.46
C GLY A 88 -0.79 -18.02 6.26
N ARG A 89 -1.13 -17.21 5.26
CA ARG A 89 -1.68 -17.59 4.02
C ARG A 89 -0.62 -17.60 2.96
N TYR A 90 0.31 -16.64 3.07
CA TYR A 90 1.34 -16.32 2.12
C TYR A 90 2.69 -16.86 2.52
N PRO A 91 3.10 -18.08 2.27
CA PRO A 91 4.41 -18.58 2.67
C PRO A 91 5.54 -18.08 1.81
N HIS A 92 5.35 -17.03 0.99
CA HIS A 92 6.36 -16.54 0.09
C HIS A 92 6.42 -15.08 0.35
N LEU A 93 6.00 -14.68 1.56
CA LEU A 93 5.90 -13.32 2.00
C LEU A 93 7.26 -12.68 2.04
N LEU A 94 8.24 -13.44 2.54
CA LEU A 94 9.63 -13.06 2.75
C LEU A 94 10.24 -12.32 1.59
N GLU A 95 11.01 -11.27 1.93
CA GLU A 95 11.67 -10.37 1.02
C GLU A 95 12.78 -11.11 0.32
N GLN A 96 13.72 -11.65 1.11
CA GLN A 96 14.85 -12.39 0.64
C GLN A 96 14.91 -13.43 1.71
N LEU A 97 15.64 -14.53 1.46
CA LEU A 97 15.75 -15.61 2.41
C LEU A 97 16.94 -15.28 3.26
N LEU A 98 18.11 -15.20 2.62
CA LEU A 98 19.35 -14.91 3.27
C LEU A 98 20.05 -14.19 2.17
N SER A 99 20.32 -14.92 1.08
CA SER A 99 20.97 -14.41 -0.07
C SER A 99 19.91 -13.81 -0.98
N THR A 100 20.35 -12.97 -1.92
CA THR A 100 19.57 -12.31 -2.93
C THR A 100 20.48 -12.63 -4.10
N SER A 101 19.93 -12.79 -5.30
CA SER A 101 20.65 -13.06 -6.51
C SER A 101 20.29 -11.88 -7.43
ZN ZN B . 2.48 1.23 3.13
N GLY A 1 -1.68 26.71 1.36
CA GLY A 1 -2.77 25.71 1.28
C GLY A 1 -3.10 25.36 2.69
N SER A 2 -4.39 25.12 3.00
CA SER A 2 -4.81 24.74 4.32
C SER A 2 -4.61 23.24 4.34
N HIS A 3 -5.06 22.55 3.26
CA HIS A 3 -4.87 21.13 3.08
C HIS A 3 -3.48 20.96 2.51
N MET A 4 -2.71 20.00 3.05
CA MET A 4 -1.41 19.60 2.55
C MET A 4 -1.04 18.52 3.52
N GLN A 5 -0.02 17.68 3.19
CA GLN A 5 0.48 16.65 4.04
C GLN A 5 1.89 17.14 4.23
N THR A 6 2.73 16.78 3.25
CA THR A 6 4.10 17.16 3.19
C THR A 6 4.14 18.25 2.11
N HIS A 7 4.53 17.94 0.86
CA HIS A 7 4.69 18.96 -0.17
C HIS A 7 3.56 19.16 -1.16
N ALA A 8 2.55 18.27 -1.26
CA ALA A 8 1.44 18.31 -2.22
C ALA A 8 1.02 16.91 -2.35
N ALA A 9 1.88 15.99 -1.92
CA ALA A 9 1.70 14.56 -1.89
C ALA A 9 0.30 14.14 -1.62
N ARG A 10 -0.33 14.66 -0.54
CA ARG A 10 -1.72 14.41 -0.19
C ARG A 10 -2.64 14.45 -1.37
N MET A 11 -2.44 15.38 -2.32
CA MET A 11 -3.35 15.41 -3.45
C MET A 11 -2.75 14.72 -4.63
N ARG A 12 -1.43 14.51 -4.59
CA ARG A 12 -0.70 13.90 -5.65
C ARG A 12 -1.06 12.43 -5.83
N THR A 13 -1.77 11.83 -4.85
CA THR A 13 -2.09 10.42 -4.86
C THR A 13 -3.59 10.28 -4.85
N PHE A 14 -4.29 11.39 -4.58
CA PHE A 14 -5.73 11.42 -4.39
C PHE A 14 -6.42 11.41 -5.74
N MET A 15 -5.60 11.44 -6.81
CA MET A 15 -5.90 11.41 -8.21
C MET A 15 -6.71 10.19 -8.54
N TYR A 16 -6.15 9.19 -9.23
CA TYR A 16 -6.88 8.05 -9.68
C TYR A 16 -6.07 7.11 -10.52
N TRP A 17 -6.69 5.96 -10.77
CA TRP A 17 -6.08 4.82 -11.41
C TRP A 17 -6.46 4.50 -12.84
N PRO A 18 -7.77 4.38 -13.18
CA PRO A 18 -8.25 4.51 -14.54
C PRO A 18 -8.58 6.00 -14.63
N SER A 19 -9.85 6.40 -14.41
CA SER A 19 -10.32 7.76 -14.39
C SER A 19 -10.95 8.13 -13.06
N SER A 20 -10.97 7.28 -11.99
CA SER A 20 -11.62 7.59 -10.72
C SER A 20 -11.32 6.38 -9.89
N VAL A 21 -11.44 6.38 -8.53
CA VAL A 21 -11.29 5.24 -7.70
C VAL A 21 -12.67 4.71 -7.36
N PRO A 22 -13.25 3.77 -8.10
CA PRO A 22 -14.55 3.19 -7.82
C PRO A 22 -14.40 2.05 -6.85
N VAL A 23 -13.31 1.99 -6.04
CA VAL A 23 -13.06 0.87 -5.17
C VAL A 23 -13.85 0.95 -3.87
N GLN A 24 -13.17 1.19 -2.74
CA GLN A 24 -13.80 1.33 -1.44
C GLN A 24 -12.78 2.30 -0.97
N PRO A 25 -12.84 3.57 -1.34
CA PRO A 25 -11.70 4.45 -1.17
C PRO A 25 -11.42 4.84 0.26
N GLU A 26 -12.37 4.57 1.18
CA GLU A 26 -12.28 4.84 2.58
C GLU A 26 -11.19 4.02 3.21
N GLN A 27 -11.06 2.75 2.79
CA GLN A 27 -10.10 1.82 3.33
C GLN A 27 -8.70 2.14 2.85
N LEU A 28 -8.59 2.69 1.62
CA LEU A 28 -7.37 3.05 0.95
C LEU A 28 -6.57 4.01 1.76
N ALA A 29 -7.28 4.98 2.37
CA ALA A 29 -6.72 6.04 3.19
C ALA A 29 -6.07 5.54 4.45
N SER A 30 -6.28 4.26 4.78
CA SER A 30 -5.70 3.59 5.90
C SER A 30 -4.66 2.64 5.35
N ALA A 31 -4.85 2.10 4.12
CA ALA A 31 -3.93 1.17 3.53
C ALA A 31 -2.66 1.81 2.94
N GLY A 32 -2.71 3.09 2.54
CA GLY A 32 -1.56 3.89 2.09
C GLY A 32 -1.68 4.19 0.64
N PHE A 33 -2.92 4.33 0.15
CA PHE A 33 -3.28 4.49 -1.22
C PHE A 33 -4.23 5.60 -1.10
N TYR A 34 -4.52 6.28 -2.23
CA TYR A 34 -5.44 7.40 -2.36
C TYR A 34 -5.07 8.44 -1.35
N TYR A 35 -4.51 9.58 -1.76
CA TYR A 35 -4.03 10.60 -0.86
C TYR A 35 -2.80 10.23 -0.10
N VAL A 36 -2.69 8.94 0.28
CA VAL A 36 -1.66 8.43 1.15
C VAL A 36 -0.54 7.73 0.42
N GLY A 37 -0.71 7.36 -0.85
CA GLY A 37 0.39 6.76 -1.58
C GLY A 37 1.17 7.76 -2.38
N ARG A 38 1.73 7.36 -3.55
CA ARG A 38 2.48 8.26 -4.38
C ARG A 38 2.05 7.99 -5.80
N ASN A 39 1.73 9.07 -6.54
CA ASN A 39 1.32 9.18 -7.93
C ASN A 39 0.01 8.50 -8.27
N ASP A 40 0.06 7.33 -8.89
CA ASP A 40 -1.12 6.61 -9.35
C ASP A 40 -0.94 5.19 -8.93
N ASP A 41 0.28 4.68 -9.15
CA ASP A 41 0.74 3.36 -8.76
C ASP A 41 1.15 3.50 -7.32
N VAL A 42 0.19 3.86 -6.46
CA VAL A 42 0.30 4.17 -5.05
C VAL A 42 1.27 3.32 -4.26
N LYS A 43 2.52 3.81 -4.25
CA LYS A 43 3.64 3.18 -3.61
C LYS A 43 3.86 3.82 -2.27
N CYS A 44 2.79 3.94 -1.47
CA CYS A 44 2.76 4.41 -0.11
C CYS A 44 3.59 5.66 0.18
N PHE A 45 3.94 5.85 1.45
CA PHE A 45 4.74 6.93 1.97
C PHE A 45 5.93 6.29 2.61
N CYS A 46 5.71 5.53 3.70
CA CYS A 46 6.80 4.93 4.46
C CYS A 46 7.43 3.88 3.64
N CYS A 47 6.58 2.96 3.18
CA CYS A 47 7.02 1.88 2.34
C CYS A 47 7.01 2.43 0.94
N ASP A 48 7.83 1.88 0.03
CA ASP A 48 7.86 2.25 -1.36
C ASP A 48 7.52 1.00 -2.11
N GLY A 49 7.52 -0.11 -1.36
CA GLY A 49 7.10 -1.44 -1.75
C GLY A 49 5.62 -1.44 -1.82
N GLY A 50 5.10 -1.04 -2.96
CA GLY A 50 3.70 -0.93 -3.17
C GLY A 50 3.57 -0.96 -4.64
N LEU A 51 2.35 -1.16 -5.11
CA LEU A 51 1.96 -1.25 -6.49
C LEU A 51 0.50 -1.09 -6.29
N ARG A 52 -0.22 -0.81 -7.37
CA ARG A 52 -1.66 -0.75 -7.40
C ARG A 52 -1.87 -1.75 -8.49
N CYS A 53 -2.53 -2.87 -8.19
CA CYS A 53 -2.82 -3.93 -9.11
C CYS A 53 -4.10 -4.50 -8.58
N TRP A 54 -5.20 -3.73 -8.74
CA TRP A 54 -6.50 -4.11 -8.25
C TRP A 54 -7.09 -5.23 -9.08
N GLU A 55 -7.26 -6.44 -8.53
CA GLU A 55 -7.74 -7.57 -9.29
C GLU A 55 -9.22 -7.42 -9.61
N SER A 56 -10.11 -7.72 -8.63
CA SER A 56 -11.51 -7.62 -8.88
C SER A 56 -12.18 -7.20 -7.62
N GLY A 57 -12.20 -5.89 -7.31
CA GLY A 57 -12.84 -5.37 -6.12
C GLY A 57 -12.12 -5.91 -4.92
N ASP A 58 -10.79 -5.77 -4.93
CA ASP A 58 -9.97 -6.26 -3.85
C ASP A 58 -9.96 -5.21 -2.80
N ASP A 59 -9.27 -5.54 -1.70
CA ASP A 59 -9.08 -4.70 -0.54
C ASP A 59 -7.79 -4.03 -0.87
N PRO A 60 -7.48 -2.82 -0.45
CA PRO A 60 -6.21 -2.18 -0.78
C PRO A 60 -5.15 -2.71 0.12
N TRP A 61 -5.56 -3.53 1.08
CA TRP A 61 -4.79 -4.02 2.14
C TRP A 61 -4.11 -5.33 1.98
N VAL A 62 -4.76 -6.30 1.34
CA VAL A 62 -4.21 -7.58 1.06
C VAL A 62 -3.23 -7.28 -0.05
N GLU A 63 -3.64 -6.33 -0.92
CA GLU A 63 -2.92 -5.77 -2.03
C GLU A 63 -1.71 -5.15 -1.42
N HIS A 64 -1.91 -4.23 -0.45
CA HIS A 64 -0.80 -3.61 0.25
C HIS A 64 -0.59 -4.46 1.48
N ALA A 65 -0.22 -5.70 1.21
CA ALA A 65 0.36 -6.59 2.18
C ALA A 65 0.98 -7.73 1.41
N LYS A 66 0.85 -7.76 0.06
CA LYS A 66 1.41 -8.80 -0.76
C LYS A 66 2.88 -8.66 -1.08
N TRP A 67 3.29 -7.43 -1.40
CA TRP A 67 4.62 -7.14 -1.92
C TRP A 67 5.37 -6.12 -1.14
N PHE A 68 4.87 -5.60 0.01
CA PHE A 68 5.58 -4.55 0.68
C PHE A 68 6.76 -5.17 1.45
N PRO A 69 7.94 -4.59 1.58
CA PRO A 69 9.00 -5.17 2.37
C PRO A 69 8.64 -5.09 3.84
N ARG A 70 8.48 -3.87 4.37
CA ARG A 70 8.14 -3.55 5.72
C ARG A 70 7.44 -2.26 5.45
N CYS A 71 6.45 -1.88 6.27
CA CYS A 71 5.79 -0.61 6.11
C CYS A 71 5.65 -0.25 7.54
N GLU A 72 6.53 0.60 8.04
CA GLU A 72 6.57 1.07 9.41
C GLU A 72 5.48 2.05 9.68
N PHE A 73 4.87 2.57 8.60
CA PHE A 73 3.65 3.35 8.63
C PHE A 73 2.66 2.38 9.03
N LEU A 74 2.51 1.31 8.27
CA LEU A 74 1.45 0.39 8.50
C LEU A 74 1.69 -0.64 9.55
N ILE A 75 2.86 -0.64 10.20
CA ILE A 75 3.21 -1.67 11.12
C ILE A 75 2.56 -1.40 12.47
N ARG A 76 1.46 -0.60 12.47
CA ARG A 76 0.83 -0.19 13.71
C ARG A 76 -0.06 -1.26 14.20
N MET A 77 -1.26 -1.33 13.61
CA MET A 77 -2.20 -2.34 14.04
C MET A 77 -2.16 -3.40 12.99
N LYS A 78 -1.76 -3.05 11.76
CA LYS A 78 -1.75 -4.02 10.72
C LYS A 78 -0.56 -4.93 10.89
N GLY A 79 0.59 -4.37 11.19
CA GLY A 79 1.80 -5.15 11.14
C GLY A 79 1.99 -6.17 12.21
N GLN A 80 1.12 -6.15 13.22
CA GLN A 80 1.20 -7.09 14.30
C GLN A 80 -0.08 -7.85 14.33
N GLU A 81 -0.94 -7.69 13.31
CA GLU A 81 -2.18 -8.43 13.33
C GLU A 81 -2.48 -8.86 11.96
N PHE A 82 -2.56 -7.91 11.01
CA PHE A 82 -2.77 -8.17 9.62
C PHE A 82 -1.90 -9.21 9.11
N VAL A 83 -0.61 -8.87 9.03
CA VAL A 83 0.43 -9.58 8.40
C VAL A 83 0.68 -10.84 9.09
N ASP A 84 0.39 -10.88 10.39
CA ASP A 84 0.49 -12.04 11.25
C ASP A 84 -0.45 -13.08 10.74
N GLU A 85 -1.48 -12.57 10.11
CA GLU A 85 -2.52 -13.36 9.49
C GLU A 85 -2.20 -13.57 8.06
N ILE A 86 -1.90 -12.51 7.33
CA ILE A 86 -1.59 -12.52 5.92
C ILE A 86 -0.38 -13.38 5.62
N GLN A 87 0.60 -13.45 6.54
CA GLN A 87 1.80 -14.22 6.38
C GLN A 87 1.46 -15.66 6.60
N GLY A 88 0.32 -15.91 7.29
CA GLY A 88 -0.11 -17.27 7.53
C GLY A 88 -0.54 -17.89 6.25
N ARG A 89 -1.05 -17.01 5.38
CA ARG A 89 -1.55 -17.30 4.08
C ARG A 89 -0.43 -17.37 3.11
N TYR A 90 0.50 -16.43 3.26
CA TYR A 90 1.62 -16.16 2.38
C TYR A 90 2.96 -16.67 2.84
N PRO A 91 3.34 -17.93 2.78
CA PRO A 91 4.67 -18.38 3.21
C PRO A 91 5.74 -17.96 2.21
N HIS A 92 5.41 -17.26 1.12
CA HIS A 92 6.38 -16.83 0.15
C HIS A 92 6.34 -15.34 0.21
N LEU A 93 6.17 -14.78 1.42
CA LEU A 93 6.13 -13.34 1.60
C LEU A 93 7.53 -12.77 1.52
N LEU A 94 8.54 -13.66 1.68
CA LEU A 94 9.94 -13.34 1.65
C LEU A 94 10.43 -13.27 0.22
N GLU A 95 10.06 -14.30 -0.58
CA GLU A 95 10.45 -14.48 -1.95
C GLU A 95 9.58 -13.57 -2.77
N GLN A 96 10.03 -12.32 -2.98
CA GLN A 96 9.30 -11.33 -3.71
C GLN A 96 10.41 -10.54 -4.34
N LEU A 97 10.32 -9.20 -4.42
CA LEU A 97 11.36 -8.40 -5.01
C LEU A 97 12.45 -8.17 -3.98
N LEU A 98 13.72 -8.33 -4.40
CA LEU A 98 14.87 -8.16 -3.55
C LEU A 98 15.44 -6.78 -3.80
N SER A 99 15.29 -6.31 -5.05
CA SER A 99 15.75 -5.02 -5.48
C SER A 99 14.73 -4.02 -4.97
N THR A 100 15.17 -2.94 -4.30
CA THR A 100 14.29 -1.96 -3.76
C THR A 100 15.24 -0.80 -3.74
N SER A 101 14.76 0.44 -3.88
CA SER A 101 15.56 1.63 -3.89
C SER A 101 14.98 2.42 -2.72
ZN ZN B . 3.01 1.10 3.08
N GLY A 1 -7.76 25.36 10.29
CA GLY A 1 -7.65 26.21 9.08
C GLY A 1 -6.30 25.87 8.55
N SER A 2 -6.11 25.97 7.23
CA SER A 2 -4.91 25.66 6.49
C SER A 2 -4.69 24.17 6.45
N HIS A 3 -4.68 23.58 5.25
CA HIS A 3 -4.53 22.15 5.09
C HIS A 3 -3.54 21.98 3.98
N MET A 4 -2.53 21.12 4.16
CA MET A 4 -1.53 20.86 3.16
C MET A 4 -0.89 19.64 3.76
N GLN A 5 0.26 19.20 3.21
CA GLN A 5 1.05 18.14 3.72
C GLN A 5 2.34 18.73 3.24
N THR A 6 2.83 18.26 2.10
CA THR A 6 3.98 18.81 1.45
C THR A 6 3.42 18.93 0.05
N HIS A 7 4.07 19.80 -0.75
CA HIS A 7 3.94 20.27 -2.12
C HIS A 7 2.70 20.07 -2.99
N ALA A 8 1.76 19.15 -2.69
CA ALA A 8 0.55 18.84 -3.45
C ALA A 8 0.32 17.41 -3.25
N ALA A 9 1.36 16.67 -2.86
CA ALA A 9 1.40 15.25 -2.59
C ALA A 9 0.13 14.68 -2.09
N ARG A 10 -0.39 15.16 -0.95
CA ARG A 10 -1.63 14.79 -0.33
C ARG A 10 -2.75 14.67 -1.32
N MET A 11 -2.80 15.56 -2.33
CA MET A 11 -3.86 15.48 -3.31
C MET A 11 -3.36 14.85 -4.57
N ARG A 12 -2.04 14.71 -4.73
CA ARG A 12 -1.44 14.14 -5.90
C ARG A 12 -1.72 12.66 -5.99
N THR A 13 -2.17 12.02 -4.90
CA THR A 13 -2.38 10.60 -4.84
C THR A 13 -3.86 10.38 -4.67
N PHE A 14 -4.61 11.46 -4.41
CA PHE A 14 -6.02 11.44 -4.13
C PHE A 14 -6.77 11.45 -5.45
N MET A 15 -5.99 11.49 -6.54
CA MET A 15 -6.35 11.50 -7.92
C MET A 15 -7.00 10.19 -8.29
N TYR A 16 -6.41 9.42 -9.21
CA TYR A 16 -7.05 8.26 -9.74
C TYR A 16 -6.24 7.47 -10.73
N TRP A 17 -6.60 6.19 -10.77
CA TRP A 17 -5.98 5.12 -11.48
C TRP A 17 -6.60 4.58 -12.78
N PRO A 18 -7.93 4.39 -12.86
CA PRO A 18 -8.63 4.12 -14.10
C PRO A 18 -9.14 5.47 -14.61
N SER A 19 -10.20 6.03 -13.97
CA SER A 19 -10.84 7.30 -14.24
C SER A 19 -11.27 8.00 -12.94
N SER A 20 -11.29 7.29 -11.78
CA SER A 20 -11.76 7.73 -10.49
C SER A 20 -11.52 6.44 -9.75
N VAL A 21 -11.41 6.38 -8.40
CA VAL A 21 -11.23 5.17 -7.67
C VAL A 21 -12.59 4.56 -7.38
N PRO A 22 -13.00 3.47 -8.04
CA PRO A 22 -14.30 2.84 -7.83
C PRO A 22 -14.18 1.81 -6.75
N VAL A 23 -13.10 1.83 -5.94
CA VAL A 23 -12.92 0.80 -4.94
C VAL A 23 -13.80 1.05 -3.73
N GLN A 24 -13.20 1.17 -2.54
CA GLN A 24 -13.89 1.45 -1.31
C GLN A 24 -12.79 2.37 -0.96
N PRO A 25 -12.79 3.61 -1.43
CA PRO A 25 -11.60 4.45 -1.38
C PRO A 25 -11.29 4.97 0.00
N GLU A 26 -12.15 4.69 0.98
CA GLU A 26 -12.03 5.09 2.34
C GLU A 26 -10.94 4.29 3.02
N GLN A 27 -10.94 2.96 2.79
CA GLN A 27 -9.99 2.04 3.38
C GLN A 27 -8.59 2.27 2.89
N LEU A 28 -8.49 2.80 1.66
CA LEU A 28 -7.27 3.12 0.96
C LEU A 28 -6.44 4.06 1.79
N ALA A 29 -7.10 5.05 2.39
CA ALA A 29 -6.51 6.10 3.21
C ALA A 29 -5.92 5.58 4.51
N SER A 30 -6.18 4.30 4.81
CA SER A 30 -5.66 3.60 5.95
C SER A 30 -4.62 2.64 5.42
N ALA A 31 -4.77 2.16 4.17
CA ALA A 31 -3.83 1.23 3.58
C ALA A 31 -2.56 1.91 3.05
N GLY A 32 -2.63 3.19 2.62
CA GLY A 32 -1.51 4.03 2.17
C GLY A 32 -1.62 4.31 0.71
N PHE A 33 -2.85 4.43 0.22
CA PHE A 33 -3.21 4.59 -1.16
C PHE A 33 -4.21 5.64 -1.04
N TYR A 34 -4.48 6.37 -2.13
CA TYR A 34 -5.42 7.46 -2.25
C TYR A 34 -4.98 8.48 -1.25
N TYR A 35 -4.50 9.65 -1.66
CA TYR A 35 -3.99 10.69 -0.80
C TYR A 35 -2.71 10.34 -0.07
N VAL A 36 -2.61 9.07 0.37
CA VAL A 36 -1.58 8.57 1.24
C VAL A 36 -0.48 7.82 0.54
N GLY A 37 -0.65 7.48 -0.73
CA GLY A 37 0.46 6.92 -1.49
C GLY A 37 1.10 8.03 -2.28
N ARG A 38 1.51 7.76 -3.54
CA ARG A 38 2.09 8.78 -4.38
C ARG A 38 1.44 8.54 -5.70
N ASN A 39 1.40 9.60 -6.52
CA ASN A 39 0.85 9.76 -7.86
C ASN A 39 -0.27 8.86 -8.31
N ASP A 40 0.10 7.84 -9.10
CA ASP A 40 -0.78 6.91 -9.77
C ASP A 40 -0.51 5.60 -9.09
N ASP A 41 0.78 5.23 -9.17
CA ASP A 41 1.44 4.07 -8.63
C ASP A 41 1.51 4.19 -7.13
N VAL A 42 0.36 4.25 -6.42
CA VAL A 42 0.31 4.36 -4.99
C VAL A 42 1.03 3.21 -4.33
N LYS A 43 2.23 3.53 -3.84
CA LYS A 43 3.06 2.60 -3.15
C LYS A 43 2.63 2.73 -1.72
N CYS A 44 2.98 3.89 -1.13
CA CYS A 44 2.72 4.28 0.20
C CYS A 44 3.58 5.50 0.30
N PHE A 45 3.82 5.91 1.54
CA PHE A 45 4.66 6.99 1.93
C PHE A 45 5.82 6.36 2.61
N CYS A 46 5.55 5.54 3.65
CA CYS A 46 6.58 4.97 4.45
C CYS A 46 7.25 3.88 3.70
N CYS A 47 6.44 2.91 3.29
CA CYS A 47 6.97 1.77 2.62
C CYS A 47 7.22 2.08 1.16
N ASP A 48 8.51 2.19 0.78
CA ASP A 48 8.88 2.53 -0.57
C ASP A 48 8.69 1.34 -1.48
N GLY A 49 8.55 0.17 -0.84
CA GLY A 49 8.57 -1.15 -1.40
C GLY A 49 7.66 -1.41 -2.54
N GLY A 50 6.43 -0.88 -2.44
CA GLY A 50 5.37 -1.12 -3.37
C GLY A 50 5.57 -0.50 -4.72
N LEU A 51 4.87 -1.04 -5.74
CA LEU A 51 5.04 -0.58 -7.10
C LEU A 51 3.92 -1.10 -7.96
N ARG A 52 2.75 -1.52 -7.42
CA ARG A 52 1.71 -2.05 -8.25
C ARG A 52 0.45 -1.58 -7.62
N CYS A 53 -0.63 -1.48 -8.42
CA CYS A 53 -1.91 -1.01 -7.97
C CYS A 53 -2.88 -2.14 -7.69
N TRP A 54 -3.81 -2.52 -8.61
CA TRP A 54 -4.80 -3.54 -8.30
C TRP A 54 -5.13 -4.46 -9.45
N GLU A 55 -5.64 -5.66 -9.11
CA GLU A 55 -6.03 -6.65 -10.08
C GLU A 55 -7.50 -6.50 -10.44
N SER A 56 -8.42 -7.09 -9.64
CA SER A 56 -9.82 -7.07 -10.01
C SER A 56 -10.69 -7.00 -8.78
N GLY A 57 -10.77 -5.80 -8.16
CA GLY A 57 -11.69 -5.56 -7.06
C GLY A 57 -11.11 -6.17 -5.82
N ASP A 58 -9.81 -5.94 -5.64
CA ASP A 58 -9.00 -6.43 -4.57
C ASP A 58 -9.19 -5.50 -3.41
N ASP A 59 -8.39 -5.69 -2.34
CA ASP A 59 -8.40 -4.86 -1.14
C ASP A 59 -7.15 -4.07 -1.34
N PRO A 60 -6.93 -2.87 -0.82
CA PRO A 60 -5.67 -2.18 -1.07
C PRO A 60 -4.65 -2.72 -0.13
N TRP A 61 -5.12 -3.47 0.85
CA TRP A 61 -4.42 -3.97 1.97
C TRP A 61 -3.75 -5.27 1.78
N VAL A 62 -4.37 -6.22 1.11
CA VAL A 62 -3.81 -7.51 0.89
C VAL A 62 -2.64 -7.29 -0.05
N GLU A 63 -2.76 -6.38 -1.05
CA GLU A 63 -1.66 -6.11 -1.95
C GLU A 63 -0.69 -5.26 -1.17
N HIS A 64 -1.19 -4.36 -0.29
CA HIS A 64 -0.31 -3.60 0.57
C HIS A 64 -0.17 -4.45 1.83
N ALA A 65 0.26 -5.68 1.60
CA ALA A 65 0.75 -6.57 2.61
C ALA A 65 1.61 -7.63 1.96
N LYS A 66 1.64 -7.70 0.61
CA LYS A 66 2.43 -8.60 -0.17
C LYS A 66 3.87 -8.20 -0.37
N TRP A 67 4.06 -7.07 -1.06
CA TRP A 67 5.34 -6.63 -1.55
C TRP A 67 5.96 -5.53 -0.76
N PHE A 68 5.45 -5.17 0.43
CA PHE A 68 6.04 -4.12 1.17
C PHE A 68 7.21 -4.69 1.97
N PRO A 69 8.38 -4.08 2.15
CA PRO A 69 9.45 -4.66 2.94
C PRO A 69 9.06 -4.65 4.39
N ARG A 70 8.78 -3.47 4.94
CA ARG A 70 8.39 -3.18 6.28
C ARG A 70 7.60 -1.96 5.96
N CYS A 71 6.51 -1.68 6.67
CA CYS A 71 5.77 -0.48 6.48
C CYS A 71 5.64 -0.09 7.88
N GLU A 72 6.44 0.88 8.32
CA GLU A 72 6.49 1.42 9.64
C GLU A 72 5.31 2.29 9.88
N PHE A 73 4.71 2.80 8.78
CA PHE A 73 3.45 3.51 8.84
C PHE A 73 2.48 2.52 9.28
N LEU A 74 2.38 1.44 8.53
CA LEU A 74 1.34 0.47 8.74
C LEU A 74 1.63 -0.56 9.75
N ILE A 75 2.78 -0.50 10.42
CA ILE A 75 3.22 -1.50 11.36
C ILE A 75 2.45 -1.40 12.66
N ARG A 76 1.35 -0.63 12.64
CA ARG A 76 0.62 -0.28 13.84
C ARG A 76 -0.29 -1.37 14.26
N MET A 77 -1.43 -1.48 13.55
CA MET A 77 -2.38 -2.52 13.89
C MET A 77 -2.25 -3.51 12.80
N LYS A 78 -1.76 -3.09 11.63
CA LYS A 78 -1.65 -3.99 10.56
C LYS A 78 -0.42 -4.82 10.70
N GLY A 79 0.72 -4.23 10.93
CA GLY A 79 1.94 -4.99 10.73
C GLY A 79 2.27 -5.98 11.81
N GLN A 80 1.43 -6.04 12.86
CA GLN A 80 1.52 -6.96 13.95
C GLN A 80 0.26 -7.77 14.02
N GLU A 81 -0.68 -7.59 13.06
CA GLU A 81 -1.90 -8.37 13.13
C GLU A 81 -2.27 -8.81 11.77
N PHE A 82 -2.22 -7.90 10.78
CA PHE A 82 -2.46 -8.13 9.38
C PHE A 82 -1.65 -9.24 8.91
N VAL A 83 -0.33 -8.99 8.79
CA VAL A 83 0.67 -9.81 8.19
C VAL A 83 0.85 -11.04 8.96
N ASP A 84 0.58 -10.96 10.26
CA ASP A 84 0.63 -12.06 11.19
C ASP A 84 -0.37 -13.10 10.76
N GLU A 85 -1.39 -12.57 10.10
CA GLU A 85 -2.47 -13.30 9.53
C GLU A 85 -2.18 -13.57 8.09
N ILE A 86 -1.90 -12.54 7.27
CA ILE A 86 -1.62 -12.61 5.85
C ILE A 86 -0.50 -13.58 5.58
N GLN A 87 0.54 -13.61 6.40
CA GLN A 87 1.65 -14.52 6.20
C GLN A 87 1.25 -15.90 6.57
N GLY A 88 0.21 -16.01 7.42
CA GLY A 88 -0.21 -17.30 7.91
C GLY A 88 -0.92 -18.04 6.84
N ARG A 89 -1.48 -17.28 5.90
CA ARG A 89 -2.23 -17.76 4.79
C ARG A 89 -1.37 -17.91 3.57
N TYR A 90 -0.25 -17.17 3.55
CA TYR A 90 0.61 -17.05 2.40
C TYR A 90 1.96 -17.68 2.70
N PRO A 91 2.16 -18.99 2.61
CA PRO A 91 3.44 -19.62 2.88
C PRO A 91 4.40 -19.50 1.73
N HIS A 92 4.15 -18.61 0.76
CA HIS A 92 5.03 -18.40 -0.37
C HIS A 92 4.98 -16.91 -0.48
N LEU A 93 5.06 -16.22 0.68
CA LEU A 93 4.99 -14.77 0.74
C LEU A 93 6.13 -14.09 0.03
N LEU A 94 7.33 -14.26 0.58
CA LEU A 94 8.58 -13.71 0.13
C LEU A 94 9.53 -14.83 0.35
N GLU A 95 10.77 -14.68 -0.15
CA GLU A 95 11.86 -15.60 -0.01
C GLU A 95 12.45 -15.30 1.35
N GLN A 96 13.35 -14.29 1.48
CA GLN A 96 13.92 -13.96 2.76
C GLN A 96 13.25 -12.71 3.28
N LEU A 97 12.62 -12.81 4.45
CA LEU A 97 11.98 -11.70 5.13
C LEU A 97 12.63 -11.84 6.48
N LEU A 98 12.47 -10.83 7.35
CA LEU A 98 13.09 -10.81 8.66
C LEU A 98 12.25 -11.62 9.61
N SER A 99 11.18 -11.02 10.17
CA SER A 99 10.30 -11.60 11.16
C SER A 99 11.09 -11.74 12.44
N THR A 100 11.00 -12.89 13.13
CA THR A 100 11.75 -13.13 14.31
C THR A 100 11.90 -14.62 14.22
N SER A 101 12.97 -15.16 14.83
CA SER A 101 13.30 -16.55 14.84
C SER A 101 13.31 -16.83 16.34
ZN ZN B . 3.02 1.15 3.43
#